data_3NG2
# 
_entry.id   3NG2 
# 
_audit_conform.dict_name       mmcif_pdbx.dic 
_audit_conform.dict_version    5.388 
_audit_conform.dict_location   http://mmcif.pdb.org/dictionaries/ascii/mmcif_pdbx.dic 
# 
loop_
_database_2.database_id 
_database_2.database_code 
_database_2.pdbx_database_accession 
_database_2.pdbx_DOI 
PDB   3NG2         pdb_00003ng2 10.2210/pdb3ng2/pdb 
RCSB  RCSB059783   ?            ?                   
WWPDB D_1000059783 ?            ?                   
# 
loop_
_pdbx_audit_revision_history.ordinal 
_pdbx_audit_revision_history.data_content_type 
_pdbx_audit_revision_history.major_revision 
_pdbx_audit_revision_history.minor_revision 
_pdbx_audit_revision_history.revision_date 
1 'Structure model' 1 0 2010-10-06 
2 'Structure model' 1 1 2011-07-13 
3 'Structure model' 1 2 2024-03-20 
# 
_pdbx_audit_revision_details.ordinal             1 
_pdbx_audit_revision_details.revision_ordinal    1 
_pdbx_audit_revision_details.data_content_type   'Structure model' 
_pdbx_audit_revision_details.provider            repository 
_pdbx_audit_revision_details.type                'Initial release' 
_pdbx_audit_revision_details.description         ? 
_pdbx_audit_revision_details.details             ? 
# 
loop_
_pdbx_audit_revision_group.ordinal 
_pdbx_audit_revision_group.revision_ordinal 
_pdbx_audit_revision_group.data_content_type 
_pdbx_audit_revision_group.group 
1 2 'Structure model' 'Version format compliance' 
2 3 'Structure model' 'Data collection'           
3 3 'Structure model' 'Database references'       
4 3 'Structure model' 'Derived calculations'      
5 3 'Structure model' 'Refinement description'    
# 
loop_
_pdbx_audit_revision_category.ordinal 
_pdbx_audit_revision_category.revision_ordinal 
_pdbx_audit_revision_category.data_content_type 
_pdbx_audit_revision_category.category 
1 3 'Structure model' chem_comp_atom         
2 3 'Structure model' chem_comp_bond         
3 3 'Structure model' database_2             
4 3 'Structure model' pdbx_struct_conn_angle 
5 3 'Structure model' struct_conn            
6 3 'Structure model' struct_ncs_dom_lim     
7 3 'Structure model' struct_site            
# 
loop_
_pdbx_audit_revision_item.ordinal 
_pdbx_audit_revision_item.revision_ordinal 
_pdbx_audit_revision_item.data_content_type 
_pdbx_audit_revision_item.item 
1  3 'Structure model' '_database_2.pdbx_DOI'                        
2  3 'Structure model' '_database_2.pdbx_database_accession'         
3  3 'Structure model' '_pdbx_struct_conn_angle.ptnr1_auth_asym_id'  
4  3 'Structure model' '_pdbx_struct_conn_angle.ptnr1_auth_comp_id'  
5  3 'Structure model' '_pdbx_struct_conn_angle.ptnr1_auth_seq_id'   
6  3 'Structure model' '_pdbx_struct_conn_angle.ptnr1_label_asym_id' 
7  3 'Structure model' '_pdbx_struct_conn_angle.ptnr1_label_atom_id' 
8  3 'Structure model' '_pdbx_struct_conn_angle.ptnr1_label_comp_id' 
9  3 'Structure model' '_pdbx_struct_conn_angle.ptnr1_label_seq_id'  
10 3 'Structure model' '_pdbx_struct_conn_angle.ptnr2_auth_asym_id'  
11 3 'Structure model' '_pdbx_struct_conn_angle.ptnr2_auth_seq_id'   
12 3 'Structure model' '_pdbx_struct_conn_angle.ptnr2_label_asym_id' 
13 3 'Structure model' '_pdbx_struct_conn_angle.ptnr3_auth_asym_id'  
14 3 'Structure model' '_pdbx_struct_conn_angle.ptnr3_auth_comp_id'  
15 3 'Structure model' '_pdbx_struct_conn_angle.ptnr3_auth_seq_id'   
16 3 'Structure model' '_pdbx_struct_conn_angle.ptnr3_label_asym_id' 
17 3 'Structure model' '_pdbx_struct_conn_angle.ptnr3_label_atom_id' 
18 3 'Structure model' '_pdbx_struct_conn_angle.ptnr3_label_comp_id' 
19 3 'Structure model' '_pdbx_struct_conn_angle.ptnr3_label_seq_id'  
20 3 'Structure model' '_pdbx_struct_conn_angle.value'               
21 3 'Structure model' '_struct_conn.pdbx_dist_value'                
22 3 'Structure model' '_struct_conn.ptnr1_auth_asym_id'             
23 3 'Structure model' '_struct_conn.ptnr1_auth_comp_id'             
24 3 'Structure model' '_struct_conn.ptnr1_auth_seq_id'              
25 3 'Structure model' '_struct_conn.ptnr1_label_asym_id'            
26 3 'Structure model' '_struct_conn.ptnr1_label_atom_id'            
27 3 'Structure model' '_struct_conn.ptnr1_label_comp_id'            
28 3 'Structure model' '_struct_conn.ptnr1_label_seq_id'             
29 3 'Structure model' '_struct_conn.ptnr2_auth_asym_id'             
30 3 'Structure model' '_struct_conn.ptnr2_auth_seq_id'              
31 3 'Structure model' '_struct_conn.ptnr2_label_asym_id'            
32 3 'Structure model' '_struct_ncs_dom_lim.beg_auth_comp_id'        
33 3 'Structure model' '_struct_ncs_dom_lim.beg_label_asym_id'       
34 3 'Structure model' '_struct_ncs_dom_lim.beg_label_comp_id'       
35 3 'Structure model' '_struct_ncs_dom_lim.beg_label_seq_id'        
36 3 'Structure model' '_struct_ncs_dom_lim.end_auth_comp_id'        
37 3 'Structure model' '_struct_ncs_dom_lim.end_label_asym_id'       
38 3 'Structure model' '_struct_ncs_dom_lim.end_label_comp_id'       
39 3 'Structure model' '_struct_ncs_dom_lim.end_label_seq_id'        
40 3 'Structure model' '_struct_site.pdbx_auth_asym_id'              
41 3 'Structure model' '_struct_site.pdbx_auth_comp_id'              
42 3 'Structure model' '_struct_site.pdbx_auth_seq_id'               
# 
_pdbx_database_status.status_code                     REL 
_pdbx_database_status.entry_id                        3NG2 
_pdbx_database_status.recvd_initial_deposition_date   2010-06-10 
_pdbx_database_status.deposit_site                    RCSB 
_pdbx_database_status.process_site                    PDBJ 
_pdbx_database_status.status_code_sf                  REL 
_pdbx_database_status.status_code_mr                  ? 
_pdbx_database_status.SG_entry                        ? 
_pdbx_database_status.status_code_cs                  ? 
_pdbx_database_status.pdb_format_compatible           Y 
_pdbx_database_status.status_code_nmr_data            ? 
_pdbx_database_status.methods_development_category    ? 
# 
loop_
_audit_author.name 
_audit_author.pdbx_ordinal 
'Liew, C.W.' 1 
'Day, C.L.'  2 
# 
_citation.id                        primary 
_citation.title                     'RING domain dimerization is essential for RNF4 function' 
_citation.journal_abbrev            Biochem.J. 
_citation.journal_volume            431 
_citation.page_first                23 
_citation.page_last                 29 
_citation.year                      2010 
_citation.journal_id_ASTM           BIJOAK 
_citation.country                   UK 
_citation.journal_id_ISSN           0264-6021 
_citation.journal_id_CSD            0043 
_citation.book_publisher            ? 
_citation.pdbx_database_id_PubMed   20681948 
_citation.pdbx_database_id_DOI      10.1042/BJ20100957 
# 
loop_
_citation_author.citation_id 
_citation_author.name 
_citation_author.ordinal 
_citation_author.identifier_ORCID 
primary 'Liew, C.W.' 1 ? 
primary 'Sun, H.'    2 ? 
primary 'Hunter, T.' 3 ? 
primary 'Day, C.L.'  4 ? 
# 
loop_
_entity.id 
_entity.type 
_entity.src_method 
_entity.pdbx_description 
_entity.formula_weight 
_entity.pdbx_number_of_molecules 
_entity.pdbx_ec 
_entity.pdbx_mutation 
_entity.pdbx_fragment 
_entity.details 
1 polymer     man 'RING finger protein 4' 7885.146 2  ? ? 'RING domain' ? 
2 non-polymer syn 'ZINC ION'              65.409   4  ? ? ?             ? 
3 non-polymer syn 'SULFATE ION'           96.063   1  ? ? ?             ? 
4 water       nat water                   18.015   43 ? ? ?             ? 
# 
_entity_name_com.entity_id   1 
_entity_name_com.name        'RNF4, SNURF' 
# 
_entity_poly.entity_id                      1 
_entity_poly.type                           'polypeptide(L)' 
_entity_poly.nstd_linkage                   no 
_entity_poly.nstd_monomer                   no 
_entity_poly.pdbx_seq_one_letter_code       GTTGLRPSGTVSCPICMDGYSEIVQNGRLIVSTECGHVFCSQCLRDSLKNANTCPTCRKKINHKRYHPIYI 
_entity_poly.pdbx_seq_one_letter_code_can   GTTGLRPSGTVSCPICMDGYSEIVQNGRLIVSTECGHVFCSQCLRDSLKNANTCPTCRKKINHKRYHPIYI 
_entity_poly.pdbx_strand_id                 A,B 
_entity_poly.pdbx_target_identifier         ? 
# 
loop_
_pdbx_entity_nonpoly.entity_id 
_pdbx_entity_nonpoly.name 
_pdbx_entity_nonpoly.comp_id 
2 'ZINC ION'    ZN  
3 'SULFATE ION' SO4 
4 water         HOH 
# 
loop_
_entity_poly_seq.entity_id 
_entity_poly_seq.num 
_entity_poly_seq.mon_id 
_entity_poly_seq.hetero 
1 1  GLY n 
1 2  THR n 
1 3  THR n 
1 4  GLY n 
1 5  LEU n 
1 6  ARG n 
1 7  PRO n 
1 8  SER n 
1 9  GLY n 
1 10 THR n 
1 11 VAL n 
1 12 SER n 
1 13 CYS n 
1 14 PRO n 
1 15 ILE n 
1 16 CYS n 
1 17 MET n 
1 18 ASP n 
1 19 GLY n 
1 20 TYR n 
1 21 SER n 
1 22 GLU n 
1 23 ILE n 
1 24 VAL n 
1 25 GLN n 
1 26 ASN n 
1 27 GLY n 
1 28 ARG n 
1 29 LEU n 
1 30 ILE n 
1 31 VAL n 
1 32 SER n 
1 33 THR n 
1 34 GLU n 
1 35 CYS n 
1 36 GLY n 
1 37 HIS n 
1 38 VAL n 
1 39 PHE n 
1 40 CYS n 
1 41 SER n 
1 42 GLN n 
1 43 CYS n 
1 44 LEU n 
1 45 ARG n 
1 46 ASP n 
1 47 SER n 
1 48 LEU n 
1 49 LYS n 
1 50 ASN n 
1 51 ALA n 
1 52 ASN n 
1 53 THR n 
1 54 CYS n 
1 55 PRO n 
1 56 THR n 
1 57 CYS n 
1 58 ARG n 
1 59 LYS n 
1 60 LYS n 
1 61 ILE n 
1 62 ASN n 
1 63 HIS n 
1 64 LYS n 
1 65 ARG n 
1 66 TYR n 
1 67 HIS n 
1 68 PRO n 
1 69 ILE n 
1 70 TYR n 
1 71 ILE n 
# 
_entity_src_gen.entity_id                          1 
_entity_src_gen.pdbx_src_id                        1 
_entity_src_gen.pdbx_alt_source_flag               sample 
_entity_src_gen.pdbx_seq_type                      ? 
_entity_src_gen.pdbx_beg_seq_num                   ? 
_entity_src_gen.pdbx_end_seq_num                   ? 
_entity_src_gen.gene_src_common_name               rat 
_entity_src_gen.gene_src_genus                     ? 
_entity_src_gen.pdbx_gene_src_gene                 Rnf4 
_entity_src_gen.gene_src_species                   ? 
_entity_src_gen.gene_src_strain                    ? 
_entity_src_gen.gene_src_tissue                    ? 
_entity_src_gen.gene_src_tissue_fraction           ? 
_entity_src_gen.gene_src_details                   ? 
_entity_src_gen.pdbx_gene_src_fragment             ? 
_entity_src_gen.pdbx_gene_src_scientific_name      'Rattus norvegicus' 
_entity_src_gen.pdbx_gene_src_ncbi_taxonomy_id     10116 
_entity_src_gen.pdbx_gene_src_variant              ? 
_entity_src_gen.pdbx_gene_src_cell_line            ? 
_entity_src_gen.pdbx_gene_src_atcc                 ? 
_entity_src_gen.pdbx_gene_src_organ                ? 
_entity_src_gen.pdbx_gene_src_organelle            ? 
_entity_src_gen.pdbx_gene_src_cell                 ? 
_entity_src_gen.pdbx_gene_src_cellular_location    ? 
_entity_src_gen.host_org_common_name               ? 
_entity_src_gen.pdbx_host_org_scientific_name      'Escherichia coli' 
_entity_src_gen.pdbx_host_org_ncbi_taxonomy_id     562 
_entity_src_gen.host_org_genus                     ? 
_entity_src_gen.pdbx_host_org_gene                 ? 
_entity_src_gen.pdbx_host_org_organ                ? 
_entity_src_gen.host_org_species                   ? 
_entity_src_gen.pdbx_host_org_tissue               ? 
_entity_src_gen.pdbx_host_org_tissue_fraction      ? 
_entity_src_gen.pdbx_host_org_strain               'BL21 (DE3)' 
_entity_src_gen.pdbx_host_org_variant              ? 
_entity_src_gen.pdbx_host_org_cell_line            ? 
_entity_src_gen.pdbx_host_org_atcc                 ? 
_entity_src_gen.pdbx_host_org_culture_collection   ? 
_entity_src_gen.pdbx_host_org_cell                 ? 
_entity_src_gen.pdbx_host_org_organelle            ? 
_entity_src_gen.pdbx_host_org_cellular_location    ? 
_entity_src_gen.pdbx_host_org_vector_type          PLASMID 
_entity_src_gen.pdbx_host_org_vector               ? 
_entity_src_gen.host_org_details                   ? 
_entity_src_gen.expression_system_id               ? 
_entity_src_gen.plasmid_name                       pGEX6p3 
_entity_src_gen.plasmid_details                    ? 
_entity_src_gen.pdbx_description                   ? 
# 
loop_
_chem_comp.id 
_chem_comp.type 
_chem_comp.mon_nstd_flag 
_chem_comp.name 
_chem_comp.pdbx_synonyms 
_chem_comp.formula 
_chem_comp.formula_weight 
ALA 'L-peptide linking' y ALANINE         ? 'C3 H7 N O2'     89.093  
ARG 'L-peptide linking' y ARGININE        ? 'C6 H15 N4 O2 1' 175.209 
ASN 'L-peptide linking' y ASPARAGINE      ? 'C4 H8 N2 O3'    132.118 
ASP 'L-peptide linking' y 'ASPARTIC ACID' ? 'C4 H7 N O4'     133.103 
CYS 'L-peptide linking' y CYSTEINE        ? 'C3 H7 N O2 S'   121.158 
GLN 'L-peptide linking' y GLUTAMINE       ? 'C5 H10 N2 O3'   146.144 
GLU 'L-peptide linking' y 'GLUTAMIC ACID' ? 'C5 H9 N O4'     147.129 
GLY 'peptide linking'   y GLYCINE         ? 'C2 H5 N O2'     75.067  
HIS 'L-peptide linking' y HISTIDINE       ? 'C6 H10 N3 O2 1' 156.162 
HOH non-polymer         . WATER           ? 'H2 O'           18.015  
ILE 'L-peptide linking' y ISOLEUCINE      ? 'C6 H13 N O2'    131.173 
LEU 'L-peptide linking' y LEUCINE         ? 'C6 H13 N O2'    131.173 
LYS 'L-peptide linking' y LYSINE          ? 'C6 H15 N2 O2 1' 147.195 
MET 'L-peptide linking' y METHIONINE      ? 'C5 H11 N O2 S'  149.211 
PHE 'L-peptide linking' y PHENYLALANINE   ? 'C9 H11 N O2'    165.189 
PRO 'L-peptide linking' y PROLINE         ? 'C5 H9 N O2'     115.130 
SER 'L-peptide linking' y SERINE          ? 'C3 H7 N O3'     105.093 
SO4 non-polymer         . 'SULFATE ION'   ? 'O4 S -2'        96.063  
THR 'L-peptide linking' y THREONINE       ? 'C4 H9 N O3'     119.119 
TYR 'L-peptide linking' y TYROSINE        ? 'C9 H11 N O3'    181.189 
VAL 'L-peptide linking' y VALINE          ? 'C5 H11 N O2'    117.146 
ZN  non-polymer         . 'ZINC ION'      ? 'Zn 2'           65.409  
# 
loop_
_pdbx_poly_seq_scheme.asym_id 
_pdbx_poly_seq_scheme.entity_id 
_pdbx_poly_seq_scheme.seq_id 
_pdbx_poly_seq_scheme.mon_id 
_pdbx_poly_seq_scheme.ndb_seq_num 
_pdbx_poly_seq_scheme.pdb_seq_num 
_pdbx_poly_seq_scheme.auth_seq_num 
_pdbx_poly_seq_scheme.pdb_mon_id 
_pdbx_poly_seq_scheme.auth_mon_id 
_pdbx_poly_seq_scheme.pdb_strand_id 
_pdbx_poly_seq_scheme.pdb_ins_code 
_pdbx_poly_seq_scheme.hetero 
A 1 1  GLY 1  124 ?   ?   ?   A . n 
A 1 2  THR 2  125 ?   ?   ?   A . n 
A 1 3  THR 3  126 ?   ?   ?   A . n 
A 1 4  GLY 4  127 ?   ?   ?   A . n 
A 1 5  LEU 5  128 ?   ?   ?   A . n 
A 1 6  ARG 6  129 129 ARG ARG A . n 
A 1 7  PRO 7  130 130 PRO PRO A . n 
A 1 8  SER 8  131 131 SER SER A . n 
A 1 9  GLY 9  132 132 GLY GLY A . n 
A 1 10 THR 10 133 133 THR THR A . n 
A 1 11 VAL 11 134 134 VAL VAL A . n 
A 1 12 SER 12 135 135 SER SER A . n 
A 1 13 CYS 13 136 136 CYS CYS A . n 
A 1 14 PRO 14 137 137 PRO PRO A . n 
A 1 15 ILE 15 138 138 ILE ILE A . n 
A 1 16 CYS 16 139 139 CYS CYS A . n 
A 1 17 MET 17 140 140 MET MET A . n 
A 1 18 ASP 18 141 141 ASP ASP A . n 
A 1 19 GLY 19 142 142 GLY GLY A . n 
A 1 20 TYR 20 143 143 TYR TYR A . n 
A 1 21 SER 21 144 144 SER SER A . n 
A 1 22 GLU 22 145 145 GLU GLU A . n 
A 1 23 ILE 23 146 146 ILE ILE A . n 
A 1 24 VAL 24 147 147 VAL VAL A . n 
A 1 25 GLN 25 148 148 GLN GLN A . n 
A 1 26 ASN 26 149 149 ASN ASN A . n 
A 1 27 GLY 27 150 150 GLY GLY A . n 
A 1 28 ARG 28 151 151 ARG ARG A . n 
A 1 29 LEU 29 152 152 LEU LEU A . n 
A 1 30 ILE 30 153 153 ILE ILE A . n 
A 1 31 VAL 31 154 154 VAL VAL A . n 
A 1 32 SER 32 155 155 SER SER A . n 
A 1 33 THR 33 156 156 THR THR A . n 
A 1 34 GLU 34 157 157 GLU GLU A . n 
A 1 35 CYS 35 158 158 CYS CYS A . n 
A 1 36 GLY 36 159 159 GLY GLY A . n 
A 1 37 HIS 37 160 160 HIS HIS A . n 
A 1 38 VAL 38 161 161 VAL VAL A . n 
A 1 39 PHE 39 162 162 PHE PHE A . n 
A 1 40 CYS 40 163 163 CYS CYS A . n 
A 1 41 SER 41 164 164 SER SER A . n 
A 1 42 GLN 42 165 165 GLN GLN A . n 
A 1 43 CYS 43 166 166 CYS CYS A . n 
A 1 44 LEU 44 167 167 LEU LEU A . n 
A 1 45 ARG 45 168 168 ARG ARG A . n 
A 1 46 ASP 46 169 169 ASP ASP A . n 
A 1 47 SER 47 170 170 SER SER A . n 
A 1 48 LEU 48 171 171 LEU LEU A . n 
A 1 49 LYS 49 172 172 LYS LYS A . n 
A 1 50 ASN 50 173 173 ASN ASN A . n 
A 1 51 ALA 51 174 174 ALA ALA A . n 
A 1 52 ASN 52 175 175 ASN ASN A . n 
A 1 53 THR 53 176 176 THR THR A . n 
A 1 54 CYS 54 177 177 CYS CYS A . n 
A 1 55 PRO 55 178 178 PRO PRO A . n 
A 1 56 THR 56 179 179 THR THR A . n 
A 1 57 CYS 57 180 180 CYS CYS A . n 
A 1 58 ARG 58 181 181 ARG ARG A . n 
A 1 59 LYS 59 182 182 LYS LYS A . n 
A 1 60 LYS 60 183 183 LYS LYS A . n 
A 1 61 ILE 61 184 184 ILE ILE A . n 
A 1 62 ASN 62 185 185 ASN ASN A . n 
A 1 63 HIS 63 186 186 HIS HIS A . n 
A 1 64 LYS 64 187 187 LYS LYS A . n 
A 1 65 ARG 65 188 188 ARG ARG A . n 
A 1 66 TYR 66 189 189 TYR TYR A . n 
A 1 67 HIS 67 190 190 HIS HIS A . n 
A 1 68 PRO 68 191 191 PRO PRO A . n 
A 1 69 ILE 69 192 192 ILE ILE A . n 
A 1 70 TYR 70 193 193 TYR TYR A . n 
A 1 71 ILE 71 194 194 ILE ILE A . n 
B 1 1  GLY 1  124 ?   ?   ?   B . n 
B 1 2  THR 2  125 ?   ?   ?   B . n 
B 1 3  THR 3  126 ?   ?   ?   B . n 
B 1 4  GLY 4  127 ?   ?   ?   B . n 
B 1 5  LEU 5  128 128 LEU LEU B . n 
B 1 6  ARG 6  129 129 ARG ARG B . n 
B 1 7  PRO 7  130 130 PRO PRO B . n 
B 1 8  SER 8  131 131 SER SER B . n 
B 1 9  GLY 9  132 132 GLY GLY B . n 
B 1 10 THR 10 133 133 THR THR B . n 
B 1 11 VAL 11 134 134 VAL VAL B . n 
B 1 12 SER 12 135 135 SER SER B . n 
B 1 13 CYS 13 136 136 CYS CYS B . n 
B 1 14 PRO 14 137 137 PRO PRO B . n 
B 1 15 ILE 15 138 138 ILE ILE B . n 
B 1 16 CYS 16 139 139 CYS CYS B . n 
B 1 17 MET 17 140 140 MET MET B . n 
B 1 18 ASP 18 141 141 ASP ASP B . n 
B 1 19 GLY 19 142 142 GLY GLY B . n 
B 1 20 TYR 20 143 143 TYR TYR B . n 
B 1 21 SER 21 144 144 SER SER B . n 
B 1 22 GLU 22 145 145 GLU GLU B . n 
B 1 23 ILE 23 146 146 ILE ILE B . n 
B 1 24 VAL 24 147 147 VAL VAL B . n 
B 1 25 GLN 25 148 148 GLN GLN B . n 
B 1 26 ASN 26 149 149 ASN ASN B . n 
B 1 27 GLY 27 150 150 GLY GLY B . n 
B 1 28 ARG 28 151 151 ARG ARG B . n 
B 1 29 LEU 29 152 152 LEU LEU B . n 
B 1 30 ILE 30 153 153 ILE ILE B . n 
B 1 31 VAL 31 154 154 VAL VAL B . n 
B 1 32 SER 32 155 155 SER SER B . n 
B 1 33 THR 33 156 156 THR THR B . n 
B 1 34 GLU 34 157 157 GLU GLU B . n 
B 1 35 CYS 35 158 158 CYS CYS B . n 
B 1 36 GLY 36 159 159 GLY GLY B . n 
B 1 37 HIS 37 160 160 HIS HIS B . n 
B 1 38 VAL 38 161 161 VAL VAL B . n 
B 1 39 PHE 39 162 162 PHE PHE B . n 
B 1 40 CYS 40 163 163 CYS CYS B . n 
B 1 41 SER 41 164 164 SER SER B . n 
B 1 42 GLN 42 165 165 GLN GLN B . n 
B 1 43 CYS 43 166 166 CYS CYS B . n 
B 1 44 LEU 44 167 167 LEU LEU B . n 
B 1 45 ARG 45 168 168 ARG ARG B . n 
B 1 46 ASP 46 169 169 ASP ASP B . n 
B 1 47 SER 47 170 170 SER SER B . n 
B 1 48 LEU 48 171 171 LEU LEU B . n 
B 1 49 LYS 49 172 172 LYS LYS B . n 
B 1 50 ASN 50 173 173 ASN ASN B . n 
B 1 51 ALA 51 174 174 ALA ALA B . n 
B 1 52 ASN 52 175 175 ASN ASN B . n 
B 1 53 THR 53 176 176 THR THR B . n 
B 1 54 CYS 54 177 177 CYS CYS B . n 
B 1 55 PRO 55 178 178 PRO PRO B . n 
B 1 56 THR 56 179 179 THR THR B . n 
B 1 57 CYS 57 180 180 CYS CYS B . n 
B 1 58 ARG 58 181 181 ARG ARG B . n 
B 1 59 LYS 59 182 182 LYS LYS B . n 
B 1 60 LYS 60 183 183 LYS LYS B . n 
B 1 61 ILE 61 184 184 ILE ILE B . n 
B 1 62 ASN 62 185 185 ASN ASN B . n 
B 1 63 HIS 63 186 186 HIS HIS B . n 
B 1 64 LYS 64 187 187 LYS LYS B . n 
B 1 65 ARG 65 188 188 ARG ARG B . n 
B 1 66 TYR 66 189 189 TYR TYR B . n 
B 1 67 HIS 67 190 190 HIS HIS B . n 
B 1 68 PRO 68 191 191 PRO PRO B . n 
B 1 69 ILE 69 192 192 ILE ILE B . n 
B 1 70 TYR 70 193 193 TYR TYR B . n 
B 1 71 ILE 71 194 194 ILE ILE B . n 
# 
loop_
_pdbx_nonpoly_scheme.asym_id 
_pdbx_nonpoly_scheme.entity_id 
_pdbx_nonpoly_scheme.mon_id 
_pdbx_nonpoly_scheme.ndb_seq_num 
_pdbx_nonpoly_scheme.pdb_seq_num 
_pdbx_nonpoly_scheme.auth_seq_num 
_pdbx_nonpoly_scheme.pdb_mon_id 
_pdbx_nonpoly_scheme.auth_mon_id 
_pdbx_nonpoly_scheme.pdb_strand_id 
_pdbx_nonpoly_scheme.pdb_ins_code 
C 2 ZN  1  1003 1003 ZN  ZN  A . 
D 2 ZN  1  1004 1004 ZN  ZN  A . 
E 3 SO4 1  1    1    SO4 SO4 A . 
F 2 ZN  1  1001 1001 ZN  ZN  B . 
G 2 ZN  1  1002 1002 ZN  ZN  B . 
H 4 HOH 1  3    3    HOH HOH A . 
H 4 HOH 2  6    6    HOH HOH A . 
H 4 HOH 3  7    7    HOH HOH A . 
H 4 HOH 4  8    8    HOH HOH A . 
H 4 HOH 5  12   12   HOH HOH A . 
H 4 HOH 6  15   15   HOH HOH A . 
H 4 HOH 7  17   17   HOH HOH A . 
H 4 HOH 8  18   18   HOH HOH A . 
H 4 HOH 9  21   21   HOH HOH A . 
H 4 HOH 10 22   22   HOH HOH A . 
H 4 HOH 11 26   26   HOH HOH A . 
H 4 HOH 12 28   28   HOH HOH A . 
H 4 HOH 13 29   29   HOH HOH A . 
H 4 HOH 14 32   32   HOH HOH A . 
H 4 HOH 15 33   33   HOH HOH A . 
H 4 HOH 16 36   36   HOH HOH A . 
H 4 HOH 17 40   40   HOH HOH A . 
H 4 HOH 18 49   49   HOH HOH A . 
H 4 HOH 19 52   52   HOH HOH A . 
H 4 HOH 20 53   53   HOH HOH A . 
H 4 HOH 21 63   63   HOH HOH A . 
H 4 HOH 22 64   64   HOH HOH A . 
H 4 HOH 23 71   71   HOH HOH A . 
H 4 HOH 24 72   72   HOH HOH A . 
H 4 HOH 25 73   73   HOH HOH A . 
H 4 HOH 26 77   77   HOH HOH A . 
H 4 HOH 27 195  1    HOH HOH A . 
I 4 HOH 1  9    9    HOH HOH B . 
I 4 HOH 2  11   11   HOH HOH B . 
I 4 HOH 3  14   14   HOH HOH B . 
I 4 HOH 4  20   20   HOH HOH B . 
I 4 HOH 5  24   24   HOH HOH B . 
I 4 HOH 6  30   30   HOH HOH B . 
I 4 HOH 7  31   31   HOH HOH B . 
I 4 HOH 8  45   45   HOH HOH B . 
I 4 HOH 9  56   56   HOH HOH B . 
I 4 HOH 10 58   58   HOH HOH B . 
I 4 HOH 11 66   66   HOH HOH B . 
I 4 HOH 12 70   70   HOH HOH B . 
I 4 HOH 13 74   74   HOH HOH B . 
I 4 HOH 14 75   75   HOH HOH B . 
I 4 HOH 15 76   76   HOH HOH B . 
I 4 HOH 16 78   78   HOH HOH B . 
# 
loop_
_software.name 
_software.classification 
_software.version 
_software.citation_id 
_software.pdbx_ordinal 
SHARP  phasing          .        ? 1 
REFMAC refinement       5.5.0072 ? 2 
XDS    'data reduction' .        ? 3 
SCALA  'data scaling'   .        ? 4 
# 
_cell.entry_id           3NG2 
_cell.length_a           58.487 
_cell.length_b           85.922 
_cell.length_c           22.277 
_cell.angle_alpha        90.00 
_cell.angle_beta         90.00 
_cell.angle_gamma        90.00 
_cell.Z_PDB              8 
_cell.pdbx_unique_axis   ? 
_cell.length_a_esd       ? 
_cell.length_b_esd       ? 
_cell.length_c_esd       ? 
_cell.angle_alpha_esd    ? 
_cell.angle_beta_esd     ? 
_cell.angle_gamma_esd    ? 
# 
_symmetry.entry_id                         3NG2 
_symmetry.space_group_name_H-M             'P 21 21 2' 
_symmetry.pdbx_full_space_group_name_H-M   ? 
_symmetry.cell_setting                     ? 
_symmetry.Int_Tables_number                18 
_symmetry.space_group_name_Hall            ? 
# 
_exptl.entry_id          3NG2 
_exptl.method            'X-RAY DIFFRACTION' 
_exptl.crystals_number   1 
# 
_exptl_crystal.id                    1 
_exptl_crystal.density_meas          ? 
_exptl_crystal.density_Matthews      1.778413 
_exptl_crystal.density_percent_sol   30.837214 
_exptl_crystal.description           ? 
_exptl_crystal.F_000                 ? 
_exptl_crystal.preparation           ? 
# 
_exptl_crystal_grow.crystal_id      1 
_exptl_crystal_grow.method          'VAPOR DIFFUSION, HANGING DROP' 
_exptl_crystal_grow.temp            291 
_exptl_crystal_grow.temp_details    ? 
_exptl_crystal_grow.pH              6.2 
_exptl_crystal_grow.pdbx_details    
'0.2M lithium sulfate, 0.1M bis-Tris, 22% PEG 3350, pH 6.2, VAPOR DIFFUSION, HANGING DROP, temperature 291K' 
_exptl_crystal_grow.pdbx_pH_range   . 
# 
_diffrn.id                     1 
_diffrn.ambient_temp           291 
_diffrn.ambient_temp_details   ? 
_diffrn.crystal_id             1 
# 
_diffrn_detector.diffrn_id              1 
_diffrn_detector.detector               CCD 
_diffrn_detector.type                   'ADSC QUANTUM 210r' 
_diffrn_detector.pdbx_collection_date   2009-07-17 
_diffrn_detector.details                ? 
# 
_diffrn_radiation.diffrn_id                        1 
_diffrn_radiation.wavelength_id                    1 
_diffrn_radiation.pdbx_monochromatic_or_laue_m_l   M 
_diffrn_radiation.monochromator                    ? 
_diffrn_radiation.pdbx_diffrn_protocol             MAD 
_diffrn_radiation.pdbx_scattering_type             x-ray 
# 
loop_
_diffrn_radiation_wavelength.id 
_diffrn_radiation_wavelength.wavelength 
_diffrn_radiation_wavelength.wt 
1 1.2829 1.0 
2 1.2833 1.0 
3 1.2523 1.0 
# 
_diffrn_source.diffrn_id                   1 
_diffrn_source.source                      SYNCHROTRON 
_diffrn_source.type                        'AUSTRALIAN SYNCHROTRON BEAMLINE MX2' 
_diffrn_source.pdbx_synchrotron_site       'Australian Synchrotron' 
_diffrn_source.pdbx_synchrotron_beamline   MX2 
_diffrn_source.pdbx_wavelength             ? 
_diffrn_source.pdbx_wavelength_list        '1.2829, 1.2833, 1.2523' 
# 
_reflns.entry_id                     3NG2 
_reflns.observed_criterion_sigma_I   ? 
_reflns.observed_criterion_sigma_F   ? 
_reflns.d_resolution_low             19.01 
_reflns.d_resolution_high            1.8 
_reflns.number_obs                   10936 
_reflns.number_all                   11041 
_reflns.percent_possible_obs         99.1 
_reflns.pdbx_Rmerge_I_obs            0.067 
_reflns.pdbx_Rsym_value              0.067 
_reflns.pdbx_netI_over_sigmaI        16.1 
_reflns.B_iso_Wilson_estimate        18.3 
_reflns.pdbx_redundancy              6.6 
_reflns.R_free_details               ? 
_reflns.limit_h_max                  ? 
_reflns.limit_h_min                  ? 
_reflns.limit_k_max                  ? 
_reflns.limit_k_min                  ? 
_reflns.limit_l_max                  ? 
_reflns.limit_l_min                  ? 
_reflns.observed_criterion_F_max     ? 
_reflns.observed_criterion_F_min     ? 
_reflns.pdbx_chi_squared             ? 
_reflns.pdbx_scaling_rejects         ? 
_reflns.pdbx_diffrn_id               1 
_reflns.pdbx_ordinal                 1 
# 
_reflns_shell.d_res_high                  1.8 
_reflns_shell.d_res_low                   1.9 
_reflns_shell.percent_possible_all        98.8 
_reflns_shell.Rmerge_I_obs                0.274 
_reflns_shell.pdbx_Rsym_value             ? 
_reflns_shell.meanI_over_sigI_obs         6.7 
_reflns_shell.pdbx_redundancy             6.6 
_reflns_shell.percent_possible_obs        ? 
_reflns_shell.number_unique_all           1571 
_reflns_shell.number_measured_all         ? 
_reflns_shell.number_measured_obs         ? 
_reflns_shell.number_unique_obs           ? 
_reflns_shell.pdbx_chi_squared            ? 
_reflns_shell.pdbx_rejects                ? 
_reflns_shell.pdbx_netI_over_sigmaI_obs   ? 
_reflns_shell.number_possible             ? 
_reflns_shell.Rmerge_F_all                ? 
_reflns_shell.Rmerge_F_obs                ? 
_reflns_shell.Rmerge_I_all                ? 
_reflns_shell.meanI_over_sigI_all         ? 
_reflns_shell.pdbx_Rrim_I_all             ? 
_reflns_shell.pdbx_Rpim_I_all             ? 
_reflns_shell.pdbx_diffrn_id              ? 
_reflns_shell.pdbx_ordinal                1 
# 
_refine.entry_id                                 3NG2 
_refine.ls_number_reflns_obs                     10349 
_refine.ls_number_reflns_all                     ? 
_refine.pdbx_ls_sigma_I                          ? 
_refine.pdbx_ls_sigma_F                          ? 
_refine.pdbx_data_cutoff_high_absF               ? 
_refine.pdbx_data_cutoff_low_absF                ? 
_refine.pdbx_data_cutoff_high_rms_absF           ? 
_refine.ls_d_res_low                             18.73 
_refine.ls_d_res_high                            1.80 
_refine.ls_percent_reflns_obs                    98.70 
_refine.ls_R_factor_obs                          0.19001 
_refine.ls_R_factor_all                          ? 
_refine.ls_R_factor_R_work                       0.18729 
_refine.ls_R_factor_R_free                       0.24199 
_refine.ls_R_factor_R_free_error                 ? 
_refine.ls_R_factor_R_free_error_details         ? 
_refine.ls_percent_reflns_R_free                 5.0 
_refine.ls_number_reflns_R_free                  548 
_refine.ls_number_parameters                     ? 
_refine.ls_number_restraints                     ? 
_refine.occupancy_min                            ? 
_refine.occupancy_max                            ? 
_refine.correlation_coeff_Fo_to_Fc               0.950 
_refine.correlation_coeff_Fo_to_Fc_free          0.921 
_refine.B_iso_mean                               24.027 
_refine.aniso_B[1][1]                            0.48 
_refine.aniso_B[2][2]                            0.91 
_refine.aniso_B[3][3]                            -1.39 
_refine.aniso_B[1][2]                            0.00 
_refine.aniso_B[1][3]                            0.00 
_refine.aniso_B[2][3]                            0.00 
_refine.solvent_model_details                    MASK 
_refine.solvent_model_param_ksol                 ? 
_refine.solvent_model_param_bsol                 ? 
_refine.pdbx_solvent_vdw_probe_radii             1.40 
_refine.pdbx_solvent_ion_probe_radii             0.80 
_refine.pdbx_solvent_shrinkage_radii             0.80 
_refine.pdbx_ls_cross_valid_method               THROUGHOUT 
_refine.details                                  'HYDROGENS HAVE BEEN ADDED IN THE RIDING POSITIONS' 
_refine.pdbx_starting_model                      ? 
_refine.pdbx_method_to_determine_struct          MAD 
_refine.pdbx_isotropic_thermal_model             ? 
_refine.pdbx_stereochemistry_target_values       'MAXIMUM LIKELIHOOD' 
_refine.pdbx_stereochem_target_val_spec_case     ? 
_refine.pdbx_R_Free_selection_details            RANDOM 
_refine.pdbx_overall_ESU_R                       0.147 
_refine.pdbx_overall_ESU_R_Free                  0.144 
_refine.overall_SU_ML                            0.087 
_refine.pdbx_overall_phase_error                 ? 
_refine.overall_SU_B                             2.705 
_refine.pdbx_refine_id                           'X-RAY DIFFRACTION' 
_refine.overall_SU_R_Cruickshank_DPI             ? 
_refine.ls_redundancy_reflns_obs                 ? 
_refine.B_iso_min                                ? 
_refine.B_iso_max                                ? 
_refine.overall_SU_R_free                        ? 
_refine.ls_wR_factor_R_free                      ? 
_refine.ls_wR_factor_R_work                      ? 
_refine.overall_FOM_free_R_set                   ? 
_refine.overall_FOM_work_R_set                   ? 
_refine.pdbx_diffrn_id                           1 
_refine.pdbx_TLS_residual_ADP_flag               ? 
_refine.pdbx_overall_SU_R_free_Cruickshank_DPI   ? 
_refine.pdbx_overall_SU_R_Blow_DPI               ? 
_refine.pdbx_overall_SU_R_free_Blow_DPI          ? 
# 
_refine_hist.pdbx_refine_id                   'X-RAY DIFFRACTION' 
_refine_hist.cycle_id                         LAST 
_refine_hist.pdbx_number_atoms_protein        1038 
_refine_hist.pdbx_number_atoms_nucleic_acid   0 
_refine_hist.pdbx_number_atoms_ligand         9 
_refine_hist.number_atoms_solvent             43 
_refine_hist.number_atoms_total               1090 
_refine_hist.d_res_high                       1.80 
_refine_hist.d_res_low                        18.73 
# 
loop_
_refine_ls_restr.type 
_refine_ls_restr.dev_ideal 
_refine_ls_restr.dev_ideal_target 
_refine_ls_restr.weight 
_refine_ls_restr.number 
_refine_ls_restr.pdbx_refine_id 
_refine_ls_restr.pdbx_restraint_function 
r_bond_refined_d             0.012  0.022  ? 1062 'X-RAY DIFFRACTION' ? 
r_bond_other_d               ?      ?      ? ?    'X-RAY DIFFRACTION' ? 
r_angle_refined_deg          1.546  1.962  ? 1433 'X-RAY DIFFRACTION' ? 
r_angle_other_deg            ?      ?      ? ?    'X-RAY DIFFRACTION' ? 
r_dihedral_angle_1_deg       10.746 5.000  ? 131  'X-RAY DIFFRACTION' ? 
r_dihedral_angle_2_deg       32.216 22.273 ? 44   'X-RAY DIFFRACTION' ? 
r_dihedral_angle_3_deg       14.154 15.000 ? 190  'X-RAY DIFFRACTION' ? 
r_dihedral_angle_4_deg       17.562 15.000 ? 10   'X-RAY DIFFRACTION' ? 
r_chiral_restr               0.134  0.200  ? 160  'X-RAY DIFFRACTION' ? 
r_gen_planes_refined         0.007  0.021  ? 784  'X-RAY DIFFRACTION' ? 
r_gen_planes_other           ?      ?      ? ?    'X-RAY DIFFRACTION' ? 
r_nbd_refined                ?      ?      ? ?    'X-RAY DIFFRACTION' ? 
r_nbd_other                  ?      ?      ? ?    'X-RAY DIFFRACTION' ? 
r_nbtor_refined              ?      ?      ? ?    'X-RAY DIFFRACTION' ? 
r_nbtor_other                ?      ?      ? ?    'X-RAY DIFFRACTION' ? 
r_xyhbond_nbd_refined        ?      ?      ? ?    'X-RAY DIFFRACTION' ? 
r_xyhbond_nbd_other          ?      ?      ? ?    'X-RAY DIFFRACTION' ? 
r_metal_ion_refined          ?      ?      ? ?    'X-RAY DIFFRACTION' ? 
r_metal_ion_other            ?      ?      ? ?    'X-RAY DIFFRACTION' ? 
r_symmetry_vdw_refined       ?      ?      ? ?    'X-RAY DIFFRACTION' ? 
r_symmetry_vdw_other         ?      ?      ? ?    'X-RAY DIFFRACTION' ? 
r_symmetry_hbond_refined     ?      ?      ? ?    'X-RAY DIFFRACTION' ? 
r_symmetry_hbond_other       ?      ?      ? ?    'X-RAY DIFFRACTION' ? 
r_symmetry_metal_ion_refined ?      ?      ? ?    'X-RAY DIFFRACTION' ? 
r_symmetry_metal_ion_other   ?      ?      ? ?    'X-RAY DIFFRACTION' ? 
r_mcbond_it                  0.974  1.500  ? 663  'X-RAY DIFFRACTION' ? 
r_mcbond_other               ?      ?      ? ?    'X-RAY DIFFRACTION' ? 
r_mcangle_it                 1.723  2.000  ? 1084 'X-RAY DIFFRACTION' ? 
r_scbond_it                  2.270  3.000  ? 399  'X-RAY DIFFRACTION' ? 
r_scangle_it                 3.715  4.500  ? 349  'X-RAY DIFFRACTION' ? 
r_rigid_bond_restr           ?      ?      ? ?    'X-RAY DIFFRACTION' ? 
r_sphericity_free            ?      ?      ? ?    'X-RAY DIFFRACTION' ? 
r_sphericity_bonded          ?      ?      ? ?    'X-RAY DIFFRACTION' ? 
# 
loop_
_refine_ls_restr_ncs.dom_id 
_refine_ls_restr_ncs.pdbx_auth_asym_id 
_refine_ls_restr_ncs.pdbx_number 
_refine_ls_restr_ncs.rms_dev_position 
_refine_ls_restr_ncs.weight_position 
_refine_ls_restr_ncs.pdbx_type 
_refine_ls_restr_ncs.pdbx_ens_id 
_refine_ls_restr_ncs.pdbx_ordinal 
_refine_ls_restr_ncs.pdbx_refine_id 
_refine_ls_restr_ncs.ncs_model_details 
_refine_ls_restr_ncs.rms_dev_B_iso 
_refine_ls_restr_ncs.weight_B_iso 
_refine_ls_restr_ncs.pdbx_asym_id 
_refine_ls_restr_ncs.pdbx_rms 
_refine_ls_restr_ncs.pdbx_weight 
1 A 515 0.74 0.50 'medium positional' 1 1 'X-RAY DIFFRACTION' ? ? ? ? ? ? 
1 A 515 1.61 2.00 'medium thermal'    1 2 'X-RAY DIFFRACTION' ? ? ? ? ? ? 
# 
_refine_ls_shell.pdbx_refine_id                   'X-RAY DIFFRACTION' 
_refine_ls_shell.pdbx_total_number_of_bins_used   20 
_refine_ls_shell.d_res_high                       1.799 
_refine_ls_shell.d_res_low                        1.846 
_refine_ls_shell.number_reflns_R_work             747 
_refine_ls_shell.R_factor_R_work                  0.182 
_refine_ls_shell.percent_reflns_obs               97.51 
_refine_ls_shell.R_factor_R_free                  0.233 
_refine_ls_shell.R_factor_R_free_error            ? 
_refine_ls_shell.percent_reflns_R_free            ? 
_refine_ls_shell.number_reflns_R_free             35 
_refine_ls_shell.number_reflns_all                ? 
_refine_ls_shell.R_factor_all                     ? 
_refine_ls_shell.number_reflns_obs                747 
_refine_ls_shell.redundancy_reflns_obs            ? 
# 
loop_
_struct_ncs_dom.id 
_struct_ncs_dom.details 
_struct_ncs_dom.pdbx_ens_id 
1 A 1 
2 B 1 
# 
loop_
_struct_ncs_dom_lim.pdbx_ens_id 
_struct_ncs_dom_lim.dom_id 
_struct_ncs_dom_lim.pdbx_component_id 
_struct_ncs_dom_lim.beg_label_asym_id 
_struct_ncs_dom_lim.beg_label_comp_id 
_struct_ncs_dom_lim.beg_label_seq_id 
_struct_ncs_dom_lim.beg_label_alt_id 
_struct_ncs_dom_lim.end_label_asym_id 
_struct_ncs_dom_lim.end_label_comp_id 
_struct_ncs_dom_lim.end_label_seq_id 
_struct_ncs_dom_lim.end_label_alt_id 
_struct_ncs_dom_lim.beg_auth_asym_id 
_struct_ncs_dom_lim.beg_auth_comp_id 
_struct_ncs_dom_lim.beg_auth_seq_id 
_struct_ncs_dom_lim.end_auth_asym_id 
_struct_ncs_dom_lim.end_auth_comp_id 
_struct_ncs_dom_lim.end_auth_seq_id 
_struct_ncs_dom_lim.pdbx_refine_code 
_struct_ncs_dom_lim.selection_details 
1 1 1 A ARG 6 . A ILE 71 . A ARG 129 A ILE 194 4 ? 
1 2 1 B ARG 6 . B ILE 71 . B ARG 129 B ILE 194 4 ? 
# 
_struct_ncs_ens.id        1 
_struct_ncs_ens.details   ? 
# 
_struct.entry_id                  3NG2 
_struct.title                     'Crystal structure of the RNF4 ring domain dimer' 
_struct.pdbx_model_details        ? 
_struct.pdbx_CASP_flag            N 
_struct.pdbx_model_type_details   ? 
# 
_struct_keywords.entry_id        3NG2 
_struct_keywords.pdbx_keywords   'METAL BINDING PROTEIN' 
_struct_keywords.text            'RING domain, E3 ligase, Ubiquitylation, Sumoylation, Zinc-finger, METAL BINDING PROTEIN' 
# 
loop_
_struct_asym.id 
_struct_asym.pdbx_blank_PDB_chainid_flag 
_struct_asym.pdbx_modified 
_struct_asym.entity_id 
_struct_asym.details 
A N N 1 ? 
B N N 1 ? 
C N N 2 ? 
D N N 2 ? 
E N N 3 ? 
F N N 2 ? 
G N N 2 ? 
H N N 4 ? 
I N N 4 ? 
# 
_struct_ref.id                         1 
_struct_ref.db_name                    UNP 
_struct_ref.db_code                    RNF4_RAT 
_struct_ref.pdbx_db_accession          O88846 
_struct_ref.entity_id                  1 
_struct_ref.pdbx_seq_one_letter_code   GTTGLRPSGTVSCPICMDGYSEIVQNGRLIVSTECGHVFCSQCLRDSLKNANTCPTCRKKINHKRYHPIYI 
_struct_ref.pdbx_align_begin           124 
_struct_ref.pdbx_db_isoform            ? 
# 
loop_
_struct_ref_seq.align_id 
_struct_ref_seq.ref_id 
_struct_ref_seq.pdbx_PDB_id_code 
_struct_ref_seq.pdbx_strand_id 
_struct_ref_seq.seq_align_beg 
_struct_ref_seq.pdbx_seq_align_beg_ins_code 
_struct_ref_seq.seq_align_end 
_struct_ref_seq.pdbx_seq_align_end_ins_code 
_struct_ref_seq.pdbx_db_accession 
_struct_ref_seq.db_align_beg 
_struct_ref_seq.pdbx_db_align_beg_ins_code 
_struct_ref_seq.db_align_end 
_struct_ref_seq.pdbx_db_align_end_ins_code 
_struct_ref_seq.pdbx_auth_seq_align_beg 
_struct_ref_seq.pdbx_auth_seq_align_end 
1 1 3NG2 A 1 ? 71 ? O88846 124 ? 194 ? 124 194 
2 1 3NG2 B 1 ? 71 ? O88846 124 ? 194 ? 124 194 
# 
_pdbx_struct_assembly.id                   1 
_pdbx_struct_assembly.details              author_defined_assembly 
_pdbx_struct_assembly.method_details       ? 
_pdbx_struct_assembly.oligomeric_details   dimeric 
_pdbx_struct_assembly.oligomeric_count     2 
# 
loop_
_pdbx_struct_assembly_prop.biol_id 
_pdbx_struct_assembly_prop.type 
_pdbx_struct_assembly_prop.value 
_pdbx_struct_assembly_prop.details 
1 'ABSA (A^2)' 7450  ? 
1 MORE         -54   ? 
1 'SSA (A^2)'  13940 ? 
# 
_pdbx_struct_assembly_gen.assembly_id       1 
_pdbx_struct_assembly_gen.oper_expression   1 
_pdbx_struct_assembly_gen.asym_id_list      A,B,C,D,E,F,G,H,I 
# 
_pdbx_struct_oper_list.id                   1 
_pdbx_struct_oper_list.type                 'identity operation' 
_pdbx_struct_oper_list.name                 1_555 
_pdbx_struct_oper_list.symmetry_operation   x,y,z 
_pdbx_struct_oper_list.matrix[1][1]         1.0000000000 
_pdbx_struct_oper_list.matrix[1][2]         0.0000000000 
_pdbx_struct_oper_list.matrix[1][3]         0.0000000000 
_pdbx_struct_oper_list.vector[1]            0.0000000000 
_pdbx_struct_oper_list.matrix[2][1]         0.0000000000 
_pdbx_struct_oper_list.matrix[2][2]         1.0000000000 
_pdbx_struct_oper_list.matrix[2][3]         0.0000000000 
_pdbx_struct_oper_list.vector[2]            0.0000000000 
_pdbx_struct_oper_list.matrix[3][1]         0.0000000000 
_pdbx_struct_oper_list.matrix[3][2]         0.0000000000 
_pdbx_struct_oper_list.matrix[3][3]         1.0000000000 
_pdbx_struct_oper_list.vector[3]            0.0000000000 
# 
_struct_biol.id        1 
_struct_biol.details   
;TO CREATE THE BIOLOGICALLY RELEVANT MOLECULE, A SECOND SYMMETRY-RELATED DIMER IS GENERATED (-X,-Y,Z OPERATION) AND THE C-TERMINAL RESIDUES (187-194) TAKEN FROM THIS SYMMETRY-RELATED DIMER AND SWAPPED WITH THOSE OF THE ORIGINAL DIMER.
;
# 
loop_
_struct_conf.conf_type_id 
_struct_conf.id 
_struct_conf.pdbx_PDB_helix_id 
_struct_conf.beg_label_comp_id 
_struct_conf.beg_label_asym_id 
_struct_conf.beg_label_seq_id 
_struct_conf.pdbx_beg_PDB_ins_code 
_struct_conf.end_label_comp_id 
_struct_conf.end_label_asym_id 
_struct_conf.end_label_seq_id 
_struct_conf.pdbx_end_PDB_ins_code 
_struct_conf.beg_auth_comp_id 
_struct_conf.beg_auth_asym_id 
_struct_conf.beg_auth_seq_id 
_struct_conf.end_auth_comp_id 
_struct_conf.end_auth_asym_id 
_struct_conf.end_auth_seq_id 
_struct_conf.pdbx_PDB_helix_class 
_struct_conf.details 
_struct_conf.pdbx_PDB_helix_length 
HELX_P HELX_P1 1 GLY A 19 ? GLN A 25 ? GLY A 142 GLN A 148 1 ? 7  
HELX_P HELX_P2 2 SER A 41 ? ALA A 51 ? SER A 164 ALA A 174 1 ? 11 
HELX_P HELX_P3 3 GLY B 19 ? ASN B 26 ? GLY B 142 ASN B 149 1 ? 8  
HELX_P HELX_P4 4 SER B 41 ? LYS B 49 ? SER B 164 LYS B 172 1 ? 9  
# 
_struct_conf_type.id          HELX_P 
_struct_conf_type.criteria    ? 
_struct_conf_type.reference   ? 
# 
loop_
_struct_conn.id 
_struct_conn.conn_type_id 
_struct_conn.pdbx_leaving_atom_flag 
_struct_conn.pdbx_PDB_id 
_struct_conn.ptnr1_label_asym_id 
_struct_conn.ptnr1_label_comp_id 
_struct_conn.ptnr1_label_seq_id 
_struct_conn.ptnr1_label_atom_id 
_struct_conn.pdbx_ptnr1_label_alt_id 
_struct_conn.pdbx_ptnr1_PDB_ins_code 
_struct_conn.pdbx_ptnr1_standard_comp_id 
_struct_conn.ptnr1_symmetry 
_struct_conn.ptnr2_label_asym_id 
_struct_conn.ptnr2_label_comp_id 
_struct_conn.ptnr2_label_seq_id 
_struct_conn.ptnr2_label_atom_id 
_struct_conn.pdbx_ptnr2_label_alt_id 
_struct_conn.pdbx_ptnr2_PDB_ins_code 
_struct_conn.ptnr1_auth_asym_id 
_struct_conn.ptnr1_auth_comp_id 
_struct_conn.ptnr1_auth_seq_id 
_struct_conn.ptnr2_auth_asym_id 
_struct_conn.ptnr2_auth_comp_id 
_struct_conn.ptnr2_auth_seq_id 
_struct_conn.ptnr2_symmetry 
_struct_conn.pdbx_ptnr3_label_atom_id 
_struct_conn.pdbx_ptnr3_label_seq_id 
_struct_conn.pdbx_ptnr3_label_comp_id 
_struct_conn.pdbx_ptnr3_label_asym_id 
_struct_conn.pdbx_ptnr3_label_alt_id 
_struct_conn.pdbx_ptnr3_PDB_ins_code 
_struct_conn.details 
_struct_conn.pdbx_dist_value 
_struct_conn.pdbx_value_order 
_struct_conn.pdbx_role 
metalc1  metalc ? ? A CYS 13 SG  ? ? ? 1_555 C ZN . ZN ? ? A CYS 136 A ZN 1003 1_555 ? ? ? ? ? ? ? 2.382 ? ? 
metalc2  metalc ? ? A CYS 16 SG  ? ? ? 1_555 C ZN . ZN ? ? A CYS 139 A ZN 1003 1_555 ? ? ? ? ? ? ? 2.319 ? ? 
metalc3  metalc ? ? A CYS 35 SG  ? ? ? 1_555 D ZN . ZN ? ? A CYS 158 A ZN 1004 1_555 ? ? ? ? ? ? ? 2.293 ? ? 
metalc4  metalc ? ? A HIS 37 ND1 ? ? ? 1_555 D ZN . ZN ? ? A HIS 160 A ZN 1004 1_555 ? ? ? ? ? ? ? 2.059 ? ? 
metalc5  metalc ? ? A CYS 40 SG  ? ? ? 1_555 C ZN . ZN ? ? A CYS 163 A ZN 1003 1_555 ? ? ? ? ? ? ? 2.328 ? ? 
metalc6  metalc ? ? A CYS 43 SG  ? ? ? 1_555 C ZN . ZN ? ? A CYS 166 A ZN 1003 1_555 ? ? ? ? ? ? ? 2.353 ? ? 
metalc7  metalc ? ? A CYS 54 SG  ? ? ? 1_555 D ZN . ZN ? ? A CYS 177 A ZN 1004 1_555 ? ? ? ? ? ? ? 2.330 ? ? 
metalc8  metalc ? ? A CYS 57 SG  ? ? ? 1_555 D ZN . ZN ? ? A CYS 180 A ZN 1004 1_555 ? ? ? ? ? ? ? 2.316 ? ? 
metalc9  metalc ? ? B CYS 13 SG  ? ? ? 1_555 F ZN . ZN ? ? B CYS 136 B ZN 1001 1_555 ? ? ? ? ? ? ? 2.386 ? ? 
metalc10 metalc ? ? B CYS 16 SG  ? ? ? 1_555 F ZN . ZN ? ? B CYS 139 B ZN 1001 1_555 ? ? ? ? ? ? ? 2.296 ? ? 
metalc11 metalc ? ? B CYS 35 SG  ? ? ? 1_555 G ZN . ZN ? ? B CYS 158 B ZN 1002 1_555 ? ? ? ? ? ? ? 2.363 ? ? 
metalc12 metalc ? ? B HIS 37 ND1 ? ? ? 1_555 G ZN . ZN ? ? B HIS 160 B ZN 1002 1_555 ? ? ? ? ? ? ? 2.087 ? ? 
metalc13 metalc ? ? B CYS 40 SG  ? ? ? 1_555 F ZN . ZN ? ? B CYS 163 B ZN 1001 1_555 ? ? ? ? ? ? ? 2.407 ? ? 
metalc14 metalc ? ? B CYS 43 SG  ? ? ? 1_555 F ZN . ZN ? ? B CYS 166 B ZN 1001 1_555 ? ? ? ? ? ? ? 2.324 ? ? 
metalc15 metalc ? ? B CYS 54 SG  ? ? ? 1_555 G ZN . ZN ? ? B CYS 177 B ZN 1002 1_555 ? ? ? ? ? ? ? 2.365 ? ? 
metalc16 metalc ? ? B CYS 57 SG  ? ? ? 1_555 G ZN . ZN ? ? B CYS 180 B ZN 1002 1_555 ? ? ? ? ? ? ? 2.365 ? ? 
# 
_struct_conn_type.id          metalc 
_struct_conn_type.criteria    ? 
_struct_conn_type.reference   ? 
# 
loop_
_pdbx_struct_conn_angle.id 
_pdbx_struct_conn_angle.ptnr1_label_atom_id 
_pdbx_struct_conn_angle.ptnr1_label_alt_id 
_pdbx_struct_conn_angle.ptnr1_label_asym_id 
_pdbx_struct_conn_angle.ptnr1_label_comp_id 
_pdbx_struct_conn_angle.ptnr1_label_seq_id 
_pdbx_struct_conn_angle.ptnr1_auth_atom_id 
_pdbx_struct_conn_angle.ptnr1_auth_asym_id 
_pdbx_struct_conn_angle.ptnr1_auth_comp_id 
_pdbx_struct_conn_angle.ptnr1_auth_seq_id 
_pdbx_struct_conn_angle.ptnr1_PDB_ins_code 
_pdbx_struct_conn_angle.ptnr1_symmetry 
_pdbx_struct_conn_angle.ptnr2_label_atom_id 
_pdbx_struct_conn_angle.ptnr2_label_alt_id 
_pdbx_struct_conn_angle.ptnr2_label_asym_id 
_pdbx_struct_conn_angle.ptnr2_label_comp_id 
_pdbx_struct_conn_angle.ptnr2_label_seq_id 
_pdbx_struct_conn_angle.ptnr2_auth_atom_id 
_pdbx_struct_conn_angle.ptnr2_auth_asym_id 
_pdbx_struct_conn_angle.ptnr2_auth_comp_id 
_pdbx_struct_conn_angle.ptnr2_auth_seq_id 
_pdbx_struct_conn_angle.ptnr2_PDB_ins_code 
_pdbx_struct_conn_angle.ptnr2_symmetry 
_pdbx_struct_conn_angle.ptnr3_label_atom_id 
_pdbx_struct_conn_angle.ptnr3_label_alt_id 
_pdbx_struct_conn_angle.ptnr3_label_asym_id 
_pdbx_struct_conn_angle.ptnr3_label_comp_id 
_pdbx_struct_conn_angle.ptnr3_label_seq_id 
_pdbx_struct_conn_angle.ptnr3_auth_atom_id 
_pdbx_struct_conn_angle.ptnr3_auth_asym_id 
_pdbx_struct_conn_angle.ptnr3_auth_comp_id 
_pdbx_struct_conn_angle.ptnr3_auth_seq_id 
_pdbx_struct_conn_angle.ptnr3_PDB_ins_code 
_pdbx_struct_conn_angle.ptnr3_symmetry 
_pdbx_struct_conn_angle.value 
_pdbx_struct_conn_angle.value_esd 
1  SG  ? A CYS 13 ? A CYS 136 ? 1_555 ZN ? C ZN . ? A ZN 1003 ? 1_555 SG  ? A CYS 16 ? A CYS 139 ? 1_555 107.1 ? 
2  SG  ? A CYS 13 ? A CYS 136 ? 1_555 ZN ? C ZN . ? A ZN 1003 ? 1_555 SG  ? A CYS 40 ? A CYS 163 ? 1_555 113.5 ? 
3  SG  ? A CYS 16 ? A CYS 139 ? 1_555 ZN ? C ZN . ? A ZN 1003 ? 1_555 SG  ? A CYS 40 ? A CYS 163 ? 1_555 115.3 ? 
4  SG  ? A CYS 13 ? A CYS 136 ? 1_555 ZN ? C ZN . ? A ZN 1003 ? 1_555 SG  ? A CYS 43 ? A CYS 166 ? 1_555 109.5 ? 
5  SG  ? A CYS 16 ? A CYS 139 ? 1_555 ZN ? C ZN . ? A ZN 1003 ? 1_555 SG  ? A CYS 43 ? A CYS 166 ? 1_555 109.7 ? 
6  SG  ? A CYS 40 ? A CYS 163 ? 1_555 ZN ? C ZN . ? A ZN 1003 ? 1_555 SG  ? A CYS 43 ? A CYS 166 ? 1_555 101.5 ? 
7  SG  ? A CYS 35 ? A CYS 158 ? 1_555 ZN ? D ZN . ? A ZN 1004 ? 1_555 ND1 ? A HIS 37 ? A HIS 160 ? 1_555 113.8 ? 
8  SG  ? A CYS 35 ? A CYS 158 ? 1_555 ZN ? D ZN . ? A ZN 1004 ? 1_555 SG  ? A CYS 54 ? A CYS 177 ? 1_555 110.7 ? 
9  ND1 ? A HIS 37 ? A HIS 160 ? 1_555 ZN ? D ZN . ? A ZN 1004 ? 1_555 SG  ? A CYS 54 ? A CYS 177 ? 1_555 110.7 ? 
10 SG  ? A CYS 35 ? A CYS 158 ? 1_555 ZN ? D ZN . ? A ZN 1004 ? 1_555 SG  ? A CYS 57 ? A CYS 180 ? 1_555 100.1 ? 
11 ND1 ? A HIS 37 ? A HIS 160 ? 1_555 ZN ? D ZN . ? A ZN 1004 ? 1_555 SG  ? A CYS 57 ? A CYS 180 ? 1_555 107.6 ? 
12 SG  ? A CYS 54 ? A CYS 177 ? 1_555 ZN ? D ZN . ? A ZN 1004 ? 1_555 SG  ? A CYS 57 ? A CYS 180 ? 1_555 113.6 ? 
13 SG  ? B CYS 13 ? B CYS 136 ? 1_555 ZN ? F ZN . ? B ZN 1001 ? 1_555 SG  ? B CYS 16 ? B CYS 139 ? 1_555 108.2 ? 
14 SG  ? B CYS 13 ? B CYS 136 ? 1_555 ZN ? F ZN . ? B ZN 1001 ? 1_555 SG  ? B CYS 40 ? B CYS 163 ? 1_555 113.8 ? 
15 SG  ? B CYS 16 ? B CYS 139 ? 1_555 ZN ? F ZN . ? B ZN 1001 ? 1_555 SG  ? B CYS 40 ? B CYS 163 ? 1_555 115.4 ? 
16 SG  ? B CYS 13 ? B CYS 136 ? 1_555 ZN ? F ZN . ? B ZN 1001 ? 1_555 SG  ? B CYS 43 ? B CYS 166 ? 1_555 110.8 ? 
17 SG  ? B CYS 16 ? B CYS 139 ? 1_555 ZN ? F ZN . ? B ZN 1001 ? 1_555 SG  ? B CYS 43 ? B CYS 166 ? 1_555 111.6 ? 
18 SG  ? B CYS 40 ? B CYS 163 ? 1_555 ZN ? F ZN . ? B ZN 1001 ? 1_555 SG  ? B CYS 43 ? B CYS 166 ? 1_555 96.7  ? 
19 SG  ? B CYS 35 ? B CYS 158 ? 1_555 ZN ? G ZN . ? B ZN 1002 ? 1_555 ND1 ? B HIS 37 ? B HIS 160 ? 1_555 113.9 ? 
20 SG  ? B CYS 35 ? B CYS 158 ? 1_555 ZN ? G ZN . ? B ZN 1002 ? 1_555 SG  ? B CYS 54 ? B CYS 177 ? 1_555 110.5 ? 
21 ND1 ? B HIS 37 ? B HIS 160 ? 1_555 ZN ? G ZN . ? B ZN 1002 ? 1_555 SG  ? B CYS 54 ? B CYS 177 ? 1_555 111.3 ? 
22 SG  ? B CYS 35 ? B CYS 158 ? 1_555 ZN ? G ZN . ? B ZN 1002 ? 1_555 SG  ? B CYS 57 ? B CYS 180 ? 1_555 99.9  ? 
23 ND1 ? B HIS 37 ? B HIS 160 ? 1_555 ZN ? G ZN . ? B ZN 1002 ? 1_555 SG  ? B CYS 57 ? B CYS 180 ? 1_555 106.8 ? 
24 SG  ? B CYS 54 ? B CYS 177 ? 1_555 ZN ? G ZN . ? B ZN 1002 ? 1_555 SG  ? B CYS 57 ? B CYS 180 ? 1_555 114.0 ? 
# 
loop_
_struct_sheet.id 
_struct_sheet.type 
_struct_sheet.number_strands 
_struct_sheet.details 
A ? 2 ? 
B ? 2 ? 
# 
loop_
_struct_sheet_order.sheet_id 
_struct_sheet_order.range_id_1 
_struct_sheet_order.range_id_2 
_struct_sheet_order.offset 
_struct_sheet_order.sense 
A 1 2 ? anti-parallel 
B 1 2 ? anti-parallel 
# 
loop_
_struct_sheet_range.sheet_id 
_struct_sheet_range.id 
_struct_sheet_range.beg_label_comp_id 
_struct_sheet_range.beg_label_asym_id 
_struct_sheet_range.beg_label_seq_id 
_struct_sheet_range.pdbx_beg_PDB_ins_code 
_struct_sheet_range.end_label_comp_id 
_struct_sheet_range.end_label_asym_id 
_struct_sheet_range.end_label_seq_id 
_struct_sheet_range.pdbx_end_PDB_ins_code 
_struct_sheet_range.beg_auth_comp_id 
_struct_sheet_range.beg_auth_asym_id 
_struct_sheet_range.beg_auth_seq_id 
_struct_sheet_range.end_auth_comp_id 
_struct_sheet_range.end_auth_asym_id 
_struct_sheet_range.end_auth_seq_id 
A 1 ILE A 30 ? SER A 32 ? ILE A 153 SER A 155 
A 2 VAL A 38 ? CYS A 40 ? VAL A 161 CYS A 163 
B 1 ILE B 30 ? SER B 32 ? ILE B 153 SER B 155 
B 2 VAL B 38 ? CYS B 40 ? VAL B 161 CYS B 163 
# 
loop_
_pdbx_struct_sheet_hbond.sheet_id 
_pdbx_struct_sheet_hbond.range_id_1 
_pdbx_struct_sheet_hbond.range_id_2 
_pdbx_struct_sheet_hbond.range_1_label_atom_id 
_pdbx_struct_sheet_hbond.range_1_label_comp_id 
_pdbx_struct_sheet_hbond.range_1_label_asym_id 
_pdbx_struct_sheet_hbond.range_1_label_seq_id 
_pdbx_struct_sheet_hbond.range_1_PDB_ins_code 
_pdbx_struct_sheet_hbond.range_1_auth_atom_id 
_pdbx_struct_sheet_hbond.range_1_auth_comp_id 
_pdbx_struct_sheet_hbond.range_1_auth_asym_id 
_pdbx_struct_sheet_hbond.range_1_auth_seq_id 
_pdbx_struct_sheet_hbond.range_2_label_atom_id 
_pdbx_struct_sheet_hbond.range_2_label_comp_id 
_pdbx_struct_sheet_hbond.range_2_label_asym_id 
_pdbx_struct_sheet_hbond.range_2_label_seq_id 
_pdbx_struct_sheet_hbond.range_2_PDB_ins_code 
_pdbx_struct_sheet_hbond.range_2_auth_atom_id 
_pdbx_struct_sheet_hbond.range_2_auth_comp_id 
_pdbx_struct_sheet_hbond.range_2_auth_asym_id 
_pdbx_struct_sheet_hbond.range_2_auth_seq_id 
A 1 2 N VAL A 31 ? N VAL A 154 O PHE A 39 ? O PHE A 162 
B 1 2 N VAL B 31 ? N VAL B 154 O PHE B 39 ? O PHE B 162 
# 
loop_
_struct_site.id 
_struct_site.pdbx_evidence_code 
_struct_site.pdbx_auth_asym_id 
_struct_site.pdbx_auth_comp_id 
_struct_site.pdbx_auth_seq_id 
_struct_site.pdbx_auth_ins_code 
_struct_site.pdbx_num_residues 
_struct_site.details 
AC1 Software A ZN  1003 ? 4 'BINDING SITE FOR RESIDUE ZN A 1003' 
AC2 Software A ZN  1004 ? 4 'BINDING SITE FOR RESIDUE ZN A 1004' 
AC3 Software B ZN  1001 ? 4 'BINDING SITE FOR RESIDUE ZN B 1001' 
AC4 Software A SO4 1    ? 5 'BINDING SITE FOR RESIDUE SO4 A 1'   
AC5 Software B ZN  1002 ? 4 'BINDING SITE FOR RESIDUE ZN B 1002' 
# 
loop_
_struct_site_gen.id 
_struct_site_gen.site_id 
_struct_site_gen.pdbx_num_res 
_struct_site_gen.label_comp_id 
_struct_site_gen.label_asym_id 
_struct_site_gen.label_seq_id 
_struct_site_gen.pdbx_auth_ins_code 
_struct_site_gen.auth_comp_id 
_struct_site_gen.auth_asym_id 
_struct_site_gen.auth_seq_id 
_struct_site_gen.label_atom_id 
_struct_site_gen.label_alt_id 
_struct_site_gen.symmetry 
_struct_site_gen.details 
1  AC1 4 CYS A 13 ? CYS A 136 . ? 1_555 ? 
2  AC1 4 CYS A 16 ? CYS A 139 . ? 1_555 ? 
3  AC1 4 CYS A 40 ? CYS A 163 . ? 1_555 ? 
4  AC1 4 CYS A 43 ? CYS A 166 . ? 1_555 ? 
5  AC2 4 CYS A 35 ? CYS A 158 . ? 1_555 ? 
6  AC2 4 HIS A 37 ? HIS A 160 . ? 1_555 ? 
7  AC2 4 CYS A 54 ? CYS A 177 . ? 1_555 ? 
8  AC2 4 CYS A 57 ? CYS A 180 . ? 1_555 ? 
9  AC3 4 CYS B 13 ? CYS B 136 . ? 1_555 ? 
10 AC3 4 CYS B 16 ? CYS B 139 . ? 1_555 ? 
11 AC3 4 CYS B 40 ? CYS B 163 . ? 1_555 ? 
12 AC3 4 CYS B 43 ? CYS B 166 . ? 1_555 ? 
13 AC4 5 GLN A 42 ? GLN A 165 . ? 1_555 ? 
14 AC4 5 ARG A 45 ? ARG A 168 . ? 1_555 ? 
15 AC4 5 LYS A 49 ? LYS A 172 . ? 1_555 ? 
16 AC4 5 ARG A 58 ? ARG A 181 . ? 1_554 ? 
17 AC4 5 SER B 8  ? SER B 131 . ? 4_554 ? 
18 AC5 4 CYS B 35 ? CYS B 158 . ? 1_555 ? 
19 AC5 4 HIS B 37 ? HIS B 160 . ? 1_555 ? 
20 AC5 4 CYS B 54 ? CYS B 177 . ? 1_555 ? 
21 AC5 4 CYS B 57 ? CYS B 180 . ? 1_555 ? 
# 
loop_
_pdbx_validate_torsion.id 
_pdbx_validate_torsion.PDB_model_num 
_pdbx_validate_torsion.auth_comp_id 
_pdbx_validate_torsion.auth_asym_id 
_pdbx_validate_torsion.auth_seq_id 
_pdbx_validate_torsion.PDB_ins_code 
_pdbx_validate_torsion.label_alt_id 
_pdbx_validate_torsion.phi 
_pdbx_validate_torsion.psi 
1 1 LYS A 187 ? ? 16.79  80.54  
2 1 ARG A 188 ? ? -92.05 45.64  
3 1 ILE B 138 ? ? -90.72 -60.58 
# 
_pdbx_validate_peptide_omega.id               1 
_pdbx_validate_peptide_omega.PDB_model_num    1 
_pdbx_validate_peptide_omega.auth_comp_id_1   HIS 
_pdbx_validate_peptide_omega.auth_asym_id_1   A 
_pdbx_validate_peptide_omega.auth_seq_id_1    186 
_pdbx_validate_peptide_omega.PDB_ins_code_1   ? 
_pdbx_validate_peptide_omega.label_alt_id_1   ? 
_pdbx_validate_peptide_omega.auth_comp_id_2   LYS 
_pdbx_validate_peptide_omega.auth_asym_id_2   A 
_pdbx_validate_peptide_omega.auth_seq_id_2    187 
_pdbx_validate_peptide_omega.PDB_ins_code_2   ? 
_pdbx_validate_peptide_omega.label_alt_id_2   ? 
_pdbx_validate_peptide_omega.omega            93.69 
# 
loop_
_pdbx_unobs_or_zero_occ_residues.id 
_pdbx_unobs_or_zero_occ_residues.PDB_model_num 
_pdbx_unobs_or_zero_occ_residues.polymer_flag 
_pdbx_unobs_or_zero_occ_residues.occupancy_flag 
_pdbx_unobs_or_zero_occ_residues.auth_asym_id 
_pdbx_unobs_or_zero_occ_residues.auth_comp_id 
_pdbx_unobs_or_zero_occ_residues.auth_seq_id 
_pdbx_unobs_or_zero_occ_residues.PDB_ins_code 
_pdbx_unobs_or_zero_occ_residues.label_asym_id 
_pdbx_unobs_or_zero_occ_residues.label_comp_id 
_pdbx_unobs_or_zero_occ_residues.label_seq_id 
1 1 Y 1 A GLY 124 ? A GLY 1 
2 1 Y 1 A THR 125 ? A THR 2 
3 1 Y 1 A THR 126 ? A THR 3 
4 1 Y 1 A GLY 127 ? A GLY 4 
5 1 Y 1 A LEU 128 ? A LEU 5 
6 1 Y 1 B GLY 124 ? B GLY 1 
7 1 Y 1 B THR 125 ? B THR 2 
8 1 Y 1 B THR 126 ? B THR 3 
9 1 Y 1 B GLY 127 ? B GLY 4 
# 
loop_
_chem_comp_atom.comp_id 
_chem_comp_atom.atom_id 
_chem_comp_atom.type_symbol 
_chem_comp_atom.pdbx_aromatic_flag 
_chem_comp_atom.pdbx_stereo_config 
_chem_comp_atom.pdbx_ordinal 
ALA N    N  N N 1   
ALA CA   C  N S 2   
ALA C    C  N N 3   
ALA O    O  N N 4   
ALA CB   C  N N 5   
ALA OXT  O  N N 6   
ALA H    H  N N 7   
ALA H2   H  N N 8   
ALA HA   H  N N 9   
ALA HB1  H  N N 10  
ALA HB2  H  N N 11  
ALA HB3  H  N N 12  
ALA HXT  H  N N 13  
ARG N    N  N N 14  
ARG CA   C  N S 15  
ARG C    C  N N 16  
ARG O    O  N N 17  
ARG CB   C  N N 18  
ARG CG   C  N N 19  
ARG CD   C  N N 20  
ARG NE   N  N N 21  
ARG CZ   C  N N 22  
ARG NH1  N  N N 23  
ARG NH2  N  N N 24  
ARG OXT  O  N N 25  
ARG H    H  N N 26  
ARG H2   H  N N 27  
ARG HA   H  N N 28  
ARG HB2  H  N N 29  
ARG HB3  H  N N 30  
ARG HG2  H  N N 31  
ARG HG3  H  N N 32  
ARG HD2  H  N N 33  
ARG HD3  H  N N 34  
ARG HE   H  N N 35  
ARG HH11 H  N N 36  
ARG HH12 H  N N 37  
ARG HH21 H  N N 38  
ARG HH22 H  N N 39  
ARG HXT  H  N N 40  
ASN N    N  N N 41  
ASN CA   C  N S 42  
ASN C    C  N N 43  
ASN O    O  N N 44  
ASN CB   C  N N 45  
ASN CG   C  N N 46  
ASN OD1  O  N N 47  
ASN ND2  N  N N 48  
ASN OXT  O  N N 49  
ASN H    H  N N 50  
ASN H2   H  N N 51  
ASN HA   H  N N 52  
ASN HB2  H  N N 53  
ASN HB3  H  N N 54  
ASN HD21 H  N N 55  
ASN HD22 H  N N 56  
ASN HXT  H  N N 57  
ASP N    N  N N 58  
ASP CA   C  N S 59  
ASP C    C  N N 60  
ASP O    O  N N 61  
ASP CB   C  N N 62  
ASP CG   C  N N 63  
ASP OD1  O  N N 64  
ASP OD2  O  N N 65  
ASP OXT  O  N N 66  
ASP H    H  N N 67  
ASP H2   H  N N 68  
ASP HA   H  N N 69  
ASP HB2  H  N N 70  
ASP HB3  H  N N 71  
ASP HD2  H  N N 72  
ASP HXT  H  N N 73  
CYS N    N  N N 74  
CYS CA   C  N R 75  
CYS C    C  N N 76  
CYS O    O  N N 77  
CYS CB   C  N N 78  
CYS SG   S  N N 79  
CYS OXT  O  N N 80  
CYS H    H  N N 81  
CYS H2   H  N N 82  
CYS HA   H  N N 83  
CYS HB2  H  N N 84  
CYS HB3  H  N N 85  
CYS HG   H  N N 86  
CYS HXT  H  N N 87  
GLN N    N  N N 88  
GLN CA   C  N S 89  
GLN C    C  N N 90  
GLN O    O  N N 91  
GLN CB   C  N N 92  
GLN CG   C  N N 93  
GLN CD   C  N N 94  
GLN OE1  O  N N 95  
GLN NE2  N  N N 96  
GLN OXT  O  N N 97  
GLN H    H  N N 98  
GLN H2   H  N N 99  
GLN HA   H  N N 100 
GLN HB2  H  N N 101 
GLN HB3  H  N N 102 
GLN HG2  H  N N 103 
GLN HG3  H  N N 104 
GLN HE21 H  N N 105 
GLN HE22 H  N N 106 
GLN HXT  H  N N 107 
GLU N    N  N N 108 
GLU CA   C  N S 109 
GLU C    C  N N 110 
GLU O    O  N N 111 
GLU CB   C  N N 112 
GLU CG   C  N N 113 
GLU CD   C  N N 114 
GLU OE1  O  N N 115 
GLU OE2  O  N N 116 
GLU OXT  O  N N 117 
GLU H    H  N N 118 
GLU H2   H  N N 119 
GLU HA   H  N N 120 
GLU HB2  H  N N 121 
GLU HB3  H  N N 122 
GLU HG2  H  N N 123 
GLU HG3  H  N N 124 
GLU HE2  H  N N 125 
GLU HXT  H  N N 126 
GLY N    N  N N 127 
GLY CA   C  N N 128 
GLY C    C  N N 129 
GLY O    O  N N 130 
GLY OXT  O  N N 131 
GLY H    H  N N 132 
GLY H2   H  N N 133 
GLY HA2  H  N N 134 
GLY HA3  H  N N 135 
GLY HXT  H  N N 136 
HIS N    N  N N 137 
HIS CA   C  N S 138 
HIS C    C  N N 139 
HIS O    O  N N 140 
HIS CB   C  N N 141 
HIS CG   C  Y N 142 
HIS ND1  N  Y N 143 
HIS CD2  C  Y N 144 
HIS CE1  C  Y N 145 
HIS NE2  N  Y N 146 
HIS OXT  O  N N 147 
HIS H    H  N N 148 
HIS H2   H  N N 149 
HIS HA   H  N N 150 
HIS HB2  H  N N 151 
HIS HB3  H  N N 152 
HIS HD1  H  N N 153 
HIS HD2  H  N N 154 
HIS HE1  H  N N 155 
HIS HE2  H  N N 156 
HIS HXT  H  N N 157 
HOH O    O  N N 158 
HOH H1   H  N N 159 
HOH H2   H  N N 160 
ILE N    N  N N 161 
ILE CA   C  N S 162 
ILE C    C  N N 163 
ILE O    O  N N 164 
ILE CB   C  N S 165 
ILE CG1  C  N N 166 
ILE CG2  C  N N 167 
ILE CD1  C  N N 168 
ILE OXT  O  N N 169 
ILE H    H  N N 170 
ILE H2   H  N N 171 
ILE HA   H  N N 172 
ILE HB   H  N N 173 
ILE HG12 H  N N 174 
ILE HG13 H  N N 175 
ILE HG21 H  N N 176 
ILE HG22 H  N N 177 
ILE HG23 H  N N 178 
ILE HD11 H  N N 179 
ILE HD12 H  N N 180 
ILE HD13 H  N N 181 
ILE HXT  H  N N 182 
LEU N    N  N N 183 
LEU CA   C  N S 184 
LEU C    C  N N 185 
LEU O    O  N N 186 
LEU CB   C  N N 187 
LEU CG   C  N N 188 
LEU CD1  C  N N 189 
LEU CD2  C  N N 190 
LEU OXT  O  N N 191 
LEU H    H  N N 192 
LEU H2   H  N N 193 
LEU HA   H  N N 194 
LEU HB2  H  N N 195 
LEU HB3  H  N N 196 
LEU HG   H  N N 197 
LEU HD11 H  N N 198 
LEU HD12 H  N N 199 
LEU HD13 H  N N 200 
LEU HD21 H  N N 201 
LEU HD22 H  N N 202 
LEU HD23 H  N N 203 
LEU HXT  H  N N 204 
LYS N    N  N N 205 
LYS CA   C  N S 206 
LYS C    C  N N 207 
LYS O    O  N N 208 
LYS CB   C  N N 209 
LYS CG   C  N N 210 
LYS CD   C  N N 211 
LYS CE   C  N N 212 
LYS NZ   N  N N 213 
LYS OXT  O  N N 214 
LYS H    H  N N 215 
LYS H2   H  N N 216 
LYS HA   H  N N 217 
LYS HB2  H  N N 218 
LYS HB3  H  N N 219 
LYS HG2  H  N N 220 
LYS HG3  H  N N 221 
LYS HD2  H  N N 222 
LYS HD3  H  N N 223 
LYS HE2  H  N N 224 
LYS HE3  H  N N 225 
LYS HZ1  H  N N 226 
LYS HZ2  H  N N 227 
LYS HZ3  H  N N 228 
LYS HXT  H  N N 229 
MET N    N  N N 230 
MET CA   C  N S 231 
MET C    C  N N 232 
MET O    O  N N 233 
MET CB   C  N N 234 
MET CG   C  N N 235 
MET SD   S  N N 236 
MET CE   C  N N 237 
MET OXT  O  N N 238 
MET H    H  N N 239 
MET H2   H  N N 240 
MET HA   H  N N 241 
MET HB2  H  N N 242 
MET HB3  H  N N 243 
MET HG2  H  N N 244 
MET HG3  H  N N 245 
MET HE1  H  N N 246 
MET HE2  H  N N 247 
MET HE3  H  N N 248 
MET HXT  H  N N 249 
PHE N    N  N N 250 
PHE CA   C  N S 251 
PHE C    C  N N 252 
PHE O    O  N N 253 
PHE CB   C  N N 254 
PHE CG   C  Y N 255 
PHE CD1  C  Y N 256 
PHE CD2  C  Y N 257 
PHE CE1  C  Y N 258 
PHE CE2  C  Y N 259 
PHE CZ   C  Y N 260 
PHE OXT  O  N N 261 
PHE H    H  N N 262 
PHE H2   H  N N 263 
PHE HA   H  N N 264 
PHE HB2  H  N N 265 
PHE HB3  H  N N 266 
PHE HD1  H  N N 267 
PHE HD2  H  N N 268 
PHE HE1  H  N N 269 
PHE HE2  H  N N 270 
PHE HZ   H  N N 271 
PHE HXT  H  N N 272 
PRO N    N  N N 273 
PRO CA   C  N S 274 
PRO C    C  N N 275 
PRO O    O  N N 276 
PRO CB   C  N N 277 
PRO CG   C  N N 278 
PRO CD   C  N N 279 
PRO OXT  O  N N 280 
PRO H    H  N N 281 
PRO HA   H  N N 282 
PRO HB2  H  N N 283 
PRO HB3  H  N N 284 
PRO HG2  H  N N 285 
PRO HG3  H  N N 286 
PRO HD2  H  N N 287 
PRO HD3  H  N N 288 
PRO HXT  H  N N 289 
SER N    N  N N 290 
SER CA   C  N S 291 
SER C    C  N N 292 
SER O    O  N N 293 
SER CB   C  N N 294 
SER OG   O  N N 295 
SER OXT  O  N N 296 
SER H    H  N N 297 
SER H2   H  N N 298 
SER HA   H  N N 299 
SER HB2  H  N N 300 
SER HB3  H  N N 301 
SER HG   H  N N 302 
SER HXT  H  N N 303 
SO4 S    S  N N 304 
SO4 O1   O  N N 305 
SO4 O2   O  N N 306 
SO4 O3   O  N N 307 
SO4 O4   O  N N 308 
THR N    N  N N 309 
THR CA   C  N S 310 
THR C    C  N N 311 
THR O    O  N N 312 
THR CB   C  N R 313 
THR OG1  O  N N 314 
THR CG2  C  N N 315 
THR OXT  O  N N 316 
THR H    H  N N 317 
THR H2   H  N N 318 
THR HA   H  N N 319 
THR HB   H  N N 320 
THR HG1  H  N N 321 
THR HG21 H  N N 322 
THR HG22 H  N N 323 
THR HG23 H  N N 324 
THR HXT  H  N N 325 
TYR N    N  N N 326 
TYR CA   C  N S 327 
TYR C    C  N N 328 
TYR O    O  N N 329 
TYR CB   C  N N 330 
TYR CG   C  Y N 331 
TYR CD1  C  Y N 332 
TYR CD2  C  Y N 333 
TYR CE1  C  Y N 334 
TYR CE2  C  Y N 335 
TYR CZ   C  Y N 336 
TYR OH   O  N N 337 
TYR OXT  O  N N 338 
TYR H    H  N N 339 
TYR H2   H  N N 340 
TYR HA   H  N N 341 
TYR HB2  H  N N 342 
TYR HB3  H  N N 343 
TYR HD1  H  N N 344 
TYR HD2  H  N N 345 
TYR HE1  H  N N 346 
TYR HE2  H  N N 347 
TYR HH   H  N N 348 
TYR HXT  H  N N 349 
VAL N    N  N N 350 
VAL CA   C  N S 351 
VAL C    C  N N 352 
VAL O    O  N N 353 
VAL CB   C  N N 354 
VAL CG1  C  N N 355 
VAL CG2  C  N N 356 
VAL OXT  O  N N 357 
VAL H    H  N N 358 
VAL H2   H  N N 359 
VAL HA   H  N N 360 
VAL HB   H  N N 361 
VAL HG11 H  N N 362 
VAL HG12 H  N N 363 
VAL HG13 H  N N 364 
VAL HG21 H  N N 365 
VAL HG22 H  N N 366 
VAL HG23 H  N N 367 
VAL HXT  H  N N 368 
ZN  ZN   ZN N N 369 
# 
loop_
_chem_comp_bond.comp_id 
_chem_comp_bond.atom_id_1 
_chem_comp_bond.atom_id_2 
_chem_comp_bond.value_order 
_chem_comp_bond.pdbx_aromatic_flag 
_chem_comp_bond.pdbx_stereo_config 
_chem_comp_bond.pdbx_ordinal 
ALA N   CA   sing N N 1   
ALA N   H    sing N N 2   
ALA N   H2   sing N N 3   
ALA CA  C    sing N N 4   
ALA CA  CB   sing N N 5   
ALA CA  HA   sing N N 6   
ALA C   O    doub N N 7   
ALA C   OXT  sing N N 8   
ALA CB  HB1  sing N N 9   
ALA CB  HB2  sing N N 10  
ALA CB  HB3  sing N N 11  
ALA OXT HXT  sing N N 12  
ARG N   CA   sing N N 13  
ARG N   H    sing N N 14  
ARG N   H2   sing N N 15  
ARG CA  C    sing N N 16  
ARG CA  CB   sing N N 17  
ARG CA  HA   sing N N 18  
ARG C   O    doub N N 19  
ARG C   OXT  sing N N 20  
ARG CB  CG   sing N N 21  
ARG CB  HB2  sing N N 22  
ARG CB  HB3  sing N N 23  
ARG CG  CD   sing N N 24  
ARG CG  HG2  sing N N 25  
ARG CG  HG3  sing N N 26  
ARG CD  NE   sing N N 27  
ARG CD  HD2  sing N N 28  
ARG CD  HD3  sing N N 29  
ARG NE  CZ   sing N N 30  
ARG NE  HE   sing N N 31  
ARG CZ  NH1  sing N N 32  
ARG CZ  NH2  doub N N 33  
ARG NH1 HH11 sing N N 34  
ARG NH1 HH12 sing N N 35  
ARG NH2 HH21 sing N N 36  
ARG NH2 HH22 sing N N 37  
ARG OXT HXT  sing N N 38  
ASN N   CA   sing N N 39  
ASN N   H    sing N N 40  
ASN N   H2   sing N N 41  
ASN CA  C    sing N N 42  
ASN CA  CB   sing N N 43  
ASN CA  HA   sing N N 44  
ASN C   O    doub N N 45  
ASN C   OXT  sing N N 46  
ASN CB  CG   sing N N 47  
ASN CB  HB2  sing N N 48  
ASN CB  HB3  sing N N 49  
ASN CG  OD1  doub N N 50  
ASN CG  ND2  sing N N 51  
ASN ND2 HD21 sing N N 52  
ASN ND2 HD22 sing N N 53  
ASN OXT HXT  sing N N 54  
ASP N   CA   sing N N 55  
ASP N   H    sing N N 56  
ASP N   H2   sing N N 57  
ASP CA  C    sing N N 58  
ASP CA  CB   sing N N 59  
ASP CA  HA   sing N N 60  
ASP C   O    doub N N 61  
ASP C   OXT  sing N N 62  
ASP CB  CG   sing N N 63  
ASP CB  HB2  sing N N 64  
ASP CB  HB3  sing N N 65  
ASP CG  OD1  doub N N 66  
ASP CG  OD2  sing N N 67  
ASP OD2 HD2  sing N N 68  
ASP OXT HXT  sing N N 69  
CYS N   CA   sing N N 70  
CYS N   H    sing N N 71  
CYS N   H2   sing N N 72  
CYS CA  C    sing N N 73  
CYS CA  CB   sing N N 74  
CYS CA  HA   sing N N 75  
CYS C   O    doub N N 76  
CYS C   OXT  sing N N 77  
CYS CB  SG   sing N N 78  
CYS CB  HB2  sing N N 79  
CYS CB  HB3  sing N N 80  
CYS SG  HG   sing N N 81  
CYS OXT HXT  sing N N 82  
GLN N   CA   sing N N 83  
GLN N   H    sing N N 84  
GLN N   H2   sing N N 85  
GLN CA  C    sing N N 86  
GLN CA  CB   sing N N 87  
GLN CA  HA   sing N N 88  
GLN C   O    doub N N 89  
GLN C   OXT  sing N N 90  
GLN CB  CG   sing N N 91  
GLN CB  HB2  sing N N 92  
GLN CB  HB3  sing N N 93  
GLN CG  CD   sing N N 94  
GLN CG  HG2  sing N N 95  
GLN CG  HG3  sing N N 96  
GLN CD  OE1  doub N N 97  
GLN CD  NE2  sing N N 98  
GLN NE2 HE21 sing N N 99  
GLN NE2 HE22 sing N N 100 
GLN OXT HXT  sing N N 101 
GLU N   CA   sing N N 102 
GLU N   H    sing N N 103 
GLU N   H2   sing N N 104 
GLU CA  C    sing N N 105 
GLU CA  CB   sing N N 106 
GLU CA  HA   sing N N 107 
GLU C   O    doub N N 108 
GLU C   OXT  sing N N 109 
GLU CB  CG   sing N N 110 
GLU CB  HB2  sing N N 111 
GLU CB  HB3  sing N N 112 
GLU CG  CD   sing N N 113 
GLU CG  HG2  sing N N 114 
GLU CG  HG3  sing N N 115 
GLU CD  OE1  doub N N 116 
GLU CD  OE2  sing N N 117 
GLU OE2 HE2  sing N N 118 
GLU OXT HXT  sing N N 119 
GLY N   CA   sing N N 120 
GLY N   H    sing N N 121 
GLY N   H2   sing N N 122 
GLY CA  C    sing N N 123 
GLY CA  HA2  sing N N 124 
GLY CA  HA3  sing N N 125 
GLY C   O    doub N N 126 
GLY C   OXT  sing N N 127 
GLY OXT HXT  sing N N 128 
HIS N   CA   sing N N 129 
HIS N   H    sing N N 130 
HIS N   H2   sing N N 131 
HIS CA  C    sing N N 132 
HIS CA  CB   sing N N 133 
HIS CA  HA   sing N N 134 
HIS C   O    doub N N 135 
HIS C   OXT  sing N N 136 
HIS CB  CG   sing N N 137 
HIS CB  HB2  sing N N 138 
HIS CB  HB3  sing N N 139 
HIS CG  ND1  sing Y N 140 
HIS CG  CD2  doub Y N 141 
HIS ND1 CE1  doub Y N 142 
HIS ND1 HD1  sing N N 143 
HIS CD2 NE2  sing Y N 144 
HIS CD2 HD2  sing N N 145 
HIS CE1 NE2  sing Y N 146 
HIS CE1 HE1  sing N N 147 
HIS NE2 HE2  sing N N 148 
HIS OXT HXT  sing N N 149 
HOH O   H1   sing N N 150 
HOH O   H2   sing N N 151 
ILE N   CA   sing N N 152 
ILE N   H    sing N N 153 
ILE N   H2   sing N N 154 
ILE CA  C    sing N N 155 
ILE CA  CB   sing N N 156 
ILE CA  HA   sing N N 157 
ILE C   O    doub N N 158 
ILE C   OXT  sing N N 159 
ILE CB  CG1  sing N N 160 
ILE CB  CG2  sing N N 161 
ILE CB  HB   sing N N 162 
ILE CG1 CD1  sing N N 163 
ILE CG1 HG12 sing N N 164 
ILE CG1 HG13 sing N N 165 
ILE CG2 HG21 sing N N 166 
ILE CG2 HG22 sing N N 167 
ILE CG2 HG23 sing N N 168 
ILE CD1 HD11 sing N N 169 
ILE CD1 HD12 sing N N 170 
ILE CD1 HD13 sing N N 171 
ILE OXT HXT  sing N N 172 
LEU N   CA   sing N N 173 
LEU N   H    sing N N 174 
LEU N   H2   sing N N 175 
LEU CA  C    sing N N 176 
LEU CA  CB   sing N N 177 
LEU CA  HA   sing N N 178 
LEU C   O    doub N N 179 
LEU C   OXT  sing N N 180 
LEU CB  CG   sing N N 181 
LEU CB  HB2  sing N N 182 
LEU CB  HB3  sing N N 183 
LEU CG  CD1  sing N N 184 
LEU CG  CD2  sing N N 185 
LEU CG  HG   sing N N 186 
LEU CD1 HD11 sing N N 187 
LEU CD1 HD12 sing N N 188 
LEU CD1 HD13 sing N N 189 
LEU CD2 HD21 sing N N 190 
LEU CD2 HD22 sing N N 191 
LEU CD2 HD23 sing N N 192 
LEU OXT HXT  sing N N 193 
LYS N   CA   sing N N 194 
LYS N   H    sing N N 195 
LYS N   H2   sing N N 196 
LYS CA  C    sing N N 197 
LYS CA  CB   sing N N 198 
LYS CA  HA   sing N N 199 
LYS C   O    doub N N 200 
LYS C   OXT  sing N N 201 
LYS CB  CG   sing N N 202 
LYS CB  HB2  sing N N 203 
LYS CB  HB3  sing N N 204 
LYS CG  CD   sing N N 205 
LYS CG  HG2  sing N N 206 
LYS CG  HG3  sing N N 207 
LYS CD  CE   sing N N 208 
LYS CD  HD2  sing N N 209 
LYS CD  HD3  sing N N 210 
LYS CE  NZ   sing N N 211 
LYS CE  HE2  sing N N 212 
LYS CE  HE3  sing N N 213 
LYS NZ  HZ1  sing N N 214 
LYS NZ  HZ2  sing N N 215 
LYS NZ  HZ3  sing N N 216 
LYS OXT HXT  sing N N 217 
MET N   CA   sing N N 218 
MET N   H    sing N N 219 
MET N   H2   sing N N 220 
MET CA  C    sing N N 221 
MET CA  CB   sing N N 222 
MET CA  HA   sing N N 223 
MET C   O    doub N N 224 
MET C   OXT  sing N N 225 
MET CB  CG   sing N N 226 
MET CB  HB2  sing N N 227 
MET CB  HB3  sing N N 228 
MET CG  SD   sing N N 229 
MET CG  HG2  sing N N 230 
MET CG  HG3  sing N N 231 
MET SD  CE   sing N N 232 
MET CE  HE1  sing N N 233 
MET CE  HE2  sing N N 234 
MET CE  HE3  sing N N 235 
MET OXT HXT  sing N N 236 
PHE N   CA   sing N N 237 
PHE N   H    sing N N 238 
PHE N   H2   sing N N 239 
PHE CA  C    sing N N 240 
PHE CA  CB   sing N N 241 
PHE CA  HA   sing N N 242 
PHE C   O    doub N N 243 
PHE C   OXT  sing N N 244 
PHE CB  CG   sing N N 245 
PHE CB  HB2  sing N N 246 
PHE CB  HB3  sing N N 247 
PHE CG  CD1  doub Y N 248 
PHE CG  CD2  sing Y N 249 
PHE CD1 CE1  sing Y N 250 
PHE CD1 HD1  sing N N 251 
PHE CD2 CE2  doub Y N 252 
PHE CD2 HD2  sing N N 253 
PHE CE1 CZ   doub Y N 254 
PHE CE1 HE1  sing N N 255 
PHE CE2 CZ   sing Y N 256 
PHE CE2 HE2  sing N N 257 
PHE CZ  HZ   sing N N 258 
PHE OXT HXT  sing N N 259 
PRO N   CA   sing N N 260 
PRO N   CD   sing N N 261 
PRO N   H    sing N N 262 
PRO CA  C    sing N N 263 
PRO CA  CB   sing N N 264 
PRO CA  HA   sing N N 265 
PRO C   O    doub N N 266 
PRO C   OXT  sing N N 267 
PRO CB  CG   sing N N 268 
PRO CB  HB2  sing N N 269 
PRO CB  HB3  sing N N 270 
PRO CG  CD   sing N N 271 
PRO CG  HG2  sing N N 272 
PRO CG  HG3  sing N N 273 
PRO CD  HD2  sing N N 274 
PRO CD  HD3  sing N N 275 
PRO OXT HXT  sing N N 276 
SER N   CA   sing N N 277 
SER N   H    sing N N 278 
SER N   H2   sing N N 279 
SER CA  C    sing N N 280 
SER CA  CB   sing N N 281 
SER CA  HA   sing N N 282 
SER C   O    doub N N 283 
SER C   OXT  sing N N 284 
SER CB  OG   sing N N 285 
SER CB  HB2  sing N N 286 
SER CB  HB3  sing N N 287 
SER OG  HG   sing N N 288 
SER OXT HXT  sing N N 289 
SO4 S   O1   doub N N 290 
SO4 S   O2   doub N N 291 
SO4 S   O3   sing N N 292 
SO4 S   O4   sing N N 293 
THR N   CA   sing N N 294 
THR N   H    sing N N 295 
THR N   H2   sing N N 296 
THR CA  C    sing N N 297 
THR CA  CB   sing N N 298 
THR CA  HA   sing N N 299 
THR C   O    doub N N 300 
THR C   OXT  sing N N 301 
THR CB  OG1  sing N N 302 
THR CB  CG2  sing N N 303 
THR CB  HB   sing N N 304 
THR OG1 HG1  sing N N 305 
THR CG2 HG21 sing N N 306 
THR CG2 HG22 sing N N 307 
THR CG2 HG23 sing N N 308 
THR OXT HXT  sing N N 309 
TYR N   CA   sing N N 310 
TYR N   H    sing N N 311 
TYR N   H2   sing N N 312 
TYR CA  C    sing N N 313 
TYR CA  CB   sing N N 314 
TYR CA  HA   sing N N 315 
TYR C   O    doub N N 316 
TYR C   OXT  sing N N 317 
TYR CB  CG   sing N N 318 
TYR CB  HB2  sing N N 319 
TYR CB  HB3  sing N N 320 
TYR CG  CD1  doub Y N 321 
TYR CG  CD2  sing Y N 322 
TYR CD1 CE1  sing Y N 323 
TYR CD1 HD1  sing N N 324 
TYR CD2 CE2  doub Y N 325 
TYR CD2 HD2  sing N N 326 
TYR CE1 CZ   doub Y N 327 
TYR CE1 HE1  sing N N 328 
TYR CE2 CZ   sing Y N 329 
TYR CE2 HE2  sing N N 330 
TYR CZ  OH   sing N N 331 
TYR OH  HH   sing N N 332 
TYR OXT HXT  sing N N 333 
VAL N   CA   sing N N 334 
VAL N   H    sing N N 335 
VAL N   H2   sing N N 336 
VAL CA  C    sing N N 337 
VAL CA  CB   sing N N 338 
VAL CA  HA   sing N N 339 
VAL C   O    doub N N 340 
VAL C   OXT  sing N N 341 
VAL CB  CG1  sing N N 342 
VAL CB  CG2  sing N N 343 
VAL CB  HB   sing N N 344 
VAL CG1 HG11 sing N N 345 
VAL CG1 HG12 sing N N 346 
VAL CG1 HG13 sing N N 347 
VAL CG2 HG21 sing N N 348 
VAL CG2 HG22 sing N N 349 
VAL CG2 HG23 sing N N 350 
VAL OXT HXT  sing N N 351 
# 
_atom_sites.entry_id                    3NG2 
_atom_sites.fract_transf_matrix[1][1]   -0.01007090 
_atom_sites.fract_transf_matrix[1][2]   0.01278836 
_atom_sites.fract_transf_matrix[1][3]   -0.00523223 
_atom_sites.fract_transf_matrix[2][1]   0.00004029 
_atom_sites.fract_transf_matrix[2][2]   0.00443412 
_atom_sites.fract_transf_matrix[2][3]   0.01076011 
_atom_sites.fract_transf_matrix[3][1]   0.03627561 
_atom_sites.fract_transf_matrix[3][2]   0.02439809 
_atom_sites.fract_transf_matrix[3][3]   -0.01018999 
_atom_sites.fract_transf_vector[1]      -0.166497 
_atom_sites.fract_transf_vector[2]      0.111624 
_atom_sites.fract_transf_vector[3]      -0.015352 
# 
loop_
_atom_type.symbol 
C  
N  
O  
S  
ZN 
# 
loop_
_atom_site.group_PDB 
_atom_site.id 
_atom_site.type_symbol 
_atom_site.label_atom_id 
_atom_site.label_alt_id 
_atom_site.label_comp_id 
_atom_site.label_asym_id 
_atom_site.label_entity_id 
_atom_site.label_seq_id 
_atom_site.pdbx_PDB_ins_code 
_atom_site.Cartn_x 
_atom_site.Cartn_y 
_atom_site.Cartn_z 
_atom_site.occupancy 
_atom_site.B_iso_or_equiv 
_atom_site.pdbx_formal_charge 
_atom_site.auth_seq_id 
_atom_site.auth_comp_id 
_atom_site.auth_asym_id 
_atom_site.auth_atom_id 
_atom_site.pdbx_PDB_model_num 
ATOM   1    N  N   . ARG A 1 6  ? 7.438   6.682   14.397  1.00 36.12 ? 129  ARG A N   1 
ATOM   2    C  CA  . ARG A 1 6  ? 8.690   6.554   15.229  1.00 35.75 ? 129  ARG A CA  1 
ATOM   3    C  C   . ARG A 1 6  ? 9.813   5.748   14.529  1.00 34.79 ? 129  ARG A C   1 
ATOM   4    O  O   . ARG A 1 6  ? 10.054  5.985   13.344  1.00 35.45 ? 129  ARG A O   1 
ATOM   5    C  CB  . ARG A 1 6  ? 8.358   6.043   16.617  1.00 36.15 ? 129  ARG A CB  1 
ATOM   6    C  CG  . ARG A 1 6  ? 7.198   6.735   17.284  1.00 37.94 ? 129  ARG A CG  1 
ATOM   7    C  CD  . ARG A 1 6  ? 7.358   6.668   18.792  1.00 39.86 ? 129  ARG A CD  1 
ATOM   8    N  NE  . ARG A 1 6  ? 8.704   7.069   19.181  0.50 40.67 ? 129  ARG A NE  1 
ATOM   9    C  CZ  . ARG A 1 6  ? 9.091   8.324   19.387  0.50 41.85 ? 129  ARG A CZ  1 
ATOM   10   N  NH1 . ARG A 1 6  ? 8.228   9.331   19.259  0.50 42.01 ? 129  ARG A NH1 1 
ATOM   11   N  NH2 . ARG A 1 6  ? 10.348  8.574   19.728  0.50 41.74 ? 129  ARG A NH2 1 
ATOM   12   N  N   . PRO A 1 7  ? 10.515  4.812   15.223  1.00 33.63 ? 130  PRO A N   1 
ATOM   13   C  CA  . PRO A 1 7  ? 11.660  4.195   14.519  1.00 32.59 ? 130  PRO A CA  1 
ATOM   14   C  C   . PRO A 1 7  ? 11.294  3.367   13.273  1.00 31.76 ? 130  PRO A C   1 
ATOM   15   O  O   . PRO A 1 7  ? 10.149  2.955   13.138  1.00 31.08 ? 130  PRO A O   1 
ATOM   16   C  CB  . PRO A 1 7  ? 12.283  3.292   15.587  1.00 33.22 ? 130  PRO A CB  1 
ATOM   17   C  CG  . PRO A 1 7  ? 11.177  2.997   16.531  1.00 33.76 ? 130  PRO A CG  1 
ATOM   18   C  CD  . PRO A 1 7  ? 10.329  4.230   16.566  1.00 33.69 ? 130  PRO A CD  1 
ATOM   19   N  N   . SER A 1 8  ? 12.274  3.125   12.391  1.00 30.92 ? 131  SER A N   1 
ATOM   20   C  CA  . SER A 1 8  ? 12.080  2.315   11.184  1.00 29.75 ? 131  SER A CA  1 
ATOM   21   C  C   . SER A 1 8  ? 11.313  1.047   11.526  1.00 28.25 ? 131  SER A C   1 
ATOM   22   O  O   . SER A 1 8  ? 11.667  0.359   12.475  1.00 28.18 ? 131  SER A O   1 
ATOM   23   C  CB  . SER A 1 8  ? 13.426  1.928   10.569  1.00 30.77 ? 131  SER A CB  1 
ATOM   24   O  OG  . SER A 1 8  ? 14.117  3.082   10.133  1.00 32.65 ? 131  SER A OG  1 
ATOM   25   N  N   . GLY A 1 9  ? 10.250  0.761   10.777  1.00 26.20 ? 132  GLY A N   1 
ATOM   26   C  CA  . GLY A 1 9  ? 9.461   -0.472  10.994  1.00 24.81 ? 132  GLY A CA  1 
ATOM   27   C  C   . GLY A 1 9  ? 8.272   -0.275  11.916  1.00 24.35 ? 132  GLY A C   1 
ATOM   28   O  O   . GLY A 1 9  ? 7.543   -1.227  12.210  1.00 23.26 ? 132  GLY A O   1 
ATOM   29   N  N   . THR A 1 10 ? 8.080   0.963   12.376  1.00 23.66 ? 133  THR A N   1 
ATOM   30   C  CA  . THR A 1 10 ? 6.894   1.326   13.130  1.00 24.08 ? 133  THR A CA  1 
ATOM   31   C  C   . THR A 1 10 ? 5.788   1.638   12.150  1.00 24.89 ? 133  THR A C   1 
ATOM   32   O  O   . THR A 1 10 ? 5.950   2.467   11.229  1.00 25.18 ? 133  THR A O   1 
ATOM   33   C  CB  . THR A 1 10 ? 7.127   2.545   14.060  1.00 24.24 ? 133  THR A CB  1 
ATOM   34   O  OG1 . THR A 1 10 ? 8.262   2.285   14.894  1.00 24.73 ? 133  THR A OG1 1 
ATOM   35   C  CG2 . THR A 1 10 ? 5.914   2.804   14.938  1.00 24.77 ? 133  THR A CG2 1 
ATOM   36   N  N   . VAL A 1 11 ? 4.675   0.941   12.308  1.00 24.13 ? 134  VAL A N   1 
ATOM   37   C  CA  . VAL A 1 11 ? 3.524   1.197   11.477  1.00 25.08 ? 134  VAL A CA  1 
ATOM   38   C  C   . VAL A 1 11 ? 2.674   2.107   12.373  1.00 25.56 ? 134  VAL A C   1 
ATOM   39   O  O   . VAL A 1 11 ? 2.003   1.644   13.306  1.00 25.83 ? 134  VAL A O   1 
ATOM   40   C  CB  . VAL A 1 11 ? 2.781   -0.109  11.110  1.00 25.54 ? 134  VAL A CB  1 
ATOM   41   C  CG1 . VAL A 1 11 ? 1.523   0.151   10.245  1.00 25.88 ? 134  VAL A CG1 1 
ATOM   42   C  CG2 . VAL A 1 11 ? 3.706   -1.088  10.373  1.00 24.69 ? 134  VAL A CG2 1 
ATOM   43   N  N   . SER A 1 12 ? 2.718   3.398   12.099  1.00 24.53 ? 135  SER A N   1 
ATOM   44   C  CA  . SER A 1 12 ? 1.850   4.317   12.825  1.00 23.80 ? 135  SER A CA  1 
ATOM   45   C  C   . SER A 1 12 ? 1.478   5.484   11.939  1.00 22.22 ? 135  SER A C   1 
ATOM   46   O  O   . SER A 1 12 ? 2.074   5.678   10.880  1.00 21.69 ? 135  SER A O   1 
ATOM   47   C  CB  . SER A 1 12 ? 2.548   4.793   14.092  1.00 23.49 ? 135  SER A CB  1 
ATOM   48   O  OG  . SER A 1 12 ? 3.671   5.568   13.766  1.00 27.82 ? 135  SER A OG  1 
ATOM   49   N  N   . CYS A 1 13 ? 0.459   6.239   12.350  1.00 20.05 ? 136  CYS A N   1 
ATOM   50   C  CA  . CYS A 1 13 ? 0.040   7.412   11.602  1.00 19.31 ? 136  CYS A CA  1 
ATOM   51   C  C   . CYS A 1 13 ? 0.786   8.620   12.112  1.00 19.70 ? 136  CYS A C   1 
ATOM   52   O  O   . CYS A 1 13 ? 0.750   8.891   13.311  1.00 17.80 ? 136  CYS A O   1 
ATOM   53   C  CB  . CYS A 1 13 ? -1.459  7.662   11.818  1.00 18.65 ? 136  CYS A CB  1 
ATOM   54   S  SG  . CYS A 1 13 ? -2.136  9.006   10.845  1.00 15.10 ? 136  CYS A SG  1 
ATOM   55   N  N   . PRO A 1 14 ? 1.441   9.366   11.207  1.00 19.11 ? 137  PRO A N   1 
ATOM   56   C  CA  . PRO A 1 14 ? 2.212   10.533  11.638  1.00 20.91 ? 137  PRO A CA  1 
ATOM   57   C  C   . PRO A 1 14 ? 1.337   11.745  11.973  1.00 21.85 ? 137  PRO A C   1 
ATOM   58   O  O   . PRO A 1 14 ? 1.797   12.659  12.665  1.00 23.49 ? 137  PRO A O   1 
ATOM   59   C  CB  . PRO A 1 14 ? 3.108   10.826  10.425  1.00 21.96 ? 137  PRO A CB  1 
ATOM   60   C  CG  . PRO A 1 14 ? 2.330   10.308  9.253   1.00 19.88 ? 137  PRO A CG  1 
ATOM   61   C  CD  . PRO A 1 14 ? 1.576   9.109   9.761   1.00 20.22 ? 137  PRO A CD  1 
ATOM   62   N  N   . ILE A 1 15 ? 0.089   11.744  11.515  1.00 20.59 ? 138  ILE A N   1 
ATOM   63   C  CA  . ILE A 1 15 ? -0.839  12.849  11.763  1.00 20.61 ? 138  ILE A CA  1 
ATOM   64   C  C   . ILE A 1 15 ? -1.486  12.792  13.161  1.00 21.65 ? 138  ILE A C   1 
ATOM   65   O  O   . ILE A 1 15 ? -1.387  13.755  13.916  1.00 22.85 ? 138  ILE A O   1 
ATOM   66   C  CB  . ILE A 1 15 ? -1.928  12.931  10.668  1.00 21.04 ? 138  ILE A CB  1 
ATOM   67   C  CG1 . ILE A 1 15 ? -1.252  13.164  9.296   1.00 20.64 ? 138  ILE A CG1 1 
ATOM   68   C  CG2 . ILE A 1 15 ? -2.985  14.016  11.025  1.00 19.34 ? 138  ILE A CG2 1 
ATOM   69   C  CD1 . ILE A 1 15 ? -2.134  13.047  8.060   1.00 19.58 ? 138  ILE A CD1 1 
ATOM   70   N  N   . CYS A 1 16 ? -2.187  11.704  13.481  1.00 20.77 ? 139  CYS A N   1 
ATOM   71   C  CA  . CYS A 1 16 ? -2.789  11.550  14.805  1.00 21.29 ? 139  CYS A CA  1 
ATOM   72   C  C   . CYS A 1 16 ? -1.766  11.013  15.800  1.00 22.86 ? 139  CYS A C   1 
ATOM   73   O  O   . CYS A 1 16 ? -1.941  11.186  17.001  1.00 23.35 ? 139  CYS A O   1 
ATOM   74   C  CB  . CYS A 1 16 ? -4.031  10.652  14.771  1.00 20.98 ? 139  CYS A CB  1 
ATOM   75   S  SG  . CYS A 1 16 ? -3.710  8.954   14.282  1.00 18.90 ? 139  CYS A SG  1 
ATOM   76   N  N   . MET A 1 17 ? -0.707  10.379  15.287  1.00 23.48 ? 140  MET A N   1 
ATOM   77   C  CA  . MET A 1 17 ? 0.353   9.745   16.119  1.00 25.64 ? 140  MET A CA  1 
ATOM   78   C  C   . MET A 1 17 ? -0.057  8.444   16.847  1.00 25.78 ? 140  MET A C   1 
ATOM   79   O  O   . MET A 1 17 ? 0.683   7.943   17.718  1.00 27.09 ? 140  MET A O   1 
ATOM   80   C  CB  . MET A 1 17 ? 0.975   10.771  17.088  1.00 26.05 ? 140  MET A CB  1 
ATOM   81   C  CG  . MET A 1 17 ? 1.777   11.865  16.384  1.00 29.91 ? 140  MET A CG  1 
ATOM   82   S  SD  . MET A 1 17 ? 3.229   11.118  15.611  1.00 36.92 ? 140  MET A SD  1 
ATOM   83   C  CE  . MET A 1 17 ? 3.852   12.399  14.539  1.00 37.33 ? 140  MET A CE  1 
ATOM   84   N  N   . ASP A 1 18 ? -1.221  7.896   16.511  1.00 24.51 ? 141  ASP A N   1 
ATOM   85   C  CA  . ASP A 1 18 ? -1.661  6.622   17.072  1.00 24.84 ? 141  ASP A CA  1 
ATOM   86   C  C   . ASP A 1 18 ? -0.784  5.522   16.514  1.00 24.99 ? 141  ASP A C   1 
ATOM   87   O  O   . ASP A 1 18 ? -0.405  5.552   15.341  1.00 24.91 ? 141  ASP A O   1 
ATOM   88   C  CB  . ASP A 1 18 ? -3.131  6.340   16.778  1.00 24.37 ? 141  ASP A CB  1 
ATOM   89   C  CG  . ASP A 1 18 ? -4.076  7.285   17.511  1.00 27.15 ? 141  ASP A CG  1 
ATOM   90   O  OD1 . ASP A 1 18 ? -3.622  8.027   18.418  1.00 27.60 ? 141  ASP A OD1 1 
ATOM   91   O  OD2 . ASP A 1 18 ? -5.279  7.292   17.168  1.00 28.07 ? 141  ASP A OD2 1 
ATOM   92   N  N   . GLY A 1 19 ? -0.409  4.590   17.382  1.00 25.29 ? 142  GLY A N   1 
ATOM   93   C  CA  . GLY A 1 19 ? 0.385   3.431   16.958  1.00 25.08 ? 142  GLY A CA  1 
ATOM   94   C  C   . GLY A 1 19 ? -0.515  2.397   16.321  1.00 24.54 ? 142  GLY A C   1 
ATOM   95   O  O   . GLY A 1 19 ? -1.746  2.494   16.394  1.00 23.77 ? 142  GLY A O   1 
ATOM   96   N  N   . TYR A 1 20 ? 0.105   1.384   15.714  1.00 24.11 ? 143  TYR A N   1 
ATOM   97   C  CA  . TYR A 1 20 ? -0.630  0.286   15.093  1.00 23.61 ? 143  TYR A CA  1 
ATOM   98   C  C   . TYR A 1 20 ? -1.846  -0.259  15.877  1.00 23.81 ? 143  TYR A C   1 
ATOM   99   O  O   . TYR A 1 20 ? -2.964  -0.380  15.332  1.00 22.75 ? 143  TYR A O   1 
ATOM   100  C  CB  . TYR A 1 20 ? 0.336   -0.857  14.783  1.00 23.64 ? 143  TYR A CB  1 
ATOM   101  C  CG  . TYR A 1 20 ? -0.371  -2.065  14.198  1.00 24.29 ? 143  TYR A CG  1 
ATOM   102  C  CD1 . TYR A 1 20 ? -0.823  -2.049  12.881  1.00 22.96 ? 143  TYR A CD1 1 
ATOM   103  C  CD2 . TYR A 1 20 ? -0.637  -3.198  14.975  1.00 24.27 ? 143  TYR A CD2 1 
ATOM   104  C  CE1 . TYR A 1 20 ? -1.506  -3.128  12.337  1.00 26.33 ? 143  TYR A CE1 1 
ATOM   105  C  CE2 . TYR A 1 20 ? -1.316  -4.288  14.434  1.00 26.39 ? 143  TYR A CE2 1 
ATOM   106  C  CZ  . TYR A 1 20 ? -1.743  -4.242  13.107  1.00 26.31 ? 143  TYR A CZ  1 
ATOM   107  O  OH  . TYR A 1 20 ? -2.412  -5.297  12.545  1.00 30.68 ? 143  TYR A OH  1 
ATOM   108  N  N   . SER A 1 21 ? -1.617  -0.619  17.140  1.00 24.32 ? 144  SER A N   1 
ATOM   109  C  CA  . SER A 1 21 ? -2.653  -1.271  17.942  1.00 25.39 ? 144  SER A CA  1 
ATOM   110  C  C   . SER A 1 21 ? -3.865  -0.373  18.165  1.00 25.57 ? 144  SER A C   1 
ATOM   111  O  O   . SER A 1 21 ? -5.024  -0.796  17.999  1.00 25.86 ? 144  SER A O   1 
ATOM   112  C  CB  . SER A 1 21 ? -2.064  -1.735  19.272  1.00 26.31 ? 144  SER A CB  1 
ATOM   113  O  OG  . SER A 1 21 ? -1.203  -2.842  19.052  0.50 26.12 ? 144  SER A OG  1 
ATOM   114  N  N   . GLU A 1 22 ? -3.573  0.870   18.510  1.00 25.50 ? 145  GLU A N   1 
ATOM   115  C  CA  . GLU A 1 22 ? -4.571  1.919   18.719  1.00 26.08 ? 145  GLU A CA  1 
ATOM   116  C  C   . GLU A 1 22 ? -5.473  2.163   17.493  1.00 26.03 ? 145  GLU A C   1 
ATOM   117  O  O   . GLU A 1 22 ? -6.688  2.438   17.631  1.00 26.68 ? 145  GLU A O   1 
ATOM   118  C  CB  . GLU A 1 22 ? -3.843  3.213   19.113  1.00 26.70 ? 145  GLU A CB  1 
ATOM   119  C  CG  . GLU A 1 22 ? -3.081  3.137   20.455  0.50 29.62 ? 145  GLU A CG  1 
ATOM   120  C  CD  . GLU A 1 22 ? -1.603  2.766   20.326  0.50 32.95 ? 145  GLU A CD  1 
ATOM   121  O  OE1 . GLU A 1 22 ? -1.272  1.646   19.860  0.50 32.64 ? 145  GLU A OE1 1 
ATOM   122  O  OE2 . GLU A 1 22 ? -0.758  3.597   20.728  0.50 35.31 ? 145  GLU A OE2 1 
ATOM   123  N  N   . ILE A 1 23 ? -4.885  2.060   16.300  1.00 24.52 ? 146  ILE A N   1 
ATOM   124  C  CA  . ILE A 1 23 ? -5.618  2.241   15.047  1.00 23.57 ? 146  ILE A CA  1 
ATOM   125  C  C   . ILE A 1 23 ? -6.554  1.067   14.740  1.00 24.44 ? 146  ILE A C   1 
ATOM   126  O  O   . ILE A 1 23 ? -7.753  1.255   14.615  1.00 24.02 ? 146  ILE A O   1 
ATOM   127  C  CB  . ILE A 1 23 ? -4.641  2.478   13.844  1.00 23.19 ? 146  ILE A CB  1 
ATOM   128  C  CG1 . ILE A 1 23 ? -3.881  3.806   14.035  1.00 21.08 ? 146  ILE A CG1 1 
ATOM   129  C  CG2 . ILE A 1 23 ? -5.414  2.454   12.495  1.00 21.56 ? 146  ILE A CG2 1 
ATOM   130  C  CD1 . ILE A 1 23 ? -2.568  3.977   13.234  1.00 22.19 ? 146  ILE A CD1 1 
ATOM   131  N  N   . VAL A 1 24 ? -6.010  -0.141  14.613  1.00 25.49 ? 147  VAL A N   1 
ATOM   132  C  CA  . VAL A 1 24 ? -6.798  -1.247  14.072  1.00 27.81 ? 147  VAL A CA  1 
ATOM   133  C  C   . VAL A 1 24 ? -7.824  -1.764  15.079  1.00 28.86 ? 147  VAL A C   1 
ATOM   134  O  O   . VAL A 1 24 ? -8.904  -2.228  14.698  1.00 30.87 ? 147  VAL A O   1 
ATOM   135  C  CB  . VAL A 1 24 ? -5.919  -2.412  13.508  1.00 27.28 ? 147  VAL A CB  1 
ATOM   136  C  CG1 . VAL A 1 24 ? -5.026  -1.923  12.360  1.00 27.97 ? 147  VAL A CG1 1 
ATOM   137  C  CG2 . VAL A 1 24 ? -5.095  -3.075  14.613  1.00 28.84 ? 147  VAL A CG2 1 
ATOM   138  N  N   . GLN A 1 25 ? -7.518  -1.639  16.364  1.00 29.95 ? 148  GLN A N   1 
ATOM   139  C  CA  . GLN A 1 25 ? -8.409  -2.187  17.379  1.00 31.02 ? 148  GLN A CA  1 
ATOM   140  C  C   . GLN A 1 25 ? -9.651  -1.311  17.568  1.00 31.27 ? 148  GLN A C   1 
ATOM   141  O  O   . GLN A 1 25 ? -10.672 -1.782  18.091  1.00 32.55 ? 148  GLN A O   1 
ATOM   142  C  CB  . GLN A 1 25 ? -7.661  -2.473  18.690  1.00 31.11 ? 148  GLN A CB  1 
ATOM   143  C  CG  . GLN A 1 25 ? -6.582  -3.538  18.520  1.00 33.05 ? 148  GLN A CG  1 
ATOM   144  C  CD  . GLN A 1 25 ? -5.943  -3.978  19.817  1.00 37.06 ? 148  GLN A CD  1 
ATOM   145  O  OE1 . GLN A 1 25 ? -6.479  -3.743  20.902  1.00 38.02 ? 148  GLN A OE1 1 
ATOM   146  N  NE2 . GLN A 1 25 ? -4.787  -4.653  19.711  1.00 37.73 ? 148  GLN A NE2 1 
ATOM   147  N  N   . ASN A 1 26 ? -9.586  -0.076  17.060  1.00 30.73 ? 149  ASN A N   1 
ATOM   148  C  CA  . ASN A 1 26 ? -10.672 0.887   17.195  1.00 29.96 ? 149  ASN A CA  1 
ATOM   149  C  C   . ASN A 1 26 ? -11.445 1.131   15.880  1.00 28.47 ? 149  ASN A C   1 
ATOM   150  O  O   . ASN A 1 26 ? -12.133 2.139   15.712  1.00 27.90 ? 149  ASN A O   1 
ATOM   151  C  CB  . ASN A 1 26 ? -10.148 2.172   17.846  1.00 30.91 ? 149  ASN A CB  1 
ATOM   152  C  CG  . ASN A 1 26 ? -9.643  1.940   19.267  1.00 34.27 ? 149  ASN A CG  1 
ATOM   153  O  OD1 . ASN A 1 26 ? -10.420 1.612   20.183  1.00 36.75 ? 149  ASN A OD1 1 
ATOM   154  N  ND2 . ASN A 1 26 ? -8.337  2.100   19.465  1.00 36.44 ? 149  ASN A ND2 1 
ATOM   155  N  N   . GLY A 1 27 ? -11.326 0.178   14.956  1.00 26.40 ? 150  GLY A N   1 
ATOM   156  C  CA  . GLY A 1 27 ? -12.123 0.158   13.739  1.00 24.69 ? 150  GLY A CA  1 
ATOM   157  C  C   . GLY A 1 27 ? -11.555 0.949   12.576  1.00 23.09 ? 150  GLY A C   1 
ATOM   158  O  O   . GLY A 1 27 ? -12.170 1.014   11.519  1.00 23.75 ? 150  GLY A O   1 
ATOM   159  N  N   . ARG A 1 28 ? -10.391 1.556   12.762  1.00 21.08 ? 151  ARG A N   1 
ATOM   160  C  CA  . ARG A 1 28 ? -9.685  2.162   11.624  1.00 18.93 ? 151  ARG A CA  1 
ATOM   161  C  C   . ARG A 1 28 ? -8.735  1.167   10.993  1.00 18.19 ? 151  ARG A C   1 
ATOM   162  O  O   . ARG A 1 28 ? -8.559  0.034   11.499  1.00 18.83 ? 151  ARG A O   1 
ATOM   163  C  CB  . ARG A 1 28 ? -8.918  3.405   12.064  1.00 17.99 ? 151  ARG A CB  1 
ATOM   164  C  CG  . ARG A 1 28 ? -9.851  4.501   12.558  1.00 20.21 ? 151  ARG A CG  1 
ATOM   165  C  CD  . ARG A 1 28 ? -9.388  4.963   13.911  1.00 28.21 ? 151  ARG A CD  1 
ATOM   166  N  NE  . ARG A 1 28 ? -8.167  5.705   13.797  1.00 27.86 ? 151  ARG A NE  1 
ATOM   167  C  CZ  . ARG A 1 28 ? -7.293  5.929   14.770  1.00 28.00 ? 151  ARG A CZ  1 
ATOM   168  N  NH1 . ARG A 1 28 ? -7.461  5.462   15.997  1.00 28.94 ? 151  ARG A NH1 1 
ATOM   169  N  NH2 . ARG A 1 28 ? -6.219  6.654   14.493  1.00 29.23 ? 151  ARG A NH2 1 
ATOM   170  N  N   . LEU A 1 29 ? -8.152  1.577   9.869   1.00 16.67 ? 152  LEU A N   1 
ATOM   171  C  CA  . LEU A 1 29 ? -7.224  0.726   9.130   1.00 16.12 ? 152  LEU A CA  1 
ATOM   172  C  C   . LEU A 1 29 ? -5.918  1.471   8.955   1.00 15.18 ? 152  LEU A C   1 
ATOM   173  O  O   . LEU A 1 29 ? -5.905  2.701   8.997   1.00 16.19 ? 152  LEU A O   1 
ATOM   174  C  CB  . LEU A 1 29 ? -7.800  0.409   7.748   1.00 16.19 ? 152  LEU A CB  1 
ATOM   175  C  CG  . LEU A 1 29 ? -9.108  -0.402  7.701   1.00 18.61 ? 152  LEU A CG  1 
ATOM   176  C  CD1 . LEU A 1 29 ? -9.590  -0.601  6.270   1.00 18.97 ? 152  LEU A CD1 1 
ATOM   177  C  CD2 . LEU A 1 29 ? -8.954  -1.738  8.383   1.00 21.23 ? 152  LEU A CD2 1 
ATOM   178  N  N   . ILE A 1 30 ? -4.832  0.725   8.776   1.00 14.59 ? 153  ILE A N   1 
ATOM   179  C  CA  . ILE A 1 30 ? -3.609  1.303   8.229   1.00 14.35 ? 153  ILE A CA  1 
ATOM   180  C  C   . ILE A 1 30 ? -3.859  1.409   6.716   1.00 13.34 ? 153  ILE A C   1 
ATOM   181  O  O   . ILE A 1 30 ? -4.410  0.480   6.110   1.00 13.35 ? 153  ILE A O   1 
ATOM   182  C  CB  . ILE A 1 30 ? -2.390  0.378   8.455   1.00 14.75 ? 153  ILE A CB  1 
ATOM   183  C  CG1 . ILE A 1 30 ? -2.277  -0.062  9.916   1.00 16.26 ? 153  ILE A CG1 1 
ATOM   184  C  CG2 . ILE A 1 30 ? -1.108  1.071   8.030   1.00 14.35 ? 153  ILE A CG2 1 
ATOM   185  C  CD1 . ILE A 1 30 ? -2.133  1.078   10.903  1.00 16.86 ? 153  ILE A CD1 1 
ATOM   186  N  N   . VAL A 1 31 ? -3.469  2.540   6.124   1.00 13.12 ? 154  VAL A N   1 
ATOM   187  C  CA  . VAL A 1 31 ? -3.612  2.779   4.690   1.00 11.03 ? 154  VAL A CA  1 
ATOM   188  C  C   . VAL A 1 31 ? -2.285  3.291   4.114   1.00 12.15 ? 154  VAL A C   1 
ATOM   189  O  O   . VAL A 1 31 ? -1.448  3.864   4.854   1.00 11.82 ? 154  VAL A O   1 
ATOM   190  C  CB  . VAL A 1 31 ? -4.776  3.746   4.315   1.00 11.81 ? 154  VAL A CB  1 
ATOM   191  C  CG1 . VAL A 1 31 ? -6.131  3.194   4.799   1.00 11.23 ? 154  VAL A CG1 1 
ATOM   192  C  CG2 . VAL A 1 31 ? -4.591  5.184   4.862   1.00 10.96 ? 154  VAL A CG2 1 
ATOM   193  N  N   . SER A 1 32 ? -2.088  3.051   2.817   1.00 11.48 ? 155  SER A N   1 
ATOM   194  C  CA  . SER A 1 32 ? -0.921  3.559   2.098   1.00 12.61 ? 155  SER A CA  1 
ATOM   195  C  C   . SER A 1 32 ? -1.420  4.314   0.870   1.00 13.28 ? 155  SER A C   1 
ATOM   196  O  O   . SER A 1 32 ? -2.341  3.883   0.196   1.00 12.93 ? 155  SER A O   1 
ATOM   197  C  CB  . SER A 1 32 ? -0.008  2.418   1.624   1.00 13.81 ? 155  SER A CB  1 
ATOM   198  O  OG  . SER A 1 32 ? 1.147   2.996   0.997   1.00 15.28 ? 155  SER A OG  1 
ATOM   199  N  N   . THR A 1 33 ? -0.806  5.444   0.591   1.00 13.51 ? 156  THR A N   1 
ATOM   200  C  CA  . THR A 1 33 ? -1.011  6.103   -0.717  1.00 14.82 ? 156  THR A CA  1 
ATOM   201  C  C   . THR A 1 33 ? -0.277  5.316   -1.792  1.00 14.62 ? 156  THR A C   1 
ATOM   202  O  O   . THR A 1 33 ? 0.589   4.498   -1.479  1.00 15.83 ? 156  THR A O   1 
ATOM   203  C  CB  . THR A 1 33 ? -0.428  7.512   -0.691  1.00 14.27 ? 156  THR A CB  1 
ATOM   204  O  OG1 . THR A 1 33 ? 0.972   7.433   -0.429  1.00 13.78 ? 156  THR A OG1 1 
ATOM   205  C  CG2 . THR A 1 33 ? -1.106  8.352   0.400   1.00 15.53 ? 156  THR A CG2 1 
ATOM   206  N  N   . GLU A 1 34 ? -0.570  5.578   -3.068  1.00 15.52 ? 157  GLU A N   1 
ATOM   207  C  CA  . GLU A 1 34 ? 0.183   4.918   -4.162  1.00 16.40 ? 157  GLU A CA  1 
ATOM   208  C  C   . GLU A 1 34 ? 1.665   5.285   -4.130  1.00 16.52 ? 157  GLU A C   1 
ATOM   209  O  O   . GLU A 1 34 ? 2.480   4.550   -4.687  1.00 17.90 ? 157  GLU A O   1 
ATOM   210  C  CB  . GLU A 1 34 ? -0.413  5.280   -5.556  1.00 18.32 ? 157  GLU A CB  1 
ATOM   211  C  CG  . GLU A 1 34 ? -0.654  6.782   -5.724  1.00 21.04 ? 157  GLU A CG  1 
ATOM   212  C  CD  . GLU A 1 34 ? -0.896  7.249   -7.146  0.50 23.57 ? 157  GLU A CD  1 
ATOM   213  O  OE1 . GLU A 1 34 ? -0.834  6.440   -8.095  0.50 26.00 ? 157  GLU A OE1 1 
ATOM   214  O  OE2 . GLU A 1 34 ? -1.171  8.458   -7.305  0.50 24.51 ? 157  GLU A OE2 1 
ATOM   215  N  N   . CYS A 1 35 ? 2.004   6.412   -3.486  1.00 16.03 ? 158  CYS A N   1 
ATOM   216  C  CA  . CYS A 1 35 ? 3.404   6.877   -3.362  1.00 15.81 ? 158  CYS A CA  1 
ATOM   217  C  C   . CYS A 1 35 ? 4.120   6.226   -2.181  1.00 16.80 ? 158  CYS A C   1 
ATOM   218  O  O   . CYS A 1 35 ? 5.298   6.533   -1.897  1.00 17.07 ? 158  CYS A O   1 
ATOM   219  C  CB  . CYS A 1 35 ? 3.526   8.404   -3.306  1.00 15.96 ? 158  CYS A CB  1 
ATOM   220  S  SG  . CYS A 1 35 ? 2.222   9.323   -2.478  1.00 15.53 ? 158  CYS A SG  1 
ATOM   221  N  N   . GLY A 1 36 ? 3.424   5.290   -1.527  1.00 16.25 ? 159  GLY A N   1 
ATOM   222  C  CA  . GLY A 1 36 ? 4.041   4.470   -0.480  1.00 14.84 ? 159  GLY A CA  1 
ATOM   223  C  C   . GLY A 1 36 ? 4.001   5.081   0.918   1.00 14.48 ? 159  GLY A C   1 
ATOM   224  O  O   . GLY A 1 36 ? 4.698   4.617   1.815   1.00 14.30 ? 159  GLY A O   1 
ATOM   225  N  N   . HIS A 1 37 ? 3.186   6.103   1.123   1.00 12.48 ? 160  HIS A N   1 
ATOM   226  C  CA  . HIS A 1 37 ? 3.174   6.808   2.419   1.00 13.11 ? 160  HIS A CA  1 
ATOM   227  C  C   . HIS A 1 37 ? 2.025   6.402   3.308   1.00 12.64 ? 160  HIS A C   1 
ATOM   228  O  O   . HIS A 1 37 ? 0.897   6.346   2.866   1.00 12.99 ? 160  HIS A O   1 
ATOM   229  C  CB  . HIS A 1 37 ? 3.307   8.327   2.199   1.00 13.33 ? 160  HIS A CB  1 
ATOM   230  C  CG  . HIS A 1 37 ? 4.556   8.646   1.432   1.00 13.50 ? 160  HIS A CG  1 
ATOM   231  N  ND1 . HIS A 1 37 ? 4.587   9.435   0.299   1.00 15.91 ? 160  HIS A ND1 1 
ATOM   232  C  CD2 . HIS A 1 37 ? 5.809   8.160   1.584   1.00 14.99 ? 160  HIS A CD2 1 
ATOM   233  C  CE1 . HIS A 1 37 ? 5.818   9.440   -0.196  1.00 15.22 ? 160  HIS A CE1 1 
ATOM   234  N  NE2 . HIS A 1 37 ? 6.582   8.695   0.583   1.00 15.56 ? 160  HIS A NE2 1 
ATOM   235  N  N   . VAL A 1 38 ? 2.331   6.119   4.568   1.00 13.46 ? 161  VAL A N   1 
ATOM   236  C  CA  . VAL A 1 38 ? 1.374   5.362   5.419   1.00 12.93 ? 161  VAL A CA  1 
ATOM   237  C  C   . VAL A 1 38 ? 0.737   6.241   6.467   1.00 13.83 ? 161  VAL A C   1 
ATOM   238  O  O   . VAL A 1 38 ? 1.406   7.134   7.034   1.00 12.54 ? 161  VAL A O   1 
ATOM   239  C  CB  . VAL A 1 38 ? 2.077   4.127   6.034   1.00 14.31 ? 161  VAL A CB  1 
ATOM   240  C  CG1 . VAL A 1 38 ? 1.252   3.496   7.136   1.00 17.21 ? 161  VAL A CG1 1 
ATOM   241  C  CG2 . VAL A 1 38 ? 2.404   3.092   4.935   1.00 16.03 ? 161  VAL A CG2 1 
ATOM   242  N  N   . PHE A 1 39 ? -0.563  6.016   6.697   1.00 12.95 ? 162  PHE A N   1 
ATOM   243  C  CA  . PHE A 1 39 ? -1.388  6.859   7.569   1.00 13.39 ? 162  PHE A CA  1 
ATOM   244  C  C   . PHE A 1 39 ? -2.463  5.944   8.120   1.00 13.64 ? 162  PHE A C   1 
ATOM   245  O  O   . PHE A 1 39 ? -2.546  4.774   7.740   1.00 12.98 ? 162  PHE A O   1 
ATOM   246  C  CB  . PHE A 1 39 ? -2.094  7.972   6.795   1.00 13.35 ? 162  PHE A CB  1 
ATOM   247  C  CG  . PHE A 1 39 ? -1.165  8.886   6.037   1.00 13.54 ? 162  PHE A CG  1 
ATOM   248  C  CD1 . PHE A 1 39 ? -0.633  10.019  6.649   1.00 14.98 ? 162  PHE A CD1 1 
ATOM   249  C  CD2 . PHE A 1 39 ? -0.861  8.634   4.713   1.00 12.63 ? 162  PHE A CD2 1 
ATOM   250  C  CE1 . PHE A 1 39 ? 0.259   10.861  5.929   1.00 16.43 ? 162  PHE A CE1 1 
ATOM   251  C  CE2 . PHE A 1 39 ? 0.011   9.476   3.993   1.00 16.01 ? 162  PHE A CE2 1 
ATOM   252  C  CZ  . PHE A 1 39 ? 0.565   10.583  4.606   1.00 15.62 ? 162  PHE A CZ  1 
ATOM   253  N  N   . CYS A 1 40 ? -3.263  6.452   9.057   1.00 14.32 ? 163  CYS A N   1 
ATOM   254  C  CA  . CYS A 1 40 ? -4.486  5.715   9.422   1.00 13.84 ? 163  CYS A CA  1 
ATOM   255  C  C   . CYS A 1 40 ? -5.552  6.192   8.443   1.00 14.33 ? 163  CYS A C   1 
ATOM   256  O  O   . CYS A 1 40 ? -5.404  7.265   7.835   1.00 13.64 ? 163  CYS A O   1 
ATOM   257  C  CB  . CYS A 1 40 ? -4.895  5.937   10.892  1.00 14.46 ? 163  CYS A CB  1 
ATOM   258  S  SG  . CYS A 1 40 ? -5.740  7.475   11.265  1.00 16.34 ? 163  CYS A SG  1 
ATOM   259  N  N   . SER A 1 41 ? -6.579  5.361   8.242   1.00 14.08 ? 164  SER A N   1 
ATOM   260  C  CA  . SER A 1 41 ? -7.642  5.627   7.260   1.00 14.38 ? 164  SER A CA  1 
ATOM   261  C  C   . SER A 1 41 ? -8.304  6.992   7.512   1.00 15.39 ? 164  SER A C   1 
ATOM   262  O  O   . SER A 1 41 ? -8.589  7.764   6.577   1.00 16.07 ? 164  SER A O   1 
ATOM   263  C  CB  . SER A 1 41 ? -8.689  4.498   7.348   1.00 14.19 ? 164  SER A CB  1 
ATOM   264  O  OG  . SER A 1 41 ? -9.031  4.224   8.700   1.00 14.05 ? 164  SER A OG  1 
ATOM   265  N  N   . GLN A 1 42 ? -8.565  7.277   8.780   1.00 15.89 ? 165  GLN A N   1 
ATOM   266  C  CA  . GLN A 1 42 ? -9.342  8.460   9.125   1.00 17.51 ? 165  GLN A CA  1 
ATOM   267  C  C   . GLN A 1 42 ? -8.574  9.772   8.876   1.00 17.28 ? 165  GLN A C   1 
ATOM   268  O  O   . GLN A 1 42 ? -9.121  10.722  8.320   1.00 15.46 ? 165  GLN A O   1 
ATOM   269  C  CB  . GLN A 1 42 ? -9.827  8.378   10.566  1.00 19.03 ? 165  GLN A CB  1 
ATOM   270  C  CG  . GLN A 1 42 ? -10.816 9.528   10.916  1.00 22.69 ? 165  GLN A CG  1 
ATOM   271  C  CD  . GLN A 1 42 ? -12.075 9.574   10.002  1.00 26.28 ? 165  GLN A CD  1 
ATOM   272  O  OE1 . GLN A 1 42 ? -12.141 10.342  9.014   1.00 29.44 ? 165  GLN A OE1 1 
ATOM   273  N  NE2 . GLN A 1 42 ? -13.074 8.759   10.337  1.00 27.88 ? 165  GLN A NE2 1 
ATOM   274  N  N   . CYS A 1 43 ? -7.310  9.824   9.287   1.00 16.34 ? 166  CYS A N   1 
ATOM   275  C  CA  . CYS A 1 43 ? -6.509  11.050  9.040   1.00 16.88 ? 166  CYS A CA  1 
ATOM   276  C  C   . CYS A 1 43 ? -6.299  11.272  7.536   1.00 16.52 ? 166  CYS A C   1 
ATOM   277  O  O   . CYS A 1 43 ? -6.377  12.413  7.053   1.00 16.33 ? 166  CYS A O   1 
ATOM   278  C  CB  . CYS A 1 43 ? -5.160  10.961  9.731   1.00 16.65 ? 166  CYS A CB  1 
ATOM   279  S  SG  . CYS A 1 43 ? -5.332  11.067  11.543  1.00 17.54 ? 166  CYS A SG  1 
ATOM   280  N  N   . LEU A 1 44 ? -6.053  10.201  6.779   1.00 16.22 ? 167  LEU A N   1 
ATOM   281  C  CA  . LEU A 1 44 ? -5.853  10.405  5.337   1.00 17.30 ? 167  LEU A CA  1 
ATOM   282  C  C   . LEU A 1 44 ? -7.135  10.899  4.670   1.00 17.92 ? 167  LEU A C   1 
ATOM   283  O  O   . LEU A 1 44 ? -7.107  11.825  3.862   1.00 16.77 ? 167  LEU A O   1 
ATOM   284  C  CB  . LEU A 1 44 ? -5.315  9.158   4.640   1.00 17.64 ? 167  LEU A CB  1 
ATOM   285  C  CG  . LEU A 1 44 ? -4.892  9.377   3.166   1.00 17.96 ? 167  LEU A CG  1 
ATOM   286  C  CD1 . LEU A 1 44 ? -3.876  10.514  2.978   1.00 16.75 ? 167  LEU A CD1 1 
ATOM   287  C  CD2 . LEU A 1 44 ? -4.326  8.110   2.588   1.00 15.71 ? 167  LEU A CD2 1 
ATOM   288  N  N   . ARG A 1 45 ? -8.264  10.289  5.024   1.00 18.84 ? 168  ARG A N   1 
ATOM   289  C  CA  . ARG A 1 45 ? -9.536  10.702  4.464   1.00 20.37 ? 168  ARG A CA  1 
ATOM   290  C  C   . ARG A 1 45 ? -9.829  12.152  4.800   1.00 20.17 ? 168  ARG A C   1 
ATOM   291  O  O   . ARG A 1 45 ? -10.276 12.916  3.920   1.00 19.87 ? 168  ARG A O   1 
ATOM   292  C  CB  . ARG A 1 45 ? -10.698 9.837   4.985   1.00 21.24 ? 168  ARG A CB  1 
ATOM   293  C  CG  . ARG A 1 45 ? -10.889 8.526   4.289   1.00 25.65 ? 168  ARG A CG  1 
ATOM   294  C  CD  . ARG A 1 45 ? -12.370 8.101   4.328   1.00 28.07 ? 168  ARG A CD  1 
ATOM   295  N  NE  . ARG A 1 45 ? -12.897 8.103   5.697   1.00 29.46 ? 168  ARG A NE  1 
ATOM   296  C  CZ  . ARG A 1 45 ? -12.763 7.099   6.571   1.00 30.70 ? 168  ARG A CZ  1 
ATOM   297  N  NH1 . ARG A 1 45 ? -12.125 5.974   6.243   1.00 28.13 ? 168  ARG A NH1 1 
ATOM   298  N  NH2 . ARG A 1 45 ? -13.282 7.226   7.789   1.00 30.48 ? 168  ARG A NH2 1 
ATOM   299  N  N   . ASP A 1 46 ? -9.585  12.522  6.051   1.00 20.88 ? 169  ASP A N   1 
ATOM   300  C  CA  . ASP A 1 46 ? -9.782  13.902  6.485   1.00 23.00 ? 169  ASP A CA  1 
ATOM   301  C  C   . ASP A 1 46 ? -8.950  14.887  5.672   1.00 22.58 ? 169  ASP A C   1 
ATOM   302  O  O   . ASP A 1 46 ? -9.457  15.911  5.238   1.00 22.17 ? 169  ASP A O   1 
ATOM   303  C  CB  . ASP A 1 46 ? -9.510  14.084  7.973   1.00 24.06 ? 169  ASP A CB  1 
ATOM   304  C  CG  . ASP A 1 46 ? -10.699 13.638  8.840   1.00 28.40 ? 169  ASP A CG  1 
ATOM   305  O  OD1 . ASP A 1 46 ? -10.593 13.717  10.084  1.00 31.54 ? 169  ASP A OD1 1 
ATOM   306  O  OD2 . ASP A 1 46 ? -11.729 13.196  8.277   1.00 31.25 ? 169  ASP A OD2 1 
ATOM   307  N  N   . SER A 1 47 ? -7.687  14.553  5.437   1.00 22.73 ? 170  SER A N   1 
ATOM   308  C  CA  . SER A 1 47 ? -6.820  15.414  4.662   1.00 24.26 ? 170  SER A CA  1 
ATOM   309  C  C   . SER A 1 47 ? -7.310  15.518  3.202   1.00 24.39 ? 170  SER A C   1 
ATOM   310  O  O   . SER A 1 47 ? -7.263  16.594  2.578   1.00 25.24 ? 170  SER A O   1 
ATOM   311  C  CB  . SER A 1 47 ? -5.385  14.882  4.740   1.00 25.09 ? 170  SER A CB  1 
ATOM   312  O  OG  . SER A 1 47 ? -4.504  15.737  4.054   1.00 30.92 ? 170  SER A OG  1 
ATOM   313  N  N   . LEU A 1 48 ? -7.802  14.416  2.657   1.00 23.24 ? 171  LEU A N   1 
ATOM   314  C  CA  . LEU A 1 48 ? -8.260  14.412  1.268   1.00 23.73 ? 171  LEU A CA  1 
ATOM   315  C  C   . LEU A 1 48 ? -9.611  15.102  1.036   1.00 23.19 ? 171  LEU A C   1 
ATOM   316  O  O   . LEU A 1 48 ? -10.047 15.249  -0.102  1.00 22.72 ? 171  LEU A O   1 
ATOM   317  C  CB  . LEU A 1 48 ? -8.275  12.991  0.705   1.00 24.20 ? 171  LEU A CB  1 
ATOM   318  C  CG  . LEU A 1 48 ? -6.854  12.462  0.524   1.00 25.12 ? 171  LEU A CG  1 
ATOM   319  C  CD1 . LEU A 1 48 ? -6.873  10.971  0.176   1.00 24.72 ? 171  LEU A CD1 1 
ATOM   320  C  CD2 . LEU A 1 48 ? -6.098  13.256  -0.533  1.00 27.76 ? 171  LEU A CD2 1 
ATOM   321  N  N   . LYS A 1 49 ? -10.263 15.532  2.097   1.00 22.91 ? 172  LYS A N   1 
ATOM   322  C  CA  . LYS A 1 49 ? -11.507 16.285  1.942   1.00 24.28 ? 172  LYS A CA  1 
ATOM   323  C  C   . LYS A 1 49 ? -11.254 17.695  1.451   1.00 24.24 ? 172  LYS A C   1 
ATOM   324  O  O   . LYS A 1 49 ? -12.095 18.267  0.735   1.00 24.09 ? 172  LYS A O   1 
ATOM   325  C  CB  . LYS A 1 49 ? -12.276 16.329  3.254   1.00 25.19 ? 172  LYS A CB  1 
ATOM   326  C  CG  . LYS A 1 49 ? -12.895 15.004  3.610   1.00 25.02 ? 172  LYS A CG  1 
ATOM   327  C  CD  . LYS A 1 49 ? -13.413 15.026  5.020   1.00 26.46 ? 172  LYS A CD  1 
ATOM   328  C  CE  . LYS A 1 49 ? -13.862 13.606  5.401   1.00 26.33 ? 172  LYS A CE  1 
ATOM   329  N  NZ  . LYS A 1 49 ? -14.070 13.449  6.880   1.00 27.00 ? 172  LYS A NZ  1 
ATOM   330  N  N   . ASN A 1 50 ? -10.092 18.245  1.811   1.00 23.72 ? 173  ASN A N   1 
ATOM   331  C  CA  . ASN A 1 50 ? -9.774  19.638  1.494   1.00 24.37 ? 173  ASN A CA  1 
ATOM   332  C  C   . ASN A 1 50 ? -8.552  19.860  0.618   1.00 25.04 ? 173  ASN A C   1 
ATOM   333  O  O   . ASN A 1 50 ? -8.201  20.998  0.330   1.00 25.48 ? 173  ASN A O   1 
ATOM   334  C  CB  . ASN A 1 50 ? -9.651  20.445  2.784   1.00 23.83 ? 173  ASN A CB  1 
ATOM   335  C  CG  . ASN A 1 50 ? -10.950 20.473  3.559   1.00 25.39 ? 173  ASN A CG  1 
ATOM   336  O  OD1 . ASN A 1 50 ? -10.965 20.275  4.783   1.00 29.49 ? 173  ASN A OD1 1 
ATOM   337  N  ND2 . ASN A 1 50 ? -12.047 20.688  2.854   1.00 22.04 ? 173  ASN A ND2 1 
ATOM   338  N  N   . ALA A 1 51 ? -7.904  18.773  0.219   1.00 24.25 ? 174  ALA A N   1 
ATOM   339  C  CA  . ALA A 1 51 ? -6.730  18.829  -0.649  1.00 24.68 ? 174  ALA A CA  1 
ATOM   340  C  C   . ALA A 1 51 ? -6.693  17.546  -1.482  1.00 24.05 ? 174  ALA A C   1 
ATOM   341  O  O   . ALA A 1 51 ? -7.332  16.554  -1.111  1.00 24.83 ? 174  ALA A O   1 
ATOM   342  C  CB  . ALA A 1 51 ? -5.454  19.000  0.178   1.00 24.74 ? 174  ALA A CB  1 
ATOM   343  N  N   . ASN A 1 52 ? -5.987  17.564  -2.609  1.00 23.01 ? 175  ASN A N   1 
ATOM   344  C  CA  . ASN A 1 52 ? -5.931  16.399  -3.505  1.00 23.38 ? 175  ASN A CA  1 
ATOM   345  C  C   . ASN A 1 52 ? -4.579  15.690  -3.445  1.00 22.29 ? 175  ASN A C   1 
ATOM   346  O  O   . ASN A 1 52 ? -4.260  14.889  -4.309  1.00 22.60 ? 175  ASN A O   1 
ATOM   347  C  CB  . ASN A 1 52 ? -6.182  16.825  -4.968  1.00 24.27 ? 175  ASN A CB  1 
ATOM   348  C  CG  . ASN A 1 52 ? -7.658  17.073  -5.281  1.00 28.00 ? 175  ASN A CG  1 
ATOM   349  O  OD1 . ASN A 1 52 ? -8.553  16.531  -4.623  1.00 29.74 ? 175  ASN A OD1 1 
ATOM   350  N  ND2 . ASN A 1 52 ? -7.915  17.870  -6.326  1.00 31.52 ? 175  ASN A ND2 1 
ATOM   351  N  N   . THR A 1 53 ? -3.778  16.006  -2.438  1.00 21.68 ? 176  THR A N   1 
ATOM   352  C  CA  . THR A 1 53 ? -2.379  15.604  -2.427  1.00 19.52 ? 176  THR A CA  1 
ATOM   353  C  C   . THR A 1 53 ? -1.998  14.783  -1.194  1.00 18.55 ? 176  THR A C   1 
ATOM   354  O  O   . THR A 1 53 ? -2.634  14.886  -0.145  1.00 18.16 ? 176  THR A O   1 
ATOM   355  C  CB  . THR A 1 53 ? -1.482  16.843  -2.472  1.00 21.25 ? 176  THR A CB  1 
ATOM   356  O  OG1 . THR A 1 53 ? -1.916  17.749  -1.439  1.00 19.61 ? 176  THR A OG1 1 
ATOM   357  C  CG2 . THR A 1 53 ? -1.596  17.543  -3.851  1.00 22.53 ? 176  THR A CG2 1 
ATOM   358  N  N   . CYS A 1 54 ? -0.958  13.975  -1.330  1.00 16.75 ? 177  CYS A N   1 
ATOM   359  C  CA  . CYS A 1 54 ? -0.422  13.226  -0.186  1.00 15.62 ? 177  CYS A CA  1 
ATOM   360  C  C   . CYS A 1 54 ? 0.086   14.184  0.885   1.00 16.51 ? 177  CYS A C   1 
ATOM   361  O  O   . CYS A 1 54 ? 0.872   15.073  0.572   1.00 16.77 ? 177  CYS A O   1 
ATOM   362  C  CB  . CYS A 1 54 ? 0.722   12.342  -0.668  1.00 15.76 ? 177  CYS A CB  1 
ATOM   363  S  SG  . CYS A 1 54 ? 1.586   11.420  0.630   1.00 13.68 ? 177  CYS A SG  1 
ATOM   364  N  N   . PRO A 1 55 ? -0.349  13.999  2.152   1.00 16.88 ? 178  PRO A N   1 
ATOM   365  C  CA  . PRO A 1 55 ? 0.106   14.871  3.227   1.00 18.03 ? 178  PRO A CA  1 
ATOM   366  C  C   . PRO A 1 55 ? 1.620   14.844  3.454   1.00 18.29 ? 178  PRO A C   1 
ATOM   367  O  O   . PRO A 1 55 ? 2.168   15.829  3.968   1.00 19.97 ? 178  PRO A O   1 
ATOM   368  C  CB  . PRO A 1 55 ? -0.597  14.304  4.471   1.00 17.82 ? 178  PRO A CB  1 
ATOM   369  C  CG  . PRO A 1 55 ? -1.812  13.612  3.940   1.00 18.38 ? 178  PRO A CG  1 
ATOM   370  C  CD  . PRO A 1 55 ? -1.427  13.083  2.595   1.00 17.88 ? 178  PRO A CD  1 
ATOM   371  N  N   . THR A 1 56 ? 2.279   13.747  3.086   1.00 17.61 ? 179  THR A N   1 
ATOM   372  C  CA  . THR A 1 56 ? 3.730   13.588  3.303   1.00 18.89 ? 179  THR A CA  1 
ATOM   373  C  C   . THR A 1 56 ? 4.598   14.136  2.155   1.00 19.10 ? 179  THR A C   1 
ATOM   374  O  O   . THR A 1 56 ? 5.515   14.951  2.381   1.00 19.74 ? 179  THR A O   1 
ATOM   375  C  CB  . THR A 1 56 ? 4.069   12.128  3.620   1.00 18.87 ? 179  THR A CB  1 
ATOM   376  O  OG1 . THR A 1 56 ? 3.594   11.795  4.928   1.00 18.69 ? 179  THR A OG1 1 
ATOM   377  C  CG2 . THR A 1 56 ? 5.589   11.819  3.517   1.00 19.01 ? 179  THR A CG2 1 
ATOM   378  N  N   . CYS A 1 57 ? 4.314   13.725  0.925   1.00 19.21 ? 180  CYS A N   1 
ATOM   379  C  CA  . CYS A 1 57 ? 5.162   14.126  -0.197  1.00 19.13 ? 180  CYS A CA  1 
ATOM   380  C  C   . CYS A 1 57 ? 4.491   15.132  -1.156  1.00 19.74 ? 180  CYS A C   1 
ATOM   381  O  O   . CYS A 1 57 ? 5.125   15.648  -2.100  1.00 19.13 ? 180  CYS A O   1 
ATOM   382  C  CB  . CYS A 1 57 ? 5.603   12.883  -0.970  1.00 19.25 ? 180  CYS A CB  1 
ATOM   383  S  SG  . CYS A 1 57 ? 4.359   12.099  -2.010  1.00 16.15 ? 180  CYS A SG  1 
ATOM   384  N  N   . ARG A 1 58 ? 3.203   15.350  -0.930  1.00 19.64 ? 181  ARG A N   1 
ATOM   385  C  CA  . ARG A 1 58 ? 2.353   16.239  -1.733  1.00 21.07 ? 181  ARG A CA  1 
ATOM   386  C  C   . ARG A 1 58 ? 2.165   15.864  -3.205  1.00 21.34 ? 181  ARG A C   1 
ATOM   387  O  O   . ARG A 1 58 ? 1.770   16.713  -4.015  1.00 20.79 ? 181  ARG A O   1 
ATOM   388  C  CB  . ARG A 1 58 ? 2.750   17.718  -1.562  1.00 21.75 ? 181  ARG A CB  1 
ATOM   389  C  CG  . ARG A 1 58 ? 2.382   18.304  -0.166  1.00 23.72 ? 181  ARG A CG  1 
ATOM   390  C  CD  . ARG A 1 58 ? 0.877   18.337  0.063   1.00 27.95 ? 181  ARG A CD  1 
ATOM   391  N  NE  . ARG A 1 58 ? 0.511   18.910  1.361   1.00 28.53 ? 181  ARG A NE  1 
ATOM   392  C  CZ  . ARG A 1 58 ? -0.660  18.723  1.976   1.00 30.59 ? 181  ARG A CZ  1 
ATOM   393  N  NH1 . ARG A 1 58 ? -1.602  17.964  1.443   1.00 28.79 ? 181  ARG A NH1 1 
ATOM   394  N  NH2 . ARG A 1 58 ? -0.890  19.302  3.139   1.00 31.61 ? 181  ARG A NH2 1 
ATOM   395  N  N   . LYS A 1 59 ? 2.439   14.602  -3.554  1.00 20.79 ? 182  LYS A N   1 
ATOM   396  C  CA  . LYS A 1 59 ? 2.059   14.118  -4.875  1.00 22.26 ? 182  LYS A CA  1 
ATOM   397  C  C   . LYS A 1 59 ? 0.547   14.163  -4.999  1.00 22.64 ? 182  LYS A C   1 
ATOM   398  O  O   . LYS A 1 59 ? -0.162  13.847  -4.047  1.00 20.73 ? 182  LYS A O   1 
ATOM   399  C  CB  . LYS A 1 59 ? 2.529   12.686  -5.074  1.00 22.30 ? 182  LYS A CB  1 
ATOM   400  C  CG  . LYS A 1 59 ? 1.984   12.045  -6.330  1.00 26.00 ? 182  LYS A CG  1 
ATOM   401  C  CD  . LYS A 1 59 ? 2.619   10.707  -6.561  1.00 29.05 ? 182  LYS A CD  1 
ATOM   402  C  CE  . LYS A 1 59 ? 1.886   9.936   -7.648  1.00 32.86 ? 182  LYS A CE  1 
ATOM   403  N  NZ  . LYS A 1 59 ? 2.134   10.482  -9.010  1.00 32.74 ? 182  LYS A NZ  1 
ATOM   404  N  N   . LYS A 1 60 ? 0.034   14.559  -6.165  1.00 23.08 ? 183  LYS A N   1 
ATOM   405  C  CA  . LYS A 1 60 ? -1.405  14.501  -6.347  1.00 24.90 ? 183  LYS A CA  1 
ATOM   406  C  C   . LYS A 1 60 ? -1.810  13.031  -6.373  1.00 25.52 ? 183  LYS A C   1 
ATOM   407  O  O   . LYS A 1 60 ? -1.217  12.230  -7.111  1.00 26.07 ? 183  LYS A O   1 
ATOM   408  C  CB  . LYS A 1 60 ? -1.857  15.222  -7.643  1.00 25.85 ? 183  LYS A CB  1 
ATOM   409  C  CG  . LYS A 1 60 ? -3.401  15.238  -7.804  1.00 27.79 ? 183  LYS A CG  1 
ATOM   410  C  CD  . LYS A 1 60 ? -3.933  16.270  -8.816  1.00 33.76 ? 183  LYS A CD  1 
ATOM   411  C  CE  . LYS A 1 60 ? -3.879  15.773  -10.258 1.00 36.52 ? 183  LYS A CE  1 
ATOM   412  N  NZ  . LYS A 1 60 ? -4.850  14.672  -10.553 1.00 39.22 ? 183  LYS A NZ  1 
ATOM   413  N  N   . ILE A 1 61 ? -2.788  12.676  -5.547  1.00 25.66 ? 184  ILE A N   1 
ATOM   414  C  CA  . ILE A 1 61 ? -3.285  11.316  -5.497  1.00 26.75 ? 184  ILE A CA  1 
ATOM   415  C  C   . ILE A 1 61 ? -4.802  11.211  -5.755  1.00 27.69 ? 184  ILE A C   1 
ATOM   416  O  O   . ILE A 1 61 ? -5.420  10.186  -5.496  1.00 27.17 ? 184  ILE A O   1 
ATOM   417  C  CB  . ILE A 1 61 ? -2.878  10.590  -4.201  1.00 27.06 ? 184  ILE A CB  1 
ATOM   418  C  CG1 . ILE A 1 61 ? -3.526  11.244  -2.974  1.00 26.07 ? 184  ILE A CG1 1 
ATOM   419  C  CG2 . ILE A 1 61 ? -1.340  10.517  -4.063  1.00 25.27 ? 184  ILE A CG2 1 
ATOM   420  C  CD1 . ILE A 1 61 ? -3.016  10.680  -1.640  1.00 28.85 ? 184  ILE A CD1 1 
ATOM   421  N  N   . ASN A 1 62 ? -5.398  12.288  -6.250  1.00 28.83 ? 185  ASN A N   1 
ATOM   422  C  CA  . ASN A 1 62 ? -6.757  12.206  -6.771  1.00 31.01 ? 185  ASN A CA  1 
ATOM   423  C  C   . ASN A 1 62 ? -6.666  12.196  -8.300  1.00 31.65 ? 185  ASN A C   1 
ATOM   424  O  O   . ASN A 1 62 ? -6.229  13.189  -8.880  1.00 33.51 ? 185  ASN A O   1 
ATOM   425  C  CB  . ASN A 1 62 ? -7.606  13.370  -6.237  1.00 31.58 ? 185  ASN A CB  1 
ATOM   426  C  CG  . ASN A 1 62 ? -9.097  13.083  -6.279  1.00 33.05 ? 185  ASN A CG  1 
ATOM   427  O  OD1 . ASN A 1 62 ? -9.532  12.060  -6.817  1.00 34.76 ? 185  ASN A OD1 1 
ATOM   428  N  ND2 . ASN A 1 62 ? -9.892  13.995  -5.719  1.00 35.42 ? 185  ASN A ND2 1 
ATOM   429  N  N   . HIS A 1 63 ? -7.009  11.050  -8.917  1.00 31.38 ? 186  HIS A N   1 
ATOM   430  C  CA  . HIS A 1 63 ? -7.079  10.756  -10.386 1.00 31.25 ? 186  HIS A CA  1 
ATOM   431  C  C   . HIS A 1 63 ? -8.526  11.187  -10.743 1.00 30.10 ? 186  HIS A C   1 
ATOM   432  O  O   . HIS A 1 63 ? -9.444  10.537  -10.298 1.00 28.55 ? 186  HIS A O   1 
ATOM   433  C  CB  . HIS A 1 63 ? -6.866  9.229   -10.464 1.00 31.86 ? 186  HIS A CB  1 
ATOM   434  C  CG  . HIS A 1 63 ? -6.901  8.635   -11.843 0.50 32.39 ? 186  HIS A CG  1 
ATOM   435  N  ND1 . HIS A 1 63 ? -7.830  7.685   -12.214 0.50 33.28 ? 186  HIS A ND1 1 
ATOM   436  C  CD2 . HIS A 1 63 ? -6.085  8.798   -12.911 0.50 33.56 ? 186  HIS A CD2 1 
ATOM   437  C  CE1 . HIS A 1 63 ? -7.609  7.316   -13.463 0.50 33.39 ? 186  HIS A CE1 1 
ATOM   438  N  NE2 . HIS A 1 63 ? -6.556  7.978   -13.910 0.50 34.36 ? 186  HIS A NE2 1 
ATOM   439  N  N   . LYS A 1 64 ? -8.813  12.195  -11.584 1.00 30.23 ? 187  LYS A N   1 
ATOM   440  C  CA  . LYS A 1 64 ? -9.086  12.122  -13.059 1.00 28.85 ? 187  LYS A CA  1 
ATOM   441  C  C   . LYS A 1 64 ? -9.445  10.839  -13.815 1.00 27.53 ? 187  LYS A C   1 
ATOM   442  O  O   . LYS A 1 64 ? -8.607  10.256  -14.516 1.00 27.25 ? 187  LYS A O   1 
ATOM   443  C  CB  . LYS A 1 64 ? -8.198  13.047  -13.919 1.00 29.96 ? 187  LYS A CB  1 
ATOM   444  C  CG  . LYS A 1 64 ? -7.876  14.396  -13.283 0.50 29.98 ? 187  LYS A CG  1 
ATOM   445  C  CD  . LYS A 1 64 ? -7.576  15.450  -14.347 0.50 31.25 ? 187  LYS A CD  1 
ATOM   446  C  CE  . LYS A 1 64 ? -7.195  14.813  -15.681 0.50 33.51 ? 187  LYS A CE  1 
ATOM   447  N  NZ  . LYS A 1 64 ? -6.142  15.563  -16.422 0.50 33.92 ? 187  LYS A NZ  1 
ATOM   448  N  N   . ARG A 1 65 ? -10.718 10.433  -13.742 1.00 24.37 ? 188  ARG A N   1 
ATOM   449  C  CA  . ARG A 1 65 ? -11.135 9.332   -14.591 1.00 22.83 ? 188  ARG A CA  1 
ATOM   450  C  C   . ARG A 1 65 ? -11.692 9.882   -15.919 1.00 20.97 ? 188  ARG A C   1 
ATOM   451  O  O   . ARG A 1 65 ? -12.728 9.429   -16.376 1.00 20.69 ? 188  ARG A O   1 
ATOM   452  C  CB  . ARG A 1 65 ? -12.199 8.464   -13.915 1.00 23.66 ? 188  ARG A CB  1 
ATOM   453  C  CG  . ARG A 1 65 ? -11.726 7.719   -12.678 1.00 25.09 ? 188  ARG A CG  1 
ATOM   454  C  CD  . ARG A 1 65 ? -12.906 6.950   -12.049 1.00 30.23 ? 188  ARG A CD  1 
ATOM   455  N  NE  . ARG A 1 65 ? -12.451 5.854   -11.197 1.00 35.12 ? 188  ARG A NE  1 
ATOM   456  C  CZ  . ARG A 1 65 ? -13.158 5.324   -10.207 1.00 38.87 ? 188  ARG A CZ  1 
ATOM   457  N  NH1 . ARG A 1 65 ? -14.369 5.794   -9.915  1.00 40.77 ? 188  ARG A NH1 1 
ATOM   458  N  NH2 . ARG A 1 65 ? -12.646 4.327   -9.491  1.00 40.54 ? 188  ARG A NH2 1 
ATOM   459  N  N   . TYR A 1 66 ? -10.990 10.841  -16.524 1.00 19.41 ? 189  TYR A N   1 
ATOM   460  C  CA  . TYR A 1 66 ? -11.327 11.297  -17.869 1.00 18.46 ? 189  TYR A CA  1 
ATOM   461  C  C   . TYR A 1 66 ? -10.057 11.801  -18.559 1.00 17.32 ? 189  TYR A C   1 
ATOM   462  O  O   . TYR A 1 66 ? -9.049  12.089  -17.888 1.00 17.00 ? 189  TYR A O   1 
ATOM   463  C  CB  . TYR A 1 66 ? -12.431 12.353  -17.838 1.00 18.47 ? 189  TYR A CB  1 
ATOM   464  C  CG  . TYR A 1 66 ? -11.950 13.716  -17.437 1.00 22.60 ? 189  TYR A CG  1 
ATOM   465  C  CD1 . TYR A 1 66 ? -11.523 14.627  -18.410 1.00 28.12 ? 189  TYR A CD1 1 
ATOM   466  C  CD2 . TYR A 1 66 ? -11.880 14.082  -16.112 1.00 26.09 ? 189  TYR A CD2 1 
ATOM   467  C  CE1 . TYR A 1 66 ? -11.058 15.892  -18.065 1.00 30.60 ? 189  TYR A CE1 1 
ATOM   468  C  CE2 . TYR A 1 66 ? -11.403 15.346  -15.748 1.00 27.81 ? 189  TYR A CE2 1 
ATOM   469  C  CZ  . TYR A 1 66 ? -10.993 16.231  -16.731 1.00 29.73 ? 189  TYR A CZ  1 
ATOM   470  O  OH  . TYR A 1 66 ? -10.536 17.495  -16.416 0.50 30.77 ? 189  TYR A OH  1 
ATOM   471  N  N   . HIS A 1 67 ? -10.075 11.854  -19.883 1.00 14.88 ? 190  HIS A N   1 
ATOM   472  C  CA  . HIS A 1 67 ? -8.881  12.239  -20.612 1.00 13.87 ? 190  HIS A CA  1 
ATOM   473  C  C   . HIS A 1 67 ? -9.284  12.636  -22.034 1.00 13.96 ? 190  HIS A C   1 
ATOM   474  O  O   . HIS A 1 67 ? -10.353 12.241  -22.507 1.00 12.44 ? 190  HIS A O   1 
ATOM   475  C  CB  . HIS A 1 67 ? -7.887  11.053  -20.665 1.00 13.56 ? 190  HIS A CB  1 
ATOM   476  C  CG  . HIS A 1 67 ? -8.468  9.839   -21.294 1.00 13.90 ? 190  HIS A CG  1 
ATOM   477  N  ND1 . HIS A 1 67 ? -9.143  8.877   -20.578 1.00 18.24 ? 190  HIS A ND1 1 
ATOM   478  C  CD2 . HIS A 1 67 ? -8.538  9.467   -22.595 1.00 13.01 ? 190  HIS A CD2 1 
ATOM   479  C  CE1 . HIS A 1 67 ? -9.573  7.942   -21.410 1.00 15.92 ? 190  HIS A CE1 1 
ATOM   480  N  NE2 . HIS A 1 67 ? -9.233  8.285   -22.638 1.00 19.49 ? 190  HIS A NE2 1 
ATOM   481  N  N   . PRO A 1 68 ? -8.397  13.348  -22.744 1.00 13.94 ? 191  PRO A N   1 
ATOM   482  C  CA  . PRO A 1 68 ? -8.647  13.630  -24.149 1.00 14.17 ? 191  PRO A CA  1 
ATOM   483  C  C   . PRO A 1 68 ? -8.658  12.366  -24.972 1.00 13.56 ? 191  PRO A C   1 
ATOM   484  O  O   . PRO A 1 68 ? -8.014  11.393  -24.595 1.00 13.57 ? 191  PRO A O   1 
ATOM   485  C  CB  . PRO A 1 68 ? -7.429  14.480  -24.541 1.00 15.13 ? 191  PRO A CB  1 
ATOM   486  C  CG  . PRO A 1 68 ? -7.086  15.181  -23.271 1.00 15.42 ? 191  PRO A CG  1 
ATOM   487  C  CD  . PRO A 1 68 ? -7.212  14.087  -22.244 1.00 15.43 ? 191  PRO A CD  1 
ATOM   488  N  N   . ILE A 1 69 ? -9.387  12.364  -26.083 1.00 14.41 ? 192  ILE A N   1 
ATOM   489  C  CA  . ILE A 1 69 ? -9.298  11.290  -27.082 1.00 15.00 ? 192  ILE A CA  1 
ATOM   490  C  C   . ILE A 1 69 ? -8.962  11.905  -28.443 1.00 15.92 ? 192  ILE A C   1 
ATOM   491  O  O   . ILE A 1 69 ? -9.543  12.929  -28.824 1.00 16.36 ? 192  ILE A O   1 
ATOM   492  C  CB  . ILE A 1 69 ? -10.561 10.418  -27.160 1.00 15.48 ? 192  ILE A CB  1 
ATOM   493  C  CG1 . ILE A 1 69 ? -11.810 11.217  -27.535 1.00 17.72 ? 192  ILE A CG1 1 
ATOM   494  C  CG2 . ILE A 1 69 ? -10.773 9.670   -25.836 1.00 16.90 ? 192  ILE A CG2 1 
ATOM   495  C  CD1 . ILE A 1 69 ? -13.150 10.324  -27.670 1.00 19.64 ? 192  ILE A CD1 1 
ATOM   496  N  N   . TYR A 1 70 ? -8.010  11.302  -29.138 1.00 15.83 ? 193  TYR A N   1 
ATOM   497  C  CA  . TYR A 1 70 ? -7.444  11.923  -30.321 1.00 19.19 ? 193  TYR A CA  1 
ATOM   498  C  C   . TYR A 1 70 ? -7.959  11.242  -31.587 1.00 21.94 ? 193  TYR A C   1 
ATOM   499  O  O   . TYR A 1 70 ? -7.407  10.228  -32.067 1.00 21.66 ? 193  TYR A O   1 
ATOM   500  C  CB  . TYR A 1 70 ? -5.904  11.942  -30.209 1.00 18.41 ? 193  TYR A CB  1 
ATOM   501  C  CG  . TYR A 1 70 ? -5.491  12.827  -29.091 1.00 18.08 ? 193  TYR A CG  1 
ATOM   502  C  CD1 . TYR A 1 70 ? -5.663  14.198  -29.182 1.00 16.65 ? 193  TYR A CD1 1 
ATOM   503  C  CD2 . TYR A 1 70 ? -4.975  12.303  -27.904 1.00 16.89 ? 193  TYR A CD2 1 
ATOM   504  C  CE1 . TYR A 1 70 ? -5.300  15.044  -28.137 1.00 14.44 ? 193  TYR A CE1 1 
ATOM   505  C  CE2 . TYR A 1 70 ? -4.603  13.140  -26.848 1.00 17.13 ? 193  TYR A CE2 1 
ATOM   506  C  CZ  . TYR A 1 70 ? -4.782  14.518  -26.980 1.00 18.42 ? 193  TYR A CZ  1 
ATOM   507  O  OH  . TYR A 1 70 ? -4.432  15.363  -25.958 1.00 18.58 ? 193  TYR A OH  1 
ATOM   508  N  N   . ILE A 1 71 ? -9.053  11.811  -32.086 1.00 24.61 ? 194  ILE A N   1 
ATOM   509  C  CA  . ILE A 1 71 ? -9.702  11.400  -33.334 1.00 27.35 ? 194  ILE A CA  1 
ATOM   510  C  C   . ILE A 1 71 ? -9.815  12.607  -34.280 1.00 27.84 ? 194  ILE A C   1 
ATOM   511  O  O   . ILE A 1 71 ? -9.553  13.753  -33.846 1.00 29.12 ? 194  ILE A O   1 
ATOM   512  C  CB  . ILE A 1 71 ? -11.101 10.803  -33.077 1.00 27.44 ? 194  ILE A CB  1 
ATOM   513  C  CG1 . ILE A 1 71 ? -11.907 11.709  -32.147 1.00 29.69 ? 194  ILE A CG1 1 
ATOM   514  C  CG2 . ILE A 1 71 ? -10.967 9.435   -32.443 1.00 30.04 ? 194  ILE A CG2 1 
ATOM   515  C  CD1 . ILE A 1 71 ? -13.365 11.489  -32.198 1.00 30.16 ? 194  ILE A CD1 1 
ATOM   516  N  N   . LEU B 1 5  ? 8.198   -18.979 14.786  1.00 33.95 ? 128  LEU B N   1 
ATOM   517  C  CA  . LEU B 1 5  ? 7.226   -17.995 15.356  1.00 33.10 ? 128  LEU B CA  1 
ATOM   518  C  C   . LEU B 1 5  ? 7.106   -16.766 14.470  1.00 33.67 ? 128  LEU B C   1 
ATOM   519  O  O   . LEU B 1 5  ? 8.113   -16.160 14.077  1.00 32.74 ? 128  LEU B O   1 
ATOM   520  C  CB  . LEU B 1 5  ? 7.584   -17.600 16.805  1.00 33.19 ? 128  LEU B CB  1 
ATOM   521  C  CG  . LEU B 1 5  ? 6.573   -16.717 17.548  1.00 32.44 ? 128  LEU B CG  1 
ATOM   522  C  CD1 . LEU B 1 5  ? 5.241   -17.461 17.742  1.00 34.34 ? 128  LEU B CD1 1 
ATOM   523  C  CD2 . LEU B 1 5  ? 7.106   -16.201 18.882  1.00 29.56 ? 128  LEU B CD2 1 
ATOM   524  N  N   . ARG B 1 6  ? 5.860   -16.405 14.167  1.00 33.55 ? 129  ARG B N   1 
ATOM   525  C  CA  . ARG B 1 6  ? 5.555   -15.285 13.303  1.00 33.95 ? 129  ARG B CA  1 
ATOM   526  C  C   . ARG B 1 6  ? 4.452   -14.477 13.971  1.00 33.24 ? 129  ARG B C   1 
ATOM   527  O  O   . ARG B 1 6  ? 3.274   -14.632 13.612  1.00 33.84 ? 129  ARG B O   1 
ATOM   528  C  CB  . ARG B 1 6  ? 5.094   -15.794 11.924  1.00 34.55 ? 129  ARG B CB  1 
ATOM   529  C  CG  . ARG B 1 6  ? 4.936   -14.731 10.848  1.00 36.21 ? 129  ARG B CG  1 
ATOM   530  C  CD  . ARG B 1 6  ? 6.268   -14.110 10.496  1.00 39.90 ? 129  ARG B CD  1 
ATOM   531  N  NE  . ARG B 1 6  ? 6.444   -12.869 11.237  1.00 40.44 ? 129  ARG B NE  1 
ATOM   532  C  CZ  . ARG B 1 6  ? 7.608   -12.260 11.452  1.00 40.99 ? 129  ARG B CZ  1 
ATOM   533  N  NH1 . ARG B 1 6  ? 8.751   -12.767 10.984  1.00 40.83 ? 129  ARG B NH1 1 
ATOM   534  N  NH2 . ARG B 1 6  ? 7.618   -11.125 12.134  1.00 40.65 ? 129  ARG B NH2 1 
ATOM   535  N  N   . PRO B 1 7  ? 4.819   -13.594 14.922  1.00 32.83 ? 130  PRO B N   1 
ATOM   536  C  CA  . PRO B 1 7  ? 3.786   -12.924 15.711  1.00 32.69 ? 130  PRO B CA  1 
ATOM   537  C  C   . PRO B 1 7  ? 2.793   -12.159 14.853  1.00 33.02 ? 130  PRO B C   1 
ATOM   538  O  O   . PRO B 1 7  ? 3.170   -11.555 13.843  1.00 33.01 ? 130  PRO B O   1 
ATOM   539  C  CB  . PRO B 1 7  ? 4.580   -11.941 16.581  1.00 32.15 ? 130  PRO B CB  1 
ATOM   540  C  CG  . PRO B 1 7  ? 5.964   -12.514 16.631  1.00 33.00 ? 130  PRO B CG  1 
ATOM   541  C  CD  . PRO B 1 7  ? 6.172   -13.130 15.295  1.00 32.47 ? 130  PRO B CD  1 
ATOM   542  N  N   . SER B 1 8  ? 1.531   -12.174 15.271  1.00 32.94 ? 131  SER B N   1 
ATOM   543  C  CA  . SER B 1 8  ? 0.529   -11.276 14.705  1.00 33.29 ? 131  SER B CA  1 
ATOM   544  C  C   . SER B 1 8  ? 0.947   -9.836  14.999  1.00 32.79 ? 131  SER B C   1 
ATOM   545  O  O   . SER B 1 8  ? 1.549   -9.566  16.039  1.00 33.88 ? 131  SER B O   1 
ATOM   546  C  CB  . SER B 1 8  ? -0.856  -11.574 15.306  1.00 33.47 ? 131  SER B CB  1 
ATOM   547  O  OG  . SER B 1 8  ? -1.360  -12.829 14.836  1.00 34.46 ? 131  SER B OG  1 
ATOM   548  N  N   . GLY B 1 9  ? 0.655   -8.915  14.082  1.00 32.08 ? 132  GLY B N   1 
ATOM   549  C  CA  . GLY B 1 9  ? 0.983   -7.496  14.317  1.00 30.68 ? 132  GLY B CA  1 
ATOM   550  C  C   . GLY B 1 9  ? 2.419   -7.107  13.987  1.00 30.43 ? 132  GLY B C   1 
ATOM   551  O  O   . GLY B 1 9  ? 2.893   -6.047  14.413  1.00 30.47 ? 132  GLY B O   1 
ATOM   552  N  N   . THR B 1 10 ? 3.117   -7.971  13.242  1.00 28.58 ? 133  THR B N   1 
ATOM   553  C  CA  . THR B 1 10 ? 4.490   -7.688  12.776  1.00 27.30 ? 133  THR B CA  1 
ATOM   554  C  C   . THR B 1 10 ? 4.518   -7.652  11.241  1.00 26.14 ? 133  THR B C   1 
ATOM   555  O  O   . THR B 1 10 ? 3.667   -8.267  10.586  1.00 26.93 ? 133  THR B O   1 
ATOM   556  C  CB  . THR B 1 10 ? 5.528   -8.723  13.301  1.00 27.42 ? 133  THR B CB  1 
ATOM   557  O  OG1 . THR B 1 10 ? 5.139   -10.039 12.893  1.00 28.33 ? 133  THR B OG1 1 
ATOM   558  C  CG2 . THR B 1 10 ? 5.626   -8.685  14.828  1.00 28.01 ? 133  THR B CG2 1 
ATOM   559  N  N   . VAL B 1 11 ? 5.491   -6.931  10.686  1.00 25.11 ? 134  VAL B N   1 
ATOM   560  C  CA  . VAL B 1 11 ? 5.668   -6.830  9.249   1.00 24.06 ? 134  VAL B CA  1 
ATOM   561  C  C   . VAL B 1 11 ? 6.571   -7.952  8.785   1.00 23.05 ? 134  VAL B C   1 
ATOM   562  O  O   . VAL B 1 11 ? 7.705   -8.085  9.263   1.00 22.41 ? 134  VAL B O   1 
ATOM   563  C  CB  . VAL B 1 11 ? 6.293   -5.484  8.845   1.00 23.64 ? 134  VAL B CB  1 
ATOM   564  C  CG1 . VAL B 1 11 ? 6.557   -5.452  7.330   1.00 25.63 ? 134  VAL B CG1 1 
ATOM   565  C  CG2 . VAL B 1 11 ? 5.371   -4.336  9.254   1.00 25.41 ? 134  VAL B CG2 1 
ATOM   566  N  N   . SER B 1 12 ? 6.066   -8.765  7.864   1.00 21.81 ? 135  SER B N   1 
ATOM   567  C  CA  . SER B 1 12 ? 6.871   -9.840  7.295   1.00 21.90 ? 135  SER B CA  1 
ATOM   568  C  C   . SER B 1 12 ? 6.351   -10.233 5.932   1.00 21.39 ? 135  SER B C   1 
ATOM   569  O  O   . SER B 1 12 ? 5.215   -9.916  5.576   1.00 21.43 ? 135  SER B O   1 
ATOM   570  C  CB  . SER B 1 12 ? 6.870   -11.071 8.200   1.00 22.45 ? 135  SER B CB  1 
ATOM   571  O  OG  . SER B 1 12 ? 5.592   -11.718 8.220   1.00 24.52 ? 135  SER B OG  1 
ATOM   572  N  N   . CYS B 1 13 ? 7.194   -10.924 5.181   1.00 19.47 ? 136  CYS B N   1 
ATOM   573  C  CA  . CYS B 1 13 ? 6.823   -11.459 3.883   1.00 19.12 ? 136  CYS B CA  1 
ATOM   574  C  C   . CYS B 1 13 ? 6.398   -12.911 4.070   1.00 19.65 ? 136  CYS B C   1 
ATOM   575  O  O   . CYS B 1 13 ? 7.151   -13.683 4.644   1.00 19.25 ? 136  CYS B O   1 
ATOM   576  C  CB  . CYS B 1 13 ? 8.013   -11.426 2.940   1.00 18.47 ? 136  CYS B CB  1 
ATOM   577  S  SG  . CYS B 1 13 ? 7.639   -12.048 1.295   1.00 16.61 ? 136  CYS B SG  1 
ATOM   578  N  N   . PRO B 1 14 ? 5.203   -13.270 3.574   1.00 19.94 ? 137  PRO B N   1 
ATOM   579  C  CA  . PRO B 1 14 ? 4.665   -14.617 3.771   1.00 20.84 ? 137  PRO B CA  1 
ATOM   580  C  C   . PRO B 1 14 ? 5.277   -15.617 2.826   1.00 21.47 ? 137  PRO B C   1 
ATOM   581  O  O   . PRO B 1 14 ? 5.020   -16.821 2.955   1.00 22.66 ? 137  PRO B O   1 
ATOM   582  C  CB  . PRO B 1 14 ? 3.189   -14.450 3.481   1.00 20.74 ? 137  PRO B CB  1 
ATOM   583  C  CG  . PRO B 1 14 ? 3.137   -13.303 2.471   1.00 20.25 ? 137  PRO B CG  1 
ATOM   584  C  CD  . PRO B 1 14 ? 4.245   -12.379 2.892   1.00 20.04 ? 137  PRO B CD  1 
ATOM   585  N  N   . ILE B 1 15 ? 6.082   -15.139 1.876   1.00 20.67 ? 138  ILE B N   1 
ATOM   586  C  CA  . ILE B 1 15 ? 6.731   -16.042 0.919   1.00 21.85 ? 138  ILE B CA  1 
ATOM   587  C  C   . ILE B 1 15 ? 8.099   -16.485 1.455   1.00 22.99 ? 138  ILE B C   1 
ATOM   588  O  O   . ILE B 1 15 ? 8.330   -17.678 1.667   1.00 24.20 ? 138  ILE B O   1 
ATOM   589  C  CB  . ILE B 1 15 ? 6.800   -15.397 -0.508  1.00 21.99 ? 138  ILE B CB  1 
ATOM   590  C  CG1 . ILE B 1 15 ? 5.383   -15.071 -0.975  1.00 21.44 ? 138  ILE B CG1 1 
ATOM   591  C  CG2 . ILE B 1 15 ? 7.479   -16.321 -1.536  1.00 21.81 ? 138  ILE B CG2 1 
ATOM   592  C  CD1 . ILE B 1 15 ? 5.281   -14.250 -2.279  1.00 22.31 ? 138  ILE B CD1 1 
ATOM   593  N  N   . CYS B 1 16 ? 9.002   -15.539 1.685   1.00 22.60 ? 139  CYS B N   1 
ATOM   594  C  CA  . CYS B 1 16 ? 10.352  -15.866 2.151   1.00 23.13 ? 139  CYS B CA  1 
ATOM   595  C  C   . CYS B 1 16 ? 10.430  -15.983 3.673   1.00 23.51 ? 139  CYS B C   1 
ATOM   596  O  O   . CYS B 1 16 ? 11.451  -16.450 4.215   1.00 24.38 ? 139  CYS B O   1 
ATOM   597  C  CB  . CYS B 1 16 ? 11.371  -14.849 1.623   1.00 23.16 ? 139  CYS B CB  1 
ATOM   598  S  SG  . CYS B 1 16 ? 11.127  -13.174 2.267   1.00 21.12 ? 139  CYS B SG  1 
ATOM   599  N  N   . MET B 1 17 ? 9.365   -15.540 4.352   1.00 23.54 ? 140  MET B N   1 
ATOM   600  C  CA  . MET B 1 17 ? 9.238   -15.569 5.817   1.00 24.70 ? 140  MET B CA  1 
ATOM   601  C  C   . MET B 1 17 ? 10.145  -14.579 6.546   1.00 24.23 ? 140  MET B C   1 
ATOM   602  O  O   . MET B 1 17 ? 10.285  -14.652 7.772   1.00 24.80 ? 140  MET B O   1 
ATOM   603  C  CB  . MET B 1 17 ? 9.456   -16.985 6.396   1.00 25.76 ? 140  MET B CB  1 
ATOM   604  C  CG  . MET B 1 17 ? 8.757   -18.118 5.675   1.00 30.07 ? 140  MET B CG  1 
ATOM   605  S  SD  . MET B 1 17 ? 7.039   -17.812 5.280   1.00 40.60 ? 140  MET B SD  1 
ATOM   606  C  CE  . MET B 1 17 ? 6.262   -17.792 6.900   1.00 38.96 ? 140  MET B CE  1 
ATOM   607  N  N   . ASP B 1 18 ? 10.786  -13.681 5.800   1.00 22.50 ? 141  ASP B N   1 
ATOM   608  C  CA  . ASP B 1 18 ? 11.658  -12.679 6.406   1.00 22.77 ? 141  ASP B CA  1 
ATOM   609  C  C   . ASP B 1 18 ? 10.843  -11.586 7.077   1.00 21.89 ? 141  ASP B C   1 
ATOM   610  O  O   . ASP B 1 18 ? 9.799   -11.188 6.564   1.00 21.45 ? 141  ASP B O   1 
ATOM   611  C  CB  . ASP B 1 18 ? 12.556  -12.046 5.338   1.00 22.13 ? 141  ASP B CB  1 
ATOM   612  C  CG  . ASP B 1 18 ? 13.689  -12.948 4.922   1.00 25.38 ? 141  ASP B CG  1 
ATOM   613  O  OD1 . ASP B 1 18 ? 13.899  -13.957 5.613   1.00 28.87 ? 141  ASP B OD1 1 
ATOM   614  O  OD2 . ASP B 1 18 ? 14.357  -12.648 3.901   1.00 24.66 ? 141  ASP B OD2 1 
ATOM   615  N  N   . GLY B 1 19 ? 11.321  -11.122 8.236   1.00 21.44 ? 142  GLY B N   1 
ATOM   616  C  CA  . GLY B 1 19 ? 10.741  -9.954  8.900   1.00 20.53 ? 142  GLY B CA  1 
ATOM   617  C  C   . GLY B 1 19 ? 11.259  -8.618  8.362   1.00 20.34 ? 142  GLY B C   1 
ATOM   618  O  O   . GLY B 1 19 ? 12.167  -8.558  7.508   1.00 20.10 ? 142  GLY B O   1 
ATOM   619  N  N   . TYR B 1 20 ? 10.680  -7.544  8.879   1.00 19.35 ? 143  TYR B N   1 
ATOM   620  C  CA  . TYR B 1 20 ? 10.991  -6.198  8.415   1.00 19.90 ? 143  TYR B CA  1 
ATOM   621  C  C   . TYR B 1 20 ? 12.480  -5.907  8.286   1.00 20.12 ? 143  TYR B C   1 
ATOM   622  O  O   . TYR B 1 20 ? 12.950  -5.504  7.225   1.00 19.17 ? 143  TYR B O   1 
ATOM   623  C  CB  . TYR B 1 20 ? 10.330  -5.139  9.316   1.00 19.82 ? 143  TYR B CB  1 
ATOM   624  C  CG  . TYR B 1 20 ? 10.716  -3.737  8.890   1.00 20.39 ? 143  TYR B CG  1 
ATOM   625  C  CD1 . TYR B 1 20 ? 10.052  -3.091  7.847   1.00 21.24 ? 143  TYR B CD1 1 
ATOM   626  C  CD2 . TYR B 1 20 ? 11.760  -3.068  9.515   1.00 21.42 ? 143  TYR B CD2 1 
ATOM   627  C  CE1 . TYR B 1 20 ? 10.430  -1.812  7.438   1.00 22.80 ? 143  TYR B CE1 1 
ATOM   628  C  CE2 . TYR B 1 20 ? 12.147  -1.796  9.118   1.00 23.25 ? 143  TYR B CE2 1 
ATOM   629  C  CZ  . TYR B 1 20 ? 11.478  -1.171  8.086   1.00 23.76 ? 143  TYR B CZ  1 
ATOM   630  O  OH  . TYR B 1 20 ? 11.856  0.092   7.705   1.00 25.01 ? 143  TYR B OH  1 
ATOM   631  N  N   . SER B 1 21 ? 13.232  -6.079  9.375   1.00 20.63 ? 144  SER B N   1 
ATOM   632  C  CA  . SER B 1 21 ? 14.638  -5.683  9.324   1.00 21.84 ? 144  SER B CA  1 
ATOM   633  C  C   . SER B 1 21 ? 15.429  -6.566  8.380   1.00 21.83 ? 144  SER B C   1 
ATOM   634  O  O   . SER B 1 21 ? 16.287  -6.072  7.668   1.00 23.16 ? 144  SER B O   1 
ATOM   635  C  CB  . SER B 1 21 ? 15.263  -5.701  10.719  1.00 22.21 ? 144  SER B CB  1 
ATOM   636  O  OG  . SER B 1 21 ? 14.586  -4.773  11.550  1.00 25.20 ? 144  SER B OG  1 
ATOM   637  N  N   . GLU B 1 22 ? 15.154  -7.864  8.382   1.00 22.07 ? 145  GLU B N   1 
ATOM   638  C  CA  . GLU B 1 22 ? 15.798  -8.791  7.443   1.00 22.67 ? 145  GLU B CA  1 
ATOM   639  C  C   . GLU B 1 22 ? 15.557  -8.383  5.987   1.00 22.48 ? 145  GLU B C   1 
ATOM   640  O  O   . GLU B 1 22 ? 16.444  -8.516  5.116   1.00 22.85 ? 145  GLU B O   1 
ATOM   641  C  CB  . GLU B 1 22 ? 15.302  -10.216 7.664   1.00 23.06 ? 145  GLU B CB  1 
ATOM   642  C  CG  . GLU B 1 22 ? 15.598  -10.801 9.052   1.00 27.53 ? 145  GLU B CG  1 
ATOM   643  C  CD  . GLU B 1 22 ? 14.923  -12.153 9.261   1.00 31.55 ? 145  GLU B CD  1 
ATOM   644  O  OE1 . GLU B 1 22 ? 13.682  -12.190 9.437   1.00 31.09 ? 145  GLU B OE1 1 
ATOM   645  O  OE2 . GLU B 1 22 ? 15.637  -13.189 9.237   1.00 32.22 ? 145  GLU B OE2 1 
ATOM   646  N  N   . ILE B 1 23 ? 14.350  -7.902  5.712   1.00 21.45 ? 146  ILE B N   1 
ATOM   647  C  CA  . ILE B 1 23 ? 14.028  -7.459  4.361   1.00 20.55 ? 146  ILE B CA  1 
ATOM   648  C  C   . ILE B 1 23 ? 14.816  -6.209  3.970   1.00 21.58 ? 146  ILE B C   1 
ATOM   649  O  O   . ILE B 1 23 ? 15.492  -6.217  2.955   1.00 20.72 ? 146  ILE B O   1 
ATOM   650  C  CB  . ILE B 1 23 ? 12.519  -7.215  4.186   1.00 19.71 ? 146  ILE B CB  1 
ATOM   651  C  CG1 . ILE B 1 23 ? 11.746  -8.541  4.294   1.00 17.12 ? 146  ILE B CG1 1 
ATOM   652  C  CG2 . ILE B 1 23 ? 12.230  -6.529  2.850   1.00 21.12 ? 146  ILE B CG2 1 
ATOM   653  C  CD1 . ILE B 1 23 ? 10.229  -8.323  4.646   1.00 18.42 ? 146  ILE B CD1 1 
ATOM   654  N  N   . VAL B 1 24 ? 14.731  -5.153  4.783   1.00 22.67 ? 147  VAL B N   1 
ATOM   655  C  CA  . VAL B 1 24 ? 15.309  -3.861  4.405   1.00 24.90 ? 147  VAL B CA  1 
ATOM   656  C  C   . VAL B 1 24 ? 16.834  -3.809  4.512   1.00 27.23 ? 147  VAL B C   1 
ATOM   657  O  O   . VAL B 1 24 ? 17.497  -3.065  3.766   1.00 27.74 ? 147  VAL B O   1 
ATOM   658  C  CB  . VAL B 1 24 ? 14.660  -2.681  5.159   1.00 25.05 ? 147  VAL B CB  1 
ATOM   659  C  CG1 . VAL B 1 24 ? 13.191  -2.614  4.844   1.00 25.30 ? 147  VAL B CG1 1 
ATOM   660  C  CG2 . VAL B 1 24 ? 14.910  -2.777  6.666   1.00 26.17 ? 147  VAL B CG2 1 
ATOM   661  N  N   . GLN B 1 25 ? 17.402  -4.616  5.408   1.00 28.14 ? 148  GLN B N   1 
ATOM   662  C  CA  . GLN B 1 25 ? 18.847  -4.590  5.621   1.00 29.70 ? 148  GLN B CA  1 
ATOM   663  C  C   . GLN B 1 25 ? 19.605  -5.338  4.524   1.00 29.64 ? 148  GLN B C   1 
ATOM   664  O  O   . GLN B 1 25 ? 20.823  -5.165  4.352   1.00 30.16 ? 148  GLN B O   1 
ATOM   665  C  CB  . GLN B 1 25 ? 19.194  -5.040  7.047   1.00 30.09 ? 148  GLN B CB  1 
ATOM   666  C  CG  . GLN B 1 25 ? 18.578  -4.089  8.111   1.00 32.12 ? 148  GLN B CG  1 
ATOM   667  C  CD  . GLN B 1 25 ? 18.744  -4.562  9.548   1.00 36.45 ? 148  GLN B CD  1 
ATOM   668  O  OE1 . GLN B 1 25 ? 19.375  -5.587  9.821   1.00 38.11 ? 148  GLN B OE1 1 
ATOM   669  N  NE2 . GLN B 1 25 ? 18.181  -3.799  10.482  1.00 38.35 ? 148  GLN B NE2 1 
ATOM   670  N  N   . ASN B 1 26 ? 18.846  -6.108  3.744   1.00 29.20 ? 149  ASN B N   1 
ATOM   671  C  CA  . ASN B 1 26 ? 19.300  -6.796  2.545   1.00 29.50 ? 149  ASN B CA  1 
ATOM   672  C  C   . ASN B 1 26 ? 19.087  -5.979  1.264   1.00 27.92 ? 149  ASN B C   1 
ATOM   673  O  O   . ASN B 1 26 ? 19.367  -6.450  0.168   1.00 29.28 ? 149  ASN B O   1 
ATOM   674  C  CB  . ASN B 1 26 ? 18.500  -8.089  2.399   1.00 30.86 ? 149  ASN B CB  1 
ATOM   675  C  CG  . ASN B 1 26 ? 19.192  -9.107  1.527   1.00 33.90 ? 149  ASN B CG  1 
ATOM   676  O  OD1 . ASN B 1 26 ? 20.379  -9.399  1.708   0.50 36.38 ? 149  ASN B OD1 1 
ATOM   677  N  ND2 . ASN B 1 26 ? 18.456  -9.661  0.574   1.00 37.42 ? 149  ASN B ND2 1 
ATOM   678  N  N   . GLY B 1 27 ? 18.541  -4.781  1.395   1.00 26.68 ? 150  GLY B N   1 
ATOM   679  C  CA  . GLY B 1 27 ? 18.290  -3.934  0.225   1.00 24.83 ? 150  GLY B CA  1 
ATOM   680  C  C   . GLY B 1 27 ? 16.992  -4.196  -0.522  1.00 23.54 ? 150  GLY B C   1 
ATOM   681  O  O   . GLY B 1 27 ? 16.810  -3.734  -1.650  1.00 24.42 ? 150  GLY B O   1 
ATOM   682  N  N   . ARG B 1 28 ? 16.083  -4.950  0.083   1.00 21.00 ? 151  ARG B N   1 
ATOM   683  C  CA  . ARG B 1 28 ? 14.753  -5.128  -0.511  1.00 18.72 ? 151  ARG B CA  1 
ATOM   684  C  C   . ARG B 1 28 ? 13.801  -4.098  0.106   1.00 17.67 ? 151  ARG B C   1 
ATOM   685  O  O   . ARG B 1 28 ? 14.159  -3.424  1.081   1.00 16.87 ? 151  ARG B O   1 
ATOM   686  C  CB  . ARG B 1 28 ? 14.239  -6.547  -0.274  1.00 18.42 ? 151  ARG B CB  1 
ATOM   687  C  CG  . ARG B 1 28 ? 14.971  -7.635  -1.043  1.00 19.48 ? 151  ARG B CG  1 
ATOM   688  C  CD  . ARG B 1 28 ? 14.500  -9.001  -0.535  1.00 23.22 ? 151  ARG B CD  1 
ATOM   689  N  NE  . ARG B 1 28 ? 15.150  -9.325  0.729   1.00 23.60 ? 151  ARG B NE  1 
ATOM   690  C  CZ  . ARG B 1 28 ? 14.736  -10.229 1.621   1.00 24.42 ? 151  ARG B CZ  1 
ATOM   691  N  NH1 . ARG B 1 28 ? 13.621  -10.936 1.442   1.00 21.95 ? 151  ARG B NH1 1 
ATOM   692  N  NH2 . ARG B 1 28 ? 15.455  -10.425 2.716   1.00 26.48 ? 151  ARG B NH2 1 
ATOM   693  N  N   . LEU B 1 29 ? 12.610  -3.950  -0.492  1.00 15.94 ? 152  LEU B N   1 
ATOM   694  C  CA  . LEU B 1 29 ? 11.568  -3.051  -0.013  1.00 15.41 ? 152  LEU B CA  1 
ATOM   695  C  C   . LEU B 1 29 ? 10.408  -3.867  0.503   1.00 14.79 ? 152  LEU B C   1 
ATOM   696  O  O   . LEU B 1 29 ? 10.216  -5.012  0.091   1.00 14.50 ? 152  LEU B O   1 
ATOM   697  C  CB  . LEU B 1 29 ? 11.032  -2.143  -1.143  1.00 16.02 ? 152  LEU B CB  1 
ATOM   698  C  CG  . LEU B 1 29 ? 12.109  -1.278  -1.808  1.00 17.89 ? 152  LEU B CG  1 
ATOM   699  C  CD1 . LEU B 1 29 ? 11.548  -0.528  -2.993  1.00 18.76 ? 152  LEU B CD1 1 
ATOM   700  C  CD2 . LEU B 1 29 ? 12.687  -0.329  -0.785  1.00 21.01 ? 152  LEU B CD2 1 
ATOM   701  N  N   . ILE B 1 30 ? 9.657   -3.280  1.429   1.00 14.64 ? 153  ILE B N   1 
ATOM   702  C  CA  . ILE B 1 30 ? 8.338   -3.786  1.765   1.00 14.96 ? 153  ILE B CA  1 
ATOM   703  C  C   . ILE B 1 30 ? 7.410   -3.283  0.658   1.00 14.38 ? 153  ILE B C   1 
ATOM   704  O  O   . ILE B 1 30 ? 7.498   -2.116  0.279   1.00 14.22 ? 153  ILE B O   1 
ATOM   705  C  CB  . ILE B 1 30 ? 7.788   -3.223  3.104   1.00 16.00 ? 153  ILE B CB  1 
ATOM   706  C  CG1 . ILE B 1 30 ? 8.791   -3.371  4.256   1.00 16.73 ? 153  ILE B CG1 1 
ATOM   707  C  CG2 . ILE B 1 30 ? 6.510   -3.958  3.478   1.00 16.00 ? 153  ILE B CG2 1 
ATOM   708  C  CD1 . ILE B 1 30 ? 9.292   -4.801  4.433   1.00 19.14 ? 153  ILE B CD1 1 
ATOM   709  N  N   . VAL B 1 31 ? 6.547   -4.152  0.125   1.00 13.58 ? 154  VAL B N   1 
ATOM   710  C  CA  . VAL B 1 31 ? 5.595   -3.712  -0.923  1.00 13.14 ? 154  VAL B CA  1 
ATOM   711  C  C   . VAL B 1 31 ? 4.193   -4.125  -0.517  1.00 13.56 ? 154  VAL B C   1 
ATOM   712  O  O   . VAL B 1 31 ? 4.039   -5.074  0.265   1.00 13.81 ? 154  VAL B O   1 
ATOM   713  C  CB  . VAL B 1 31 ? 5.939   -4.289  -2.350  1.00 13.12 ? 154  VAL B CB  1 
ATOM   714  C  CG1 . VAL B 1 31 ? 7.287   -3.720  -2.848  1.00 13.55 ? 154  VAL B CG1 1 
ATOM   715  C  CG2 . VAL B 1 31 ? 5.953   -5.819  -2.390  1.00 13.70 ? 154  VAL B CG2 1 
ATOM   716  N  N   . SER B 1 32 ? 3.182   -3.425  -1.040  1.00 13.21 ? 155  SER B N   1 
ATOM   717  C  CA  . SER B 1 32 ? 1.796   -3.838  -0.865  1.00 13.29 ? 155  SER B CA  1 
ATOM   718  C  C   . SER B 1 32 ? 1.127   -3.923  -2.239  1.00 13.64 ? 155  SER B C   1 
ATOM   719  O  O   . SER B 1 32 ? 1.347   -3.078  -3.131  1.00 13.47 ? 155  SER B O   1 
ATOM   720  C  CB  . SER B 1 32 ? 1.016   -2.831  0.002   1.00 14.41 ? 155  SER B CB  1 
ATOM   721  O  OG  . SER B 1 32 ? -0.309  -3.301  0.225   1.00 17.94 ? 155  SER B OG  1 
ATOM   722  N  N   . THR B 1 33 ? 0.279   -4.931  -2.404  1.00 14.01 ? 156  THR B N   1 
ATOM   723  C  CA  . THR B 1 33 ? -0.681  -4.868  -3.509  1.00 14.80 ? 156  THR B CA  1 
ATOM   724  C  C   . THR B 1 33 ? -1.824  -3.876  -3.219  1.00 14.92 ? 156  THR B C   1 
ATOM   725  O  O   . THR B 1 33 ? -2.036  -3.411  -2.102  1.00 16.19 ? 156  THR B O   1 
ATOM   726  C  CB  . THR B 1 33 ? -1.319  -6.242  -3.755  1.00 14.59 ? 156  THR B CB  1 
ATOM   727  O  OG1 . THR B 1 33 ? -2.008  -6.616  -2.562  1.00 15.39 ? 156  THR B OG1 1 
ATOM   728  C  CG2 . THR B 1 33 ? -0.262  -7.289  -4.083  1.00 16.17 ? 156  THR B CG2 1 
ATOM   729  N  N   . GLU B 1 34 ? -2.610  -3.557  -4.230  1.00 15.71 ? 157  GLU B N   1 
ATOM   730  C  CA  . GLU B 1 34 ? -3.721  -2.644  -4.004  1.00 16.93 ? 157  GLU B CA  1 
ATOM   731  C  C   . GLU B 1 34 ? -4.829  -3.268  -3.165  1.00 16.81 ? 157  GLU B C   1 
ATOM   732  O  O   . GLU B 1 34 ? -5.616  -2.548  -2.530  1.00 18.37 ? 157  GLU B O   1 
ATOM   733  C  CB  . GLU B 1 34 ? -4.248  -2.134  -5.339  1.00 17.76 ? 157  GLU B CB  1 
ATOM   734  C  CG  . GLU B 1 34 ? -3.285  -1.125  -5.932  1.00 19.54 ? 157  GLU B CG  1 
ATOM   735  C  CD  . GLU B 1 34 ? -3.808  -0.452  -7.183  0.50 20.97 ? 157  GLU B CD  1 
ATOM   736  O  OE1 . GLU B 1 34 ? -4.992  -0.649  -7.539  0.50 22.96 ? 157  GLU B OE1 1 
ATOM   737  O  OE2 . GLU B 1 34 ? -3.015  0.277   -7.806  0.50 21.78 ? 157  GLU B OE2 1 
ATOM   738  N  N   . CYS B 1 35 ? -4.835  -4.598  -3.108  1.00 16.36 ? 158  CYS B N   1 
ATOM   739  C  CA  . CYS B 1 35 ? -5.762  -5.352  -2.236  1.00 16.76 ? 158  CYS B CA  1 
ATOM   740  C  C   . CYS B 1 35 ? -5.250  -5.461  -0.782  1.00 17.30 ? 158  CYS B C   1 
ATOM   741  O  O   . CYS B 1 35 ? -5.862  -6.120  0.073   1.00 18.34 ? 158  CYS B O   1 
ATOM   742  C  CB  . CYS B 1 35 ? -6.082  -6.740  -2.832  1.00 17.19 ? 158  CYS B CB  1 
ATOM   743  S  SG  . CYS B 1 35 ? -4.698  -7.611  -3.624  1.00 17.76 ? 158  CYS B SG  1 
ATOM   744  N  N   . GLY B 1 36 ? -4.131  -4.804  -0.518  1.00 15.89 ? 159  GLY B N   1 
ATOM   745  C  CA  . GLY B 1 36 ? -3.679  -4.596  0.849   1.00 14.84 ? 159  GLY B CA  1 
ATOM   746  C  C   . GLY B 1 36 ? -2.749  -5.653  1.351   1.00 14.63 ? 159  GLY B C   1 
ATOM   747  O  O   . GLY B 1 36 ? -2.493  -5.711  2.540   1.00 15.53 ? 159  GLY B O   1 
ATOM   748  N  N   . HIS B 1 37 ? -2.239  -6.504  0.460   1.00 13.71 ? 160  HIS B N   1 
ATOM   749  C  CA  . HIS B 1 37 ? -1.401  -7.636  0.899   1.00 14.06 ? 160  HIS B CA  1 
ATOM   750  C  C   . HIS B 1 37 ? 0.088   -7.376  0.732   1.00 13.38 ? 160  HIS B C   1 
ATOM   751  O  O   . HIS B 1 37 ? 0.531   -6.854  -0.282  1.00 12.68 ? 160  HIS B O   1 
ATOM   752  C  CB  . HIS B 1 37 ? -1.898  -8.965  0.315   1.00 14.66 ? 160  HIS B CB  1 
ATOM   753  C  CG  . HIS B 1 37 ? -3.347  -9.186  0.631   1.00 16.10 ? 160  HIS B CG  1 
ATOM   754  N  ND1 . HIS B 1 37 ? -4.323  -9.334  -0.333  1.00 16.42 ? 160  HIS B ND1 1 
ATOM   755  C  CD2 . HIS B 1 37 ? -4.000  -9.130  1.816   1.00 15.82 ? 160  HIS B CD2 1 
ATOM   756  C  CE1 . HIS B 1 37 ? -5.516  -9.383  0.243   1.00 16.62 ? 160  HIS B CE1 1 
ATOM   757  N  NE2 . HIS B 1 37 ? -5.350  -9.274  1.545   1.00 16.07 ? 160  HIS B NE2 1 
ATOM   758  N  N   . VAL B 1 38 ? 0.813   -7.654  1.805   1.00 13.22 ? 161  VAL B N   1 
ATOM   759  C  CA  . VAL B 1 38 ? 2.204   -7.188  1.983   1.00 14.09 ? 161  VAL B CA  1 
ATOM   760  C  C   . VAL B 1 38 ? 3.225   -8.294  1.769   1.00 14.63 ? 161  VAL B C   1 
ATOM   761  O  O   . VAL B 1 38 ? 3.042   -9.440  2.209   1.00 14.85 ? 161  VAL B O   1 
ATOM   762  C  CB  . VAL B 1 38 ? 2.380   -6.539  3.394   1.00 14.32 ? 161  VAL B CB  1 
ATOM   763  C  CG1 . VAL B 1 38 ? 3.857   -6.243  3.723   1.00 14.74 ? 161  VAL B CG1 1 
ATOM   764  C  CG2 . VAL B 1 38 ? 1.496   -5.279  3.493   1.00 16.29 ? 161  VAL B CG2 1 
ATOM   765  N  N   . PHE B 1 39 ? 4.299   -7.928  1.067   1.00 13.87 ? 162  PHE B N   1 
ATOM   766  C  CA  . PHE B 1 39 ? 5.341   -8.862  0.666   1.00 14.68 ? 162  PHE B CA  1 
ATOM   767  C  C   . PHE B 1 39 ? 6.645   -8.095  0.685   1.00 14.87 ? 162  PHE B C   1 
ATOM   768  O  O   . PHE B 1 39 ? 6.647   -6.871  0.868   1.00 15.48 ? 162  PHE B O   1 
ATOM   769  C  CB  . PHE B 1 39 ? 5.093   -9.342  -0.759  1.00 14.49 ? 162  PHE B CB  1 
ATOM   770  C  CG  . PHE B 1 39 ? 3.775   -10.007 -0.950  1.00 14.99 ? 162  PHE B CG  1 
ATOM   771  C  CD1 . PHE B 1 39 ? 3.647   -11.375 -0.739  1.00 15.87 ? 162  PHE B CD1 1 
ATOM   772  C  CD2 . PHE B 1 39 ? 2.653   -9.255  -1.372  1.00 14.83 ? 162  PHE B CD2 1 
ATOM   773  C  CE1 . PHE B 1 39 ? 2.434   -12.002 -0.915  1.00 14.91 ? 162  PHE B CE1 1 
ATOM   774  C  CE2 . PHE B 1 39 ? 1.430   -9.878  -1.522  1.00 15.02 ? 162  PHE B CE2 1 
ATOM   775  C  CZ  . PHE B 1 39 ? 1.329   -11.257 -1.298  1.00 15.58 ? 162  PHE B CZ  1 
ATOM   776  N  N   . CYS B 1 40 ? 7.753   -8.802  0.512   1.00 15.67 ? 163  CYS B N   1 
ATOM   777  C  CA  . CYS B 1 40 ? 8.985   -8.140  0.097   1.00 15.73 ? 163  CYS B CA  1 
ATOM   778  C  C   . CYS B 1 40 ? 9.008   -8.001  -1.423  1.00 16.17 ? 163  CYS B C   1 
ATOM   779  O  O   . CYS B 1 40 ? 8.313   -8.742  -2.162  1.00 17.26 ? 163  CYS B O   1 
ATOM   780  C  CB  . CYS B 1 40 ? 10.226  -8.875  0.609   1.00 15.65 ? 163  CYS B CB  1 
ATOM   781  S  SG  . CYS B 1 40 ? 10.801  -10.234 -0.390  1.00 17.08 ? 163  CYS B SG  1 
ATOM   782  N  N   . SER B 1 41 ? 9.797   -7.038  -1.891  1.00 16.94 ? 164  SER B N   1 
ATOM   783  C  CA  . SER B 1 41 ? 9.823   -6.661  -3.290  1.00 17.41 ? 164  SER B CA  1 
ATOM   784  C  C   . SER B 1 41 ? 10.292  -7.835  -4.166  1.00 18.64 ? 164  SER B C   1 
ATOM   785  O  O   . SER B 1 41 ? 9.766   -8.048  -5.265  1.00 18.38 ? 164  SER B O   1 
ATOM   786  C  CB  . SER B 1 41 ? 10.746  -5.454  -3.481  1.00 17.38 ? 164  SER B CB  1 
ATOM   787  O  OG  . SER B 1 41 ? 11.980  -5.641  -2.786  1.00 17.22 ? 164  SER B OG  1 
ATOM   788  N  N   . GLN B 1 42 ? 11.266  -8.595  -3.679  1.00 19.35 ? 165  GLN B N   1 
ATOM   789  C  CA  . GLN B 1 42 ? 11.833  -9.674  -4.504  1.00 20.05 ? 165  GLN B CA  1 
ATOM   790  C  C   . GLN B 1 42 ? 10.823  -10.806 -4.647  1.00 19.70 ? 165  GLN B C   1 
ATOM   791  O  O   . GLN B 1 42 ? 10.586  -11.302 -5.758  1.00 20.07 ? 165  GLN B O   1 
ATOM   792  C  CB  . GLN B 1 42 ? 13.155  -10.170 -3.920  1.00 20.56 ? 165  GLN B CB  1 
ATOM   793  C  CG  . GLN B 1 42 ? 13.861  -11.205 -4.819  0.50 22.24 ? 165  GLN B CG  1 
ATOM   794  C  CD  . GLN B 1 42 ? 14.393  -10.595 -6.101  0.50 24.44 ? 165  GLN B CD  1 
ATOM   795  O  OE1 . GLN B 1 42 ? 13.787  -10.724 -7.169  0.50 27.03 ? 165  GLN B OE1 1 
ATOM   796  N  NE2 . GLN B 1 42 ? 15.520  -9.909  -5.998  0.50 25.93 ? 165  GLN B NE2 1 
ATOM   797  N  N   . CYS B 1 43 ? 10.190  -11.193 -3.550  1.00 19.13 ? 166  CYS B N   1 
ATOM   798  C  CA  . CYS B 1 43 ? 9.190   -12.261 -3.625  1.00 19.78 ? 166  CYS B CA  1 
ATOM   799  C  C   . CYS B 1 43 ? 7.991   -11.954 -4.497  1.00 19.89 ? 166  CYS B C   1 
ATOM   800  O  O   . CYS B 1 43 ? 7.521   -12.822 -5.243  1.00 20.45 ? 166  CYS B O   1 
ATOM   801  C  CB  . CYS B 1 43 ? 8.739   -12.687 -2.249  1.00 19.58 ? 166  CYS B CB  1 
ATOM   802  S  SG  . CYS B 1 43 ? 10.024  -13.541 -1.371  1.00 21.82 ? 166  CYS B SG  1 
ATOM   803  N  N   . LEU B 1 44 ? 7.478   -10.725 -4.414  1.00 19.98 ? 167  LEU B N   1 
ATOM   804  C  CA  . LEU B 1 44 ? 6.327   -10.393 -5.231  1.00 21.40 ? 167  LEU B CA  1 
ATOM   805  C  C   . LEU B 1 44 ? 6.709   -10.334 -6.707  1.00 22.89 ? 167  LEU B C   1 
ATOM   806  O  O   . LEU B 1 44 ? 5.923   -10.742 -7.564  1.00 23.95 ? 167  LEU B O   1 
ATOM   807  C  CB  . LEU B 1 44 ? 5.651   -9.103  -4.777  1.00 20.49 ? 167  LEU B CB  1 
ATOM   808  C  CG  . LEU B 1 44 ? 4.333   -8.773  -5.492  1.00 20.68 ? 167  LEU B CG  1 
ATOM   809  C  CD1 . LEU B 1 44 ? 3.260   -9.864  -5.379  1.00 19.79 ? 167  LEU B CD1 1 
ATOM   810  C  CD2 . LEU B 1 44 ? 3.780   -7.446  -4.955  1.00 22.85 ? 167  LEU B CD2 1 
ATOM   811  N  N   . ARG B 1 45 ? 7.912   -9.862  -7.014  1.00 24.04 ? 168  ARG B N   1 
ATOM   812  C  CA  . ARG B 1 45 ? 8.351   -9.854  -8.418  1.00 25.26 ? 168  ARG B CA  1 
ATOM   813  C  C   . ARG B 1 45 ? 8.536   -11.263 -8.983  1.00 26.16 ? 168  ARG B C   1 
ATOM   814  O  O   . ARG B 1 45 ? 8.097   -11.535 -10.116 1.00 27.46 ? 168  ARG B O   1 
ATOM   815  C  CB  . ARG B 1 45 ? 9.612   -9.011  -8.611  1.00 25.54 ? 168  ARG B CB  1 
ATOM   816  C  CG  . ARG B 1 45 ? 9.329   -7.507  -8.584  1.00 28.75 ? 168  ARG B CG  1 
ATOM   817  C  CD  . ARG B 1 45 ? 10.424  -6.715  -9.321  1.00 31.57 ? 168  ARG B CD  1 
ATOM   818  N  NE  . ARG B 1 45 ? 11.766  -7.089  -8.858  1.00 33.69 ? 168  ARG B NE  1 
ATOM   819  C  CZ  . ARG B 1 45 ? 12.418  -6.494  -7.861  1.00 33.84 ? 168  ARG B CZ  1 
ATOM   820  N  NH1 . ARG B 1 45 ? 11.870  -5.470  -7.204  1.00 33.79 ? 168  ARG B NH1 1 
ATOM   821  N  NH2 . ARG B 1 45 ? 13.629  -6.911  -7.536  1.00 34.82 ? 168  ARG B NH2 1 
ATOM   822  N  N   . ASP B 1 46 ? 9.167   -12.146 -8.208  1.00 26.26 ? 169  ASP B N   1 
ATOM   823  C  CA  . ASP B 1 46 ? 9.319   -13.564 -8.570  1.00 28.14 ? 169  ASP B CA  1 
ATOM   824  C  C   . ASP B 1 46 ? 7.962   -14.213 -8.813  1.00 28.85 ? 169  ASP B C   1 
ATOM   825  O  O   . ASP B 1 46 ? 7.809   -15.028 -9.727  1.00 29.31 ? 169  ASP B O   1 
ATOM   826  C  CB  . ASP B 1 46 ? 10.043  -14.349 -7.467  1.00 28.45 ? 169  ASP B CB  1 
ATOM   827  C  CG  . ASP B 1 46 ? 11.533  -13.998 -7.336  1.00 30.54 ? 169  ASP B CG  1 
ATOM   828  O  OD1 . ASP B 1 46 ? 12.140  -13.411 -8.266  1.00 34.71 ? 169  ASP B OD1 1 
ATOM   829  O  OD2 . ASP B 1 46 ? 12.117  -14.350 -6.286  1.00 35.44 ? 169  ASP B OD2 1 
ATOM   830  N  N   . SER B 1 47 ? 6.978   -13.863 -7.983  1.00 28.60 ? 170  SER B N   1 
ATOM   831  C  CA  . SER B 1 47 ? 5.626   -14.370 -8.128  1.00 29.67 ? 170  SER B CA  1 
ATOM   832  C  C   . SER B 1 47 ? 4.974   -13.908 -9.399  1.00 29.81 ? 170  SER B C   1 
ATOM   833  O  O   . SER B 1 47 ? 4.312   -14.688 -10.077 1.00 30.69 ? 170  SER B O   1 
ATOM   834  C  CB  . SER B 1 47 ? 4.761   -13.962 -6.941  1.00 29.21 ? 170  SER B CB  1 
ATOM   835  O  OG  . SER B 1 47 ? 5.193   -14.684 -5.809  1.00 32.99 ? 170  SER B OG  1 
ATOM   836  N  N   . LEU B 1 48 ? 5.165   -12.640 -9.731  1.00 30.55 ? 171  LEU B N   1 
ATOM   837  C  CA  . LEU B 1 48 ? 4.509   -12.078 -10.895 1.00 31.59 ? 171  LEU B CA  1 
ATOM   838  C  C   . LEU B 1 48 ? 5.153   -12.549 -12.213 1.00 32.26 ? 171  LEU B C   1 
ATOM   839  O  O   . LEU B 1 48 ? 4.650   -12.267 -13.300 1.00 33.44 ? 171  LEU B O   1 
ATOM   840  C  CB  . LEU B 1 48 ? 4.377   -10.549 -10.771 1.00 31.90 ? 171  LEU B CB  1 
ATOM   841  C  CG  . LEU B 1 48 ? 3.657   -10.132 -9.476  1.00 32.41 ? 171  LEU B CG  1 
ATOM   842  C  CD1 . LEU B 1 48 ? 3.680   -8.613  -9.288  1.00 33.07 ? 171  LEU B CD1 1 
ATOM   843  C  CD2 . LEU B 1 48 ? 2.225   -10.686 -9.387  1.00 34.03 ? 171  LEU B CD2 1 
ATOM   844  N  N   . LYS B 1 49 ? 6.234   -13.318 -12.100 1.00 33.06 ? 172  LYS B N   1 
ATOM   845  C  CA  . LYS B 1 49 ? 6.846   -13.992 -13.249 1.00 33.21 ? 172  LYS B CA  1 
ATOM   846  C  C   . LYS B 1 49 ? 5.995   -15.172 -13.729 1.00 33.51 ? 172  LYS B C   1 
ATOM   847  O  O   . LYS B 1 49 ? 5.966   -15.487 -14.932 1.00 34.70 ? 172  LYS B O   1 
ATOM   848  C  CB  . LYS B 1 49 ? 8.258   -14.481 -12.888 1.00 33.20 ? 172  LYS B CB  1 
ATOM   849  C  CG  . LYS B 1 49 ? 9.198   -14.630 -14.071 0.50 32.08 ? 172  LYS B CG  1 
ATOM   850  C  CD  . LYS B 1 49 ? 9.798   -13.293 -14.445 0.50 31.99 ? 172  LYS B CD  1 
ATOM   851  C  CE  . LYS B 1 49 ? 10.179  -13.249 -15.911 0.50 31.36 ? 172  LYS B CE  1 
ATOM   852  N  NZ  . LYS B 1 49 ? 10.382  -11.839 -16.308 0.50 30.81 ? 172  LYS B NZ  1 
ATOM   853  N  N   . ASN B 1 50 ? 5.309   -15.818 -12.787 1.00 33.53 ? 173  ASN B N   1 
ATOM   854  C  CA  . ASN B 1 50 ? 4.523   -17.029 -13.051 1.00 33.31 ? 173  ASN B CA  1 
ATOM   855  C  C   . ASN B 1 50 ? 3.001   -16.823 -12.962 1.00 33.43 ? 173  ASN B C   1 
ATOM   856  O  O   . ASN B 1 50 ? 2.240   -17.774 -13.193 1.00 34.68 ? 173  ASN B O   1 
ATOM   857  C  CB  . ASN B 1 50 ? 4.963   -18.150 -12.096 1.00 33.14 ? 173  ASN B CB  1 
ATOM   858  C  CG  . ASN B 1 50 ? 4.934   -19.533 -12.747 0.50 32.37 ? 173  ASN B CG  1 
ATOM   859  O  OD1 . ASN B 1 50 ? 3.867   -20.103 -13.001 0.50 33.72 ? 173  ASN B OD1 1 
ATOM   860  N  ND2 . ASN B 1 50 ? 6.112   -20.086 -13.003 0.50 30.49 ? 173  ASN B ND2 1 
ATOM   861  N  N   . ALA B 1 51 ? 2.553   -15.596 -12.645 1.00 32.49 ? 174  ALA B N   1 
ATOM   862  C  CA  . ALA B 1 51 ? 1.122   -15.318 -12.404 1.00 30.91 ? 174  ALA B CA  1 
ATOM   863  C  C   . ALA B 1 51 ? 0.794   -13.817 -12.323 1.00 30.60 ? 174  ALA B C   1 
ATOM   864  O  O   . ALA B 1 51 ? 1.610   -13.042 -11.817 1.00 30.98 ? 174  ALA B O   1 
ATOM   865  C  CB  . ALA B 1 51 ? 0.660   -16.031 -11.120 1.00 31.59 ? 174  ALA B CB  1 
ATOM   866  N  N   . ASN B 1 52 ? -0.389  -13.408 -12.800 1.00 28.82 ? 175  ASN B N   1 
ATOM   867  C  CA  . ASN B 1 52 ? -0.800  -11.992 -12.737 1.00 28.49 ? 175  ASN B CA  1 
ATOM   868  C  C   . ASN B 1 52 ? -1.678  -11.692 -11.517 1.00 27.14 ? 175  ASN B C   1 
ATOM   869  O  O   . ASN B 1 52 ? -2.402  -10.697 -11.476 1.00 28.09 ? 175  ASN B O   1 
ATOM   870  C  CB  . ASN B 1 52 ? -1.503  -11.532 -14.035 1.00 29.48 ? 175  ASN B CB  1 
ATOM   871  C  CG  . ASN B 1 52 ? -2.800  -12.300 -14.324 1.00 32.16 ? 175  ASN B CG  1 
ATOM   872  O  OD1 . ASN B 1 52 ? -3.225  -13.173 -13.555 1.00 36.10 ? 175  ASN B OD1 1 
ATOM   873  N  ND2 . ASN B 1 52 ? -3.440  -11.972 -15.445 1.00 35.71 ? 175  ASN B ND2 1 
ATOM   874  N  N   . THR B 1 53 ? -1.627  -12.556 -10.518 1.00 25.27 ? 176  THR B N   1 
ATOM   875  C  CA  . THR B 1 53 ? -2.562  -12.405 -9.412  1.00 23.79 ? 176  THR B CA  1 
ATOM   876  C  C   . THR B 1 53 ? -1.806  -12.227 -8.108  1.00 21.38 ? 176  THR B C   1 
ATOM   877  O  O   . THR B 1 53 ? -0.629  -12.587 -7.992  1.00 22.59 ? 176  THR B O   1 
ATOM   878  C  CB  . THR B 1 53 ? -3.496  -13.620 -9.303  1.00 23.60 ? 176  THR B CB  1 
ATOM   879  O  OG1 . THR B 1 53 ? -2.710  -14.818 -9.420  1.00 25.87 ? 176  THR B OG1 1 
ATOM   880  C  CG2 . THR B 1 53 ? -4.599  -13.572 -10.394 1.00 25.05 ? 176  THR B CG2 1 
ATOM   881  N  N   . CYS B 1 54 ? -2.485  -11.634 -7.137  1.00 20.41 ? 177  CYS B N   1 
ATOM   882  C  CA  . CYS B 1 54 ? -1.953  -11.546 -5.770  1.00 18.38 ? 177  CYS B CA  1 
ATOM   883  C  C   . CYS B 1 54 ? -1.688  -12.953 -5.181  1.00 19.00 ? 177  CYS B C   1 
ATOM   884  O  O   . CYS B 1 54 ? -2.587  -13.799 -5.152  1.00 17.65 ? 177  CYS B O   1 
ATOM   885  C  CB  . CYS B 1 54 ? -2.947  -10.779 -4.894  1.00 18.60 ? 177  CYS B CB  1 
ATOM   886  S  SG  . CYS B 1 54 ? -2.380  -10.691 -3.148  1.00 15.91 ? 177  CYS B SG  1 
ATOM   887  N  N   . PRO B 1 55 ? -0.456  -13.207 -4.693  1.00 18.62 ? 178  PRO B N   1 
ATOM   888  C  CA  . PRO B 1 55 ? -0.159  -14.486 -4.070  1.00 19.50 ? 178  PRO B CA  1 
ATOM   889  C  C   . PRO B 1 55 ? -1.122  -14.852 -2.936  1.00 19.77 ? 178  PRO B C   1 
ATOM   890  O  O   . PRO B 1 55 ? -1.383  -16.035 -2.705  1.00 21.55 ? 178  PRO B O   1 
ATOM   891  C  CB  . PRO B 1 55 ? 1.252   -14.268 -3.525  1.00 18.64 ? 178  PRO B CB  1 
ATOM   892  C  CG  . PRO B 1 55 ? 1.853   -13.321 -4.482  1.00 19.47 ? 178  PRO B CG  1 
ATOM   893  C  CD  . PRO B 1 55 ? 0.755   -12.377 -4.820  1.00 18.81 ? 178  PRO B CD  1 
ATOM   894  N  N   . THR B 1 56 ? -1.656  -13.860 -2.251  1.00 19.52 ? 179  THR B N   1 
ATOM   895  C  CA  . THR B 1 56 ? -2.383  -14.096 -1.004  1.00 19.60 ? 179  THR B CA  1 
ATOM   896  C  C   . THR B 1 56 ? -3.880  -14.300 -1.246  1.00 19.98 ? 179  THR B C   1 
ATOM   897  O  O   . THR B 1 56 ? -4.457  -15.243 -0.731  1.00 19.96 ? 179  THR B O   1 
ATOM   898  C  CB  . THR B 1 56 ? -2.079  -12.944 0.003   1.00 20.27 ? 179  THR B CB  1 
ATOM   899  O  OG1 . THR B 1 56 ? -0.686  -12.987 0.333   1.00 19.70 ? 179  THR B OG1 1 
ATOM   900  C  CG2 . THR B 1 56 ? -2.913  -13.061 1.286   1.00 19.84 ? 179  THR B CG2 1 
ATOM   901  N  N   . CYS B 1 57 ? -4.508  -13.431 -2.044  1.00 20.46 ? 180  CYS B N   1 
ATOM   902  C  CA  . CYS B 1 57 ? -5.973  -13.426 -2.189  1.00 20.29 ? 180  CYS B CA  1 
ATOM   903  C  C   . CYS B 1 57 ? -6.395  -13.727 -3.625  1.00 20.70 ? 180  CYS B C   1 
ATOM   904  O  O   . CYS B 1 57 ? -7.607  -13.894 -3.930  1.00 20.21 ? 180  CYS B O   1 
ATOM   905  C  CB  . CYS B 1 57 ? -6.566  -12.094 -1.746  1.00 20.73 ? 180  CYS B CB  1 
ATOM   906  S  SG  . CYS B 1 57 ? -6.339  -10.759 -2.923  1.00 18.19 ? 180  CYS B SG  1 
ATOM   907  N  N   . ARG B 1 58 ? -5.390  -13.759 -4.486  1.00 20.88 ? 181  ARG B N   1 
ATOM   908  C  CA  . ARG B 1 58 ? -5.512  -14.145 -5.896  1.00 23.15 ? 181  ARG B CA  1 
ATOM   909  C  C   . ARG B 1 58 ? -6.317  -13.182 -6.787  1.00 23.79 ? 181  ARG B C   1 
ATOM   910  O  O   . ARG B 1 58 ? -6.677  -13.528 -7.925  1.00 24.28 ? 181  ARG B O   1 
ATOM   911  C  CB  . ARG B 1 58 ? -5.948  -15.621 -6.029  1.00 23.84 ? 181  ARG B CB  1 
ATOM   912  C  CG  . ARG B 1 58 ? -4.826  -16.626 -5.763  1.00 25.61 ? 181  ARG B CG  1 
ATOM   913  C  CD  . ARG B 1 58 ? -3.695  -16.537 -6.792  1.00 30.94 ? 181  ARG B CD  1 
ATOM   914  N  NE  . ARG B 1 58 ? -2.562  -17.400 -6.453  1.00 33.78 ? 181  ARG B NE  1 
ATOM   915  C  CZ  . ARG B 1 58 ? -1.300  -17.185 -6.832  1.00 34.66 ? 181  ARG B CZ  1 
ATOM   916  N  NH1 . ARG B 1 58 ? -0.975  -16.123 -7.564  1.00 35.23 ? 181  ARG B NH1 1 
ATOM   917  N  NH2 . ARG B 1 58 ? -0.344  -18.026 -6.457  1.00 36.45 ? 181  ARG B NH2 1 
ATOM   918  N  N   . LYS B 1 59 ? -6.574  -11.973 -6.281  1.00 23.99 ? 182  LYS B N   1 
ATOM   919  C  CA  . LYS B 1 59 ? -7.107  -10.860 -7.085  1.00 24.88 ? 182  LYS B CA  1 
ATOM   920  C  C   . LYS B 1 59 ? -6.103  -10.489 -8.175  1.00 25.28 ? 182  LYS B C   1 
ATOM   921  O  O   . LYS B 1 59 ? -4.893  -10.579 -7.973  1.00 24.08 ? 182  LYS B O   1 
ATOM   922  C  CB  . LYS B 1 59 ? -7.363  -9.664  -6.176  1.00 25.47 ? 182  LYS B CB  1 
ATOM   923  C  CG  . LYS B 1 59 ? -8.174  -8.501  -6.730  0.50 26.22 ? 182  LYS B CG  1 
ATOM   924  C  CD  . LYS B 1 59 ? -7.622  -7.183  -6.199  0.50 28.18 ? 182  LYS B CD  1 
ATOM   925  C  CE  . LYS B 1 59 ? -6.418  -6.738  -7.038  0.50 30.41 ? 182  LYS B CE  1 
ATOM   926  N  NZ  . LYS B 1 59 ? -5.302  -6.067  -6.318  0.50 29.88 ? 182  LYS B NZ  1 
ATOM   927  N  N   . LYS B 1 60 ? -6.603  -10.084 -9.345  1.00 26.56 ? 183  LYS B N   1 
ATOM   928  C  CA  . LYS B 1 60 ? -5.740  -9.658  -10.452 1.00 27.82 ? 183  LYS B CA  1 
ATOM   929  C  C   . LYS B 1 60 ? -4.992  -8.376  -10.040 1.00 28.17 ? 183  LYS B C   1 
ATOM   930  O  O   . LYS B 1 60 ? -5.615  -7.420  -9.585  1.00 29.54 ? 183  LYS B O   1 
ATOM   931  C  CB  . LYS B 1 60 ? -6.607  -9.428  -11.708 1.00 28.00 ? 183  LYS B CB  1 
ATOM   932  C  CG  . LYS B 1 60 ? -5.881  -9.001  -12.971 0.50 29.54 ? 183  LYS B CG  1 
ATOM   933  C  CD  . LYS B 1 60 ? -6.845  -9.053  -14.157 0.50 32.64 ? 183  LYS B CD  1 
ATOM   934  C  CE  . LYS B 1 60 ? -6.227  -8.498  -15.427 0.50 35.08 ? 183  LYS B CE  1 
ATOM   935  N  NZ  . LYS B 1 60 ? -4.924  -9.141  -15.749 0.50 36.13 ? 183  LYS B NZ  1 
ATOM   936  N  N   . ILE B 1 61 ? -3.674  -8.355  -10.175 1.00 28.62 ? 184  ILE B N   1 
ATOM   937  C  CA  . ILE B 1 61 ? -2.898  -7.164  -9.786  1.00 29.50 ? 184  ILE B CA  1 
ATOM   938  C  C   . ILE B 1 61 ? -2.259  -6.484  -10.996 1.00 29.96 ? 184  ILE B C   1 
ATOM   939  O  O   . ILE B 1 61 ? -1.264  -5.762  -10.864 1.00 30.38 ? 184  ILE B O   1 
ATOM   940  C  CB  . ILE B 1 61 ? -1.874  -7.417  -8.636  1.00 29.49 ? 184  ILE B CB  1 
ATOM   941  C  CG1 . ILE B 1 61 ? -0.815  -8.453  -9.032  1.00 30.76 ? 184  ILE B CG1 1 
ATOM   942  C  CG2 . ILE B 1 61 ? -2.605  -7.815  -7.343  1.00 29.69 ? 184  ILE B CG2 1 
ATOM   943  C  CD1 . ILE B 1 61 ? 0.290   -8.634  -7.979  1.00 33.30 ? 184  ILE B CD1 1 
ATOM   944  N  N   . ASN B 1 62 ? -2.844  -6.768  -12.161 1.00 30.26 ? 185  ASN B N   1 
ATOM   945  C  CA  . ASN B 1 62 ? -2.559  -6.095  -13.443 1.00 31.29 ? 185  ASN B CA  1 
ATOM   946  C  C   . ASN B 1 62 ? -3.764  -5.237  -13.749 1.00 31.00 ? 185  ASN B C   1 
ATOM   947  O  O   . ASN B 1 62 ? -4.879  -5.587  -13.376 1.00 32.42 ? 185  ASN B O   1 
ATOM   948  C  CB  . ASN B 1 62 ? -2.382  -7.132  -14.573 1.00 31.91 ? 185  ASN B CB  1 
ATOM   949  C  CG  . ASN B 1 62 ? -0.965  -7.669  -14.671 0.50 32.72 ? 185  ASN B CG  1 
ATOM   950  O  OD1 . ASN B 1 62 ? -0.211  -7.679  -13.695 0.50 34.80 ? 185  ASN B OD1 1 
ATOM   951  N  ND2 . ASN B 1 62 ? -0.597  -8.126  -15.862 0.50 34.85 ? 185  ASN B ND2 1 
ATOM   952  N  N   . HIS B 1 63 ? -3.560  -4.136  -14.468 1.00 30.76 ? 186  HIS B N   1 
ATOM   953  C  CA  . HIS B 1 63 ? -4.622  -3.201  -14.772 1.00 30.28 ? 186  HIS B CA  1 
ATOM   954  C  C   . HIS B 1 63 ? -4.278  -2.623  -16.163 1.00 28.65 ? 186  HIS B C   1 
ATOM   955  O  O   . HIS B 1 63 ? -3.376  -1.817  -16.277 1.00 27.48 ? 186  HIS B O   1 
ATOM   956  C  CB  . HIS B 1 63 ? -4.590  -2.108  -13.682 1.00 31.14 ? 186  HIS B CB  1 
ATOM   957  C  CG  . HIS B 1 63 ? -5.668  -1.067  -13.774 0.50 32.62 ? 186  HIS B CG  1 
ATOM   958  N  ND1 . HIS B 1 63 ? -6.188  -0.616  -14.968 0.50 33.34 ? 186  HIS B ND1 1 
ATOM   959  C  CD2 . HIS B 1 63 ? -6.279  -0.343  -12.805 0.50 33.50 ? 186  HIS B CD2 1 
ATOM   960  C  CE1 . HIS B 1 63 ? -7.095  0.314   -14.731 0.50 33.90 ? 186  HIS B CE1 1 
ATOM   961  N  NE2 . HIS B 1 63 ? -7.170  0.499   -13.425 0.50 35.09 ? 186  HIS B NE2 1 
ATOM   962  N  N   . LYS B 1 64 ? -4.969  -3.053  -17.212 1.00 28.05 ? 187  LYS B N   1 
ATOM   963  C  CA  . LYS B 1 64 ? -4.715  -2.487  -18.545 1.00 27.22 ? 187  LYS B CA  1 
ATOM   964  C  C   . LYS B 1 64 ? -5.576  -1.237  -18.755 1.00 26.12 ? 187  LYS B C   1 
ATOM   965  O  O   . LYS B 1 64 ? -6.813  -1.296  -18.678 1.00 26.11 ? 187  LYS B O   1 
ATOM   966  C  CB  . LYS B 1 64 ? -4.901  -3.529  -19.662 1.00 28.34 ? 187  LYS B CB  1 
ATOM   967  C  CG  . LYS B 1 64 ? -3.701  -4.461  -19.848 1.00 29.46 ? 187  LYS B CG  1 
ATOM   968  C  CD  . LYS B 1 64 ? -4.108  -5.719  -20.587 1.00 32.57 ? 187  LYS B CD  1 
ATOM   969  C  CE  . LYS B 1 64 ? -2.980  -6.739  -20.600 1.00 34.57 ? 187  LYS B CE  1 
ATOM   970  N  NZ  . LYS B 1 64 ? -3.468  -8.046  -21.124 1.00 34.41 ? 187  LYS B NZ  1 
ATOM   971  N  N   . ARG B 1 65 ? -4.902  -0.110  -19.011 1.00 24.05 ? 188  ARG B N   1 
ATOM   972  C  CA  . ARG B 1 65 ? -5.517  1.209   -18.975 1.00 22.83 ? 188  ARG B CA  1 
ATOM   973  C  C   . ARG B 1 65 ? -6.132  1.574   -20.326 1.00 21.28 ? 188  ARG B C   1 
ATOM   974  O  O   . ARG B 1 65 ? -5.618  2.414   -21.060 1.00 20.42 ? 188  ARG B O   1 
ATOM   975  C  CB  . ARG B 1 65 ? -4.500  2.254   -18.520 1.00 23.79 ? 188  ARG B CB  1 
ATOM   976  C  CG  . ARG B 1 65 ? -4.005  1.958   -17.075 1.00 27.84 ? 188  ARG B CG  1 
ATOM   977  C  CD  . ARG B 1 65 ? -2.948  2.944   -16.566 1.00 34.51 ? 188  ARG B CD  1 
ATOM   978  N  NE  . ARG B 1 65 ? -1.577  2.421   -16.637 1.00 38.43 ? 188  ARG B NE  1 
ATOM   979  C  CZ  . ARG B 1 65 ? -0.473  3.161   -16.525 1.00 41.54 ? 188  ARG B CZ  1 
ATOM   980  N  NH1 . ARG B 1 65 ? -0.558  4.478   -16.344 1.00 44.07 ? 188  ARG B NH1 1 
ATOM   981  N  NH2 . ARG B 1 65 ? 0.726   2.589   -16.591 1.00 43.56 ? 188  ARG B NH2 1 
ATOM   982  N  N   . TYR B 1 66 ? -7.230  0.904   -20.645 1.00 19.57 ? 189  TYR B N   1 
ATOM   983  C  CA  . TYR B 1 66 ? -8.043  1.333   -21.764 1.00 17.42 ? 189  TYR B CA  1 
ATOM   984  C  C   . TYR B 1 66 ? -9.496  1.055   -21.458 1.00 17.39 ? 189  TYR B C   1 
ATOM   985  O  O   . TYR B 1 66 ? -9.808  0.332   -20.524 1.00 16.63 ? 189  TYR B O   1 
ATOM   986  C  CB  . TYR B 1 66 ? -7.618  0.655   -23.059 1.00 18.16 ? 189  TYR B CB  1 
ATOM   987  C  CG  . TYR B 1 66 ? -7.996  -0.795  -23.193 1.00 18.51 ? 189  TYR B CG  1 
ATOM   988  C  CD1 . TYR B 1 66 ? -7.183  -1.793  -22.675 1.00 23.81 ? 189  TYR B CD1 1 
ATOM   989  C  CD2 . TYR B 1 66 ? -9.168  -1.172  -23.853 1.00 20.06 ? 189  TYR B CD2 1 
ATOM   990  C  CE1 . TYR B 1 66 ? -7.521  -3.140  -22.802 1.00 25.92 ? 189  TYR B CE1 1 
ATOM   991  C  CE2 . TYR B 1 66 ? -9.527  -2.521  -23.983 1.00 24.00 ? 189  TYR B CE2 1 
ATOM   992  C  CZ  . TYR B 1 66 ? -8.688  -3.495  -23.458 1.00 25.76 ? 189  TYR B CZ  1 
ATOM   993  O  OH  . TYR B 1 66 ? -9.015  -4.821  -23.590 1.00 27.07 ? 189  TYR B OH  1 
ATOM   994  N  N   . HIS B 1 67 ? -10.399 1.629   -22.248 1.00 15.31 ? 190  HIS B N   1 
ATOM   995  C  CA  . HIS B 1 67 ? -11.820 1.424   -21.945 1.00 14.37 ? 190  HIS B CA  1 
ATOM   996  C  C   . HIS B 1 67 ? -12.644 1.706   -23.192 1.00 14.52 ? 190  HIS B C   1 
ATOM   997  O  O   . HIS B 1 67 ? -12.181 2.392   -24.100 1.00 13.94 ? 190  HIS B O   1 
ATOM   998  C  CB  . HIS B 1 67 ? -12.254 2.357   -20.808 1.00 14.39 ? 190  HIS B CB  1 
ATOM   999  C  CG  . HIS B 1 67 ? -12.097 3.796   -21.155 1.00 14.04 ? 190  HIS B CG  1 
ATOM   1000 N  ND1 . HIS B 1 67 ? -10.973 4.524   -20.828 1.00 17.06 ? 190  HIS B ND1 1 
ATOM   1001 C  CD2 . HIS B 1 67 ? -12.899 4.628   -21.861 1.00 13.54 ? 190  HIS B CD2 1 
ATOM   1002 C  CE1 . HIS B 1 67 ? -11.085 5.746   -21.330 1.00 13.76 ? 190  HIS B CE1 1 
ATOM   1003 N  NE2 . HIS B 1 67 ? -12.250 5.836   -21.952 1.00 17.53 ? 190  HIS B NE2 1 
ATOM   1004 N  N   . PRO B 1 68 ? -13.880 1.192   -23.244 1.00 15.74 ? 191  PRO B N   1 
ATOM   1005 C  CA  . PRO B 1 68 ? -14.804 1.482   -24.339 1.00 15.58 ? 191  PRO B CA  1 
ATOM   1006 C  C   . PRO B 1 68 ? -15.117 2.971   -24.384 1.00 15.42 ? 191  PRO B C   1 
ATOM   1007 O  O   . PRO B 1 68 ? -15.028 3.665   -23.365 1.00 15.67 ? 191  PRO B O   1 
ATOM   1008 C  CB  . PRO B 1 68 ? -16.067 0.715   -23.926 1.00 16.40 ? 191  PRO B CB  1 
ATOM   1009 C  CG  . PRO B 1 68 ? -15.546 -0.436  -23.170 1.00 15.80 ? 191  PRO B CG  1 
ATOM   1010 C  CD  . PRO B 1 68 ? -14.400 0.130   -22.368 1.00 17.12 ? 191  PRO B CD  1 
ATOM   1011 N  N   . ILE B 1 69 ? -15.429 3.481   -25.567 1.00 15.33 ? 192  ILE B N   1 
ATOM   1012 C  CA  . ILE B 1 69 ? -15.992 4.819   -25.684 1.00 16.35 ? 192  ILE B CA  1 
ATOM   1013 C  C   . ILE B 1 69 ? -17.274 4.724   -26.496 1.00 17.15 ? 192  ILE B C   1 
ATOM   1014 O  O   . ILE B 1 69 ? -17.357 3.934   -27.425 1.00 16.75 ? 192  ILE B O   1 
ATOM   1015 C  CB  . ILE B 1 69 ? -15.002 5.847   -26.283 1.00 16.93 ? 192  ILE B CB  1 
ATOM   1016 C  CG1 . ILE B 1 69 ? -14.502 5.400   -27.646 1.00 19.74 ? 192  ILE B CG1 1 
ATOM   1017 C  CG2 . ILE B 1 69 ? -13.788 6.087   -25.324 1.00 16.56 ? 192  ILE B CG2 1 
ATOM   1018 C  CD1 . ILE B 1 69 ? -13.429 6.386   -28.301 1.00 21.93 ? 192  ILE B CD1 1 
ATOM   1019 N  N   . TYR B 1 70 ? -18.283 5.488   -26.107 1.00 17.13 ? 193  TYR B N   1 
ATOM   1020 C  CA  . TYR B 1 70 ? -19.603 5.358   -26.710 1.00 19.78 ? 193  TYR B CA  1 
ATOM   1021 C  C   . TYR B 1 70 ? -19.960 6.670   -27.401 1.00 22.15 ? 193  TYR B C   1 
ATOM   1022 O  O   . TYR B 1 70 ? -20.244 7.661   -26.759 1.00 23.54 ? 193  TYR B O   1 
ATOM   1023 C  CB  . TYR B 1 70 ? -20.625 4.972   -25.632 1.00 18.63 ? 193  TYR B CB  1 
ATOM   1024 C  CG  . TYR B 1 70 ? -20.289 3.628   -25.035 1.00 17.75 ? 193  TYR B CG  1 
ATOM   1025 C  CD1 . TYR B 1 70 ? -19.788 3.513   -23.737 1.00 17.74 ? 193  TYR B CD1 1 
ATOM   1026 C  CD2 . TYR B 1 70 ? -20.443 2.467   -25.789 1.00 18.82 ? 193  TYR B CD2 1 
ATOM   1027 C  CE1 . TYR B 1 70 ? -19.459 2.254   -23.202 1.00 18.23 ? 193  TYR B CE1 1 
ATOM   1028 C  CE2 . TYR B 1 70 ? -20.127 1.238   -25.270 1.00 19.74 ? 193  TYR B CE2 1 
ATOM   1029 C  CZ  . TYR B 1 70 ? -19.646 1.130   -23.991 1.00 18.21 ? 193  TYR B CZ  1 
ATOM   1030 O  OH  . TYR B 1 70 ? -19.338 -0.114  -23.521 1.00 19.43 ? 193  TYR B OH  1 
ATOM   1031 N  N   . ILE B 1 71 ? -19.900 6.652   -28.724 1.00 26.12 ? 194  ILE B N   1 
ATOM   1032 C  CA  . ILE B 1 71 ? -20.062 7.854   -29.545 1.00 29.17 ? 194  ILE B CA  1 
ATOM   1033 C  C   . ILE B 1 71 ? -21.543 8.261   -29.727 1.00 30.29 ? 194  ILE B C   1 
ATOM   1034 O  O   . ILE B 1 71 ? -22.378 7.462   -30.207 1.00 32.05 ? 194  ILE B O   1 
ATOM   1035 C  CB  . ILE B 1 71 ? -19.339 7.646   -30.897 1.00 29.84 ? 194  ILE B CB  1 
ATOM   1036 C  CG1 . ILE B 1 71 ? -17.819 7.560   -30.672 1.00 31.68 ? 194  ILE B CG1 1 
ATOM   1037 C  CG2 . ILE B 1 71 ? -19.714 8.731   -31.901 1.00 31.93 ? 194  ILE B CG2 1 
ATOM   1038 C  CD1 . ILE B 1 71 ? -17.246 8.640   -29.757 1.00 31.22 ? 194  ILE B CD1 1 
HETATM 1039 ZN ZN  . ZN  C 2 .  ? -4.207  9.056   12.020  1.00 14.86 ? 1003 ZN  A ZN  1 
HETATM 1040 ZN ZN  . ZN  D 2 .  ? 3.204   10.513  -0.781  1.00 12.67 ? 1004 ZN  A ZN  1 
HETATM 1041 S  S   . SO4 E 3 .  ? -15.802 10.234  6.946   1.00 35.92 ? 1    SO4 A S   1 
HETATM 1042 O  O1  . SO4 E 3 .  ? -16.617 10.294  5.724   1.00 38.87 ? 1    SO4 A O1  1 
HETATM 1043 O  O2  . SO4 E 3 .  ? -15.867 8.898   7.526   1.00 37.18 ? 1    SO4 A O2  1 
HETATM 1044 O  O3  . SO4 E 3 .  ? -14.395 10.494  6.624   1.00 40.42 ? 1    SO4 A O3  1 
HETATM 1045 O  O4  . SO4 E 3 .  ? -16.319 11.181  7.934   1.00 38.35 ? 1    SO4 A O4  1 
HETATM 1046 ZN ZN  . ZN  F 2 .  ? 9.900   -12.254 0.559   1.00 17.02 ? 1001 ZN  B ZN  1 
HETATM 1047 ZN ZN  . ZN  G 2 .  ? -4.342  -9.603  -2.403  1.00 14.61 ? 1002 ZN  B ZN  1 
HETATM 1048 O  O   . HOH H 4 .  ? 7.516   7.901   -2.858  1.00 26.39 ? 3    HOH A O   1 
HETATM 1049 O  O   . HOH H 4 .  ? 1.883   15.401  -8.410  1.00 35.24 ? 6    HOH A O   1 
HETATM 1050 O  O   . HOH H 4 .  ? -11.471 12.058  1.635   1.00 28.35 ? 7    HOH A O   1 
HETATM 1051 O  O   . HOH H 4 .  ? -13.056 3.002   20.951  1.00 43.82 ? 8    HOH A O   1 
HETATM 1052 O  O   . HOH H 4 .  ? -11.666 4.681   9.377   1.00 21.79 ? 12   HOH A O   1 
HETATM 1053 O  O   . HOH H 4 .  ? -7.152  0.926   22.054  1.00 55.84 ? 15   HOH A O   1 
HETATM 1054 O  O   . HOH H 4 .  ? 5.267   6.421   5.169   1.00 21.80 ? 17   HOH A O   1 
HETATM 1055 O  O   . HOH H 4 .  ? 6.534   10.784  -3.832  1.00 32.12 ? 18   HOH A O   1 
HETATM 1056 O  O   . HOH H 4 .  ? -12.686 21.385  0.071   1.00 26.76 ? 21   HOH A O   1 
HETATM 1057 O  O   . HOH H 4 .  ? 5.471   3.439   -3.712  1.00 25.98 ? 22   HOH A O   1 
HETATM 1058 O  O   . HOH H 4 .  ? -5.685  14.951  8.195   1.00 27.32 ? 26   HOH A O   1 
HETATM 1059 O  O   . HOH H 4 .  ? 8.263   3.635   10.224  1.00 39.01 ? 28   HOH A O   1 
HETATM 1060 O  O   . HOH H 4 .  ? -6.692  -4.305  9.904   1.00 37.56 ? 29   HOH A O   1 
HETATM 1061 O  O   . HOH H 4 .  ? -8.685  18.478  5.417   1.00 31.69 ? 32   HOH A O   1 
HETATM 1062 O  O   . HOH H 4 .  ? -10.019 -2.123  11.952  1.00 34.30 ? 33   HOH A O   1 
HETATM 1063 O  O   . HOH H 4 .  ? 1.703   19.467  -5.250  1.00 44.59 ? 36   HOH A O   1 
HETATM 1064 O  O   . HOH H 4 .  ? -12.877 6.203   10.982  1.00 26.70 ? 40   HOH A O   1 
HETATM 1065 O  O   . HOH H 4 .  ? 3.327   9.063   5.929   1.00 24.49 ? 49   HOH A O   1 
HETATM 1066 O  O   . HOH H 4 .  ? -6.342  18.951  3.617   1.00 35.75 ? 52   HOH A O   1 
HETATM 1067 O  O   . HOH H 4 .  ? -6.489  -0.073  24.231  1.00 43.43 ? 53   HOH A O   1 
HETATM 1068 O  O   . HOH H 4 .  ? -9.026  19.968  -2.783  1.00 41.55 ? 63   HOH A O   1 
HETATM 1069 O  O   . HOH H 4 .  ? 4.958   6.744   10.190  1.00 37.46 ? 64   HOH A O   1 
HETATM 1070 O  O   . HOH H 4 .  ? 7.236   17.474  -1.172  1.00 34.88 ? 71   HOH A O   1 
HETATM 1071 O  O   . HOH H 4 .  ? -1.053  14.954  16.703  1.00 42.12 ? 72   HOH A O   1 
HETATM 1072 O  O   . HOH H 4 .  ? -11.290 9.198   0.769   1.00 30.88 ? 73   HOH A O   1 
HETATM 1073 O  O   . HOH H 4 .  ? -5.191  20.552  -3.817  1.00 46.51 ? 77   HOH A O   1 
HETATM 1074 O  O   . HOH H 4 .  ? -5.135  -2.163  8.531   1.00 17.87 ? 195  HOH A O   1 
HETATM 1075 O  O   . HOH I 4 .  ? 0.531   -10.958 1.949   1.00 25.45 ? 9    HOH B O   1 
HETATM 1076 O  O   . HOH I 4 .  ? 3.263   -8.062  7.133   1.00 35.18 ? 11   HOH B O   1 
HETATM 1077 O  O   . HOH I 4 .  ? 14.252  -5.271  -4.501  1.00 30.84 ? 14   HOH B O   1 
HETATM 1078 O  O   . HOH I 4 .  ? -9.554  -9.911  -9.784  1.00 39.91 ? 20   HOH B O   1 
HETATM 1079 O  O   . HOH I 4 .  ? 15.992  -1.550  1.566   1.00 34.66 ? 24   HOH B O   1 
HETATM 1080 O  O   . HOH I 4 .  ? -0.650  -8.852  4.121   1.00 26.40 ? 30   HOH B O   1 
HETATM 1081 O  O   . HOH I 4 .  ? -8.233  -7.227  0.344   1.00 29.56 ? 31   HOH B O   1 
HETATM 1082 O  O   . HOH I 4 .  ? 6.182   -14.207 7.224   1.00 31.10 ? 45   HOH B O   1 
HETATM 1083 O  O   . HOH I 4 .  ? -2.571  -16.677 -11.162 1.00 52.28 ? 56   HOH B O   1 
HETATM 1084 O  O   . HOH I 4 .  ? -6.675  -2.831  0.129   1.00 26.64 ? 58   HOH B O   1 
HETATM 1085 O  O   . HOH I 4 .  ? -11.471 -10.572 -7.419  1.00 50.50 ? 66   HOH B O   1 
HETATM 1086 O  O   . HOH I 4 .  ? -9.123  -9.196  -1.791  1.00 29.75 ? 70   HOH B O   1 
HETATM 1087 O  O   . HOH I 4 .  ? 9.172   -7.668  11.501  1.00 28.04 ? 74   HOH B O   1 
HETATM 1088 O  O   . HOH I 4 .  ? 7.516   -5.840  12.288  1.00 31.18 ? 75   HOH B O   1 
HETATM 1089 O  O   . HOH I 4 .  ? 10.155  -9.736  12.756  1.00 43.01 ? 76   HOH B O   1 
HETATM 1090 O  O   . HOH I 4 .  ? 10.034  -0.552  2.116   1.00 20.20 ? 78   HOH B O   1 
# 
